data_1P90
# 
_entry.id   1P90 
# 
_audit_conform.dict_name       mmcif_pdbx.dic 
_audit_conform.dict_version    5.386 
_audit_conform.dict_location   http://mmcif.pdb.org/dictionaries/ascii/mmcif_pdbx.dic 
# 
loop_
_database_2.database_id 
_database_2.database_code 
_database_2.pdbx_database_accession 
_database_2.pdbx_DOI 
PDB   1P90         pdb_00001p90 10.2210/pdb1p90/pdb 
RCSB  RCSB019158   ?            ?                   
WWPDB D_1000019158 ?            ?                   
# 
loop_
_pdbx_audit_revision_history.ordinal 
_pdbx_audit_revision_history.data_content_type 
_pdbx_audit_revision_history.major_revision 
_pdbx_audit_revision_history.minor_revision 
_pdbx_audit_revision_history.revision_date 
1 'Structure model' 1 0 2003-08-19 
2 'Structure model' 1 1 2008-04-29 
3 'Structure model' 1 2 2011-07-13 
4 'Structure model' 1 3 2024-02-14 
# 
_pdbx_audit_revision_details.ordinal             1 
_pdbx_audit_revision_details.revision_ordinal    1 
_pdbx_audit_revision_details.data_content_type   'Structure model' 
_pdbx_audit_revision_details.provider            repository 
_pdbx_audit_revision_details.type                'Initial release' 
_pdbx_audit_revision_details.description         ? 
_pdbx_audit_revision_details.details             ? 
# 
loop_
_pdbx_audit_revision_group.ordinal 
_pdbx_audit_revision_group.revision_ordinal 
_pdbx_audit_revision_group.data_content_type 
_pdbx_audit_revision_group.group 
1 2 'Structure model' 'Version format compliance' 
2 3 'Structure model' 'Version format compliance' 
3 4 'Structure model' 'Data collection'           
4 4 'Structure model' 'Database references'       
5 4 'Structure model' 'Derived calculations'      
# 
loop_
_pdbx_audit_revision_category.ordinal 
_pdbx_audit_revision_category.revision_ordinal 
_pdbx_audit_revision_category.data_content_type 
_pdbx_audit_revision_category.category 
1 4 'Structure model' chem_comp_atom 
2 4 'Structure model' chem_comp_bond 
3 4 'Structure model' database_2     
4 4 'Structure model' struct_site    
# 
loop_
_pdbx_audit_revision_item.ordinal 
_pdbx_audit_revision_item.revision_ordinal 
_pdbx_audit_revision_item.data_content_type 
_pdbx_audit_revision_item.item 
1 4 'Structure model' '_database_2.pdbx_DOI'                
2 4 'Structure model' '_database_2.pdbx_database_accession' 
3 4 'Structure model' '_struct_site.pdbx_auth_asym_id'      
4 4 'Structure model' '_struct_site.pdbx_auth_comp_id'      
5 4 'Structure model' '_struct_site.pdbx_auth_seq_id'       
# 
_pdbx_database_status.status_code                     REL 
_pdbx_database_status.entry_id                        1P90 
_pdbx_database_status.recvd_initial_deposition_date   2003-05-08 
_pdbx_database_status.deposit_site                    RCSB 
_pdbx_database_status.process_site                    RCSB 
_pdbx_database_status.status_code_sf                  REL 
_pdbx_database_status.SG_entry                        . 
_pdbx_database_status.pdb_format_compatible           Y 
_pdbx_database_status.status_code_mr                  ? 
_pdbx_database_status.status_code_cs                  ? 
_pdbx_database_status.status_code_nmr_data            ? 
_pdbx_database_status.methods_development_category    ? 
# 
loop_
_audit_author.name 
_audit_author.pdbx_ordinal 
'Dyer, D.H.'   1 
'Rubio, L.M.'  2 
'Thoden, J.B.' 3 
'Holden, H.M.' 4 
'Ludden, P.W.' 5 
'Rayment, I.'  6 
# 
_citation.id                        primary 
_citation.title                     
'The Three-dimensional Structure of the Core Domain of NafY from Azotobacter vinelandii determined at 1.8 A resolution' 
_citation.journal_abbrev            J.Biol.Chem. 
_citation.journal_volume            278 
_citation.page_first                32150 
_citation.page_last                 32156 
_citation.year                      2003 
_citation.journal_id_ASTM           JBCHA3 
_citation.country                   US 
_citation.journal_id_ISSN           0021-9258 
_citation.journal_id_CSD            0071 
_citation.book_publisher            ? 
_citation.pdbx_database_id_PubMed   12754195 
_citation.pdbx_database_id_DOI      10.1074/jbc.M304264200 
# 
loop_
_citation_author.citation_id 
_citation_author.name 
_citation_author.ordinal 
_citation_author.identifier_ORCID 
primary 'Dyer, D.H.'   1 ? 
primary 'Rubio, L.M.'  2 ? 
primary 'Thoden, J.B.' 3 ? 
primary 'Holden, H.M.' 4 ? 
primary 'Ludden, P.W.' 5 ? 
primary 'Rayment, I.'  6 ? 
# 
loop_
_entity.id 
_entity.type 
_entity.src_method 
_entity.pdbx_description 
_entity.formula_weight 
_entity.pdbx_number_of_molecules 
_entity.pdbx_ec 
_entity.pdbx_mutation 
_entity.pdbx_fragment 
_entity.details 
1 polymer     man 'hypothetical protein' 15514.565 1   ? ? 'core domain' ? 
2 non-polymer syn 1,2-ETHANEDIOL         62.068    1   ? ? ?             ? 
3 water       nat water                  18.015    174 ? ? ?             ? 
# 
_entity_name_com.entity_id   1 
_entity_name_com.name        'NafY protein' 
# 
_entity_poly.entity_id                      1 
_entity_poly.type                           'polypeptide(L)' 
_entity_poly.nstd_linkage                   no 
_entity_poly.nstd_monomer                   no 
_entity_poly.pdbx_seq_one_letter_code       
;ERVPEGSIRVAIASNNGEQLDGHFGSCLRFLVYQVSAKDASLVDIRSTLDVALAEDKNAWRVEQIQDCQVLYVVSIGGPA
AAKVVRAGIHPLKKPKGCAAQEAIAELQTVMAGSPPPWLAKLVGVSAEERVRFSVSDDEDEAARA
;
_entity_poly.pdbx_seq_one_letter_code_can   
;ERVPEGSIRVAIASNNGEQLDGHFGSCLRFLVYQVSAKDASLVDIRSTLDVALAEDKNAWRVEQIQDCQVLYVVSIGGPA
AAKVVRAGIHPLKKPKGCAAQEAIAELQTVMAGSPPPWLAKLVGVSAEERVRFSVSDDEDEAARA
;
_entity_poly.pdbx_strand_id                 A 
_entity_poly.pdbx_target_identifier         ? 
# 
loop_
_pdbx_entity_nonpoly.entity_id 
_pdbx_entity_nonpoly.name 
_pdbx_entity_nonpoly.comp_id 
2 1,2-ETHANEDIOL EDO 
3 water          HOH 
# 
loop_
_entity_poly_seq.entity_id 
_entity_poly_seq.num 
_entity_poly_seq.mon_id 
_entity_poly_seq.hetero 
1 1   GLU n 
1 2   ARG n 
1 3   VAL n 
1 4   PRO n 
1 5   GLU n 
1 6   GLY n 
1 7   SER n 
1 8   ILE n 
1 9   ARG n 
1 10  VAL n 
1 11  ALA n 
1 12  ILE n 
1 13  ALA n 
1 14  SER n 
1 15  ASN n 
1 16  ASN n 
1 17  GLY n 
1 18  GLU n 
1 19  GLN n 
1 20  LEU n 
1 21  ASP n 
1 22  GLY n 
1 23  HIS n 
1 24  PHE n 
1 25  GLY n 
1 26  SER n 
1 27  CYS n 
1 28  LEU n 
1 29  ARG n 
1 30  PHE n 
1 31  LEU n 
1 32  VAL n 
1 33  TYR n 
1 34  GLN n 
1 35  VAL n 
1 36  SER n 
1 37  ALA n 
1 38  LYS n 
1 39  ASP n 
1 40  ALA n 
1 41  SER n 
1 42  LEU n 
1 43  VAL n 
1 44  ASP n 
1 45  ILE n 
1 46  ARG n 
1 47  SER n 
1 48  THR n 
1 49  LEU n 
1 50  ASP n 
1 51  VAL n 
1 52  ALA n 
1 53  LEU n 
1 54  ALA n 
1 55  GLU n 
1 56  ASP n 
1 57  LYS n 
1 58  ASN n 
1 59  ALA n 
1 60  TRP n 
1 61  ARG n 
1 62  VAL n 
1 63  GLU n 
1 64  GLN n 
1 65  ILE n 
1 66  GLN n 
1 67  ASP n 
1 68  CYS n 
1 69  GLN n 
1 70  VAL n 
1 71  LEU n 
1 72  TYR n 
1 73  VAL n 
1 74  VAL n 
1 75  SER n 
1 76  ILE n 
1 77  GLY n 
1 78  GLY n 
1 79  PRO n 
1 80  ALA n 
1 81  ALA n 
1 82  ALA n 
1 83  LYS n 
1 84  VAL n 
1 85  VAL n 
1 86  ARG n 
1 87  ALA n 
1 88  GLY n 
1 89  ILE n 
1 90  HIS n 
1 91  PRO n 
1 92  LEU n 
1 93  LYS n 
1 94  LYS n 
1 95  PRO n 
1 96  LYS n 
1 97  GLY n 
1 98  CYS n 
1 99  ALA n 
1 100 ALA n 
1 101 GLN n 
1 102 GLU n 
1 103 ALA n 
1 104 ILE n 
1 105 ALA n 
1 106 GLU n 
1 107 LEU n 
1 108 GLN n 
1 109 THR n 
1 110 VAL n 
1 111 MET n 
1 112 ALA n 
1 113 GLY n 
1 114 SER n 
1 115 PRO n 
1 116 PRO n 
1 117 PRO n 
1 118 TRP n 
1 119 LEU n 
1 120 ALA n 
1 121 LYS n 
1 122 LEU n 
1 123 VAL n 
1 124 GLY n 
1 125 VAL n 
1 126 SER n 
1 127 ALA n 
1 128 GLU n 
1 129 GLU n 
1 130 ARG n 
1 131 VAL n 
1 132 ARG n 
1 133 PHE n 
1 134 SER n 
1 135 VAL n 
1 136 SER n 
1 137 ASP n 
1 138 ASP n 
1 139 GLU n 
1 140 ASP n 
1 141 GLU n 
1 142 ALA n 
1 143 ALA n 
1 144 ARG n 
1 145 ALA n 
# 
_entity_src_gen.entity_id                          1 
_entity_src_gen.pdbx_src_id                        1 
_entity_src_gen.pdbx_alt_source_flag               sample 
_entity_src_gen.pdbx_seq_type                      ? 
_entity_src_gen.pdbx_beg_seq_num                   ? 
_entity_src_gen.pdbx_end_seq_num                   ? 
_entity_src_gen.gene_src_common_name               ? 
_entity_src_gen.gene_src_genus                     Azotobacter 
_entity_src_gen.pdbx_gene_src_gene                 NafY 
_entity_src_gen.gene_src_species                   ? 
_entity_src_gen.gene_src_strain                    ? 
_entity_src_gen.gene_src_tissue                    ? 
_entity_src_gen.gene_src_tissue_fraction           ? 
_entity_src_gen.gene_src_details                   ? 
_entity_src_gen.pdbx_gene_src_fragment             ? 
_entity_src_gen.pdbx_gene_src_scientific_name      'Azotobacter vinelandii' 
_entity_src_gen.pdbx_gene_src_ncbi_taxonomy_id     354 
_entity_src_gen.pdbx_gene_src_variant              ? 
_entity_src_gen.pdbx_gene_src_cell_line            ? 
_entity_src_gen.pdbx_gene_src_atcc                 ? 
_entity_src_gen.pdbx_gene_src_organ                ? 
_entity_src_gen.pdbx_gene_src_organelle            ? 
_entity_src_gen.pdbx_gene_src_cell                 ? 
_entity_src_gen.pdbx_gene_src_cellular_location    ? 
_entity_src_gen.host_org_common_name               ? 
_entity_src_gen.pdbx_host_org_scientific_name      'Escherichia coli' 
_entity_src_gen.pdbx_host_org_ncbi_taxonomy_id     562 
_entity_src_gen.host_org_genus                     Escherichia 
_entity_src_gen.pdbx_host_org_gene                 ? 
_entity_src_gen.pdbx_host_org_organ                ? 
_entity_src_gen.host_org_species                   ? 
_entity_src_gen.pdbx_host_org_tissue               ? 
_entity_src_gen.pdbx_host_org_tissue_fraction      ? 
_entity_src_gen.pdbx_host_org_strain               ? 
_entity_src_gen.pdbx_host_org_variant              ? 
_entity_src_gen.pdbx_host_org_cell_line            ? 
_entity_src_gen.pdbx_host_org_atcc                 ? 
_entity_src_gen.pdbx_host_org_culture_collection   ? 
_entity_src_gen.pdbx_host_org_cell                 ? 
_entity_src_gen.pdbx_host_org_organelle            ? 
_entity_src_gen.pdbx_host_org_cellular_location    ? 
_entity_src_gen.pdbx_host_org_vector_type          ? 
_entity_src_gen.pdbx_host_org_vector               ? 
_entity_src_gen.host_org_details                   ? 
_entity_src_gen.expression_system_id               ? 
_entity_src_gen.plasmid_name                       ? 
_entity_src_gen.plasmid_details                    ? 
_entity_src_gen.pdbx_description                   ? 
# 
loop_
_chem_comp.id 
_chem_comp.type 
_chem_comp.mon_nstd_flag 
_chem_comp.name 
_chem_comp.pdbx_synonyms 
_chem_comp.formula 
_chem_comp.formula_weight 
ALA 'L-peptide linking' y ALANINE         ?                 'C3 H7 N O2'     89.093  
ARG 'L-peptide linking' y ARGININE        ?                 'C6 H15 N4 O2 1' 175.209 
ASN 'L-peptide linking' y ASPARAGINE      ?                 'C4 H8 N2 O3'    132.118 
ASP 'L-peptide linking' y 'ASPARTIC ACID' ?                 'C4 H7 N O4'     133.103 
CYS 'L-peptide linking' y CYSTEINE        ?                 'C3 H7 N O2 S'   121.158 
EDO non-polymer         . 1,2-ETHANEDIOL  'ETHYLENE GLYCOL' 'C2 H6 O2'       62.068  
GLN 'L-peptide linking' y GLUTAMINE       ?                 'C5 H10 N2 O3'   146.144 
GLU 'L-peptide linking' y 'GLUTAMIC ACID' ?                 'C5 H9 N O4'     147.129 
GLY 'peptide linking'   y GLYCINE         ?                 'C2 H5 N O2'     75.067  
HIS 'L-peptide linking' y HISTIDINE       ?                 'C6 H10 N3 O2 1' 156.162 
HOH non-polymer         . WATER           ?                 'H2 O'           18.015  
ILE 'L-peptide linking' y ISOLEUCINE      ?                 'C6 H13 N O2'    131.173 
LEU 'L-peptide linking' y LEUCINE         ?                 'C6 H13 N O2'    131.173 
LYS 'L-peptide linking' y LYSINE          ?                 'C6 H15 N2 O2 1' 147.195 
MET 'L-peptide linking' y METHIONINE      ?                 'C5 H11 N O2 S'  149.211 
PHE 'L-peptide linking' y PHENYLALANINE   ?                 'C9 H11 N O2'    165.189 
PRO 'L-peptide linking' y PROLINE         ?                 'C5 H9 N O2'     115.130 
SER 'L-peptide linking' y SERINE          ?                 'C3 H7 N O3'     105.093 
THR 'L-peptide linking' y THREONINE       ?                 'C4 H9 N O3'     119.119 
TRP 'L-peptide linking' y TRYPTOPHAN      ?                 'C11 H12 N2 O2'  204.225 
TYR 'L-peptide linking' y TYROSINE        ?                 'C9 H11 N O3'    181.189 
VAL 'L-peptide linking' y VALINE          ?                 'C5 H11 N O2'    117.146 
# 
loop_
_pdbx_poly_seq_scheme.asym_id 
_pdbx_poly_seq_scheme.entity_id 
_pdbx_poly_seq_scheme.seq_id 
_pdbx_poly_seq_scheme.mon_id 
_pdbx_poly_seq_scheme.ndb_seq_num 
_pdbx_poly_seq_scheme.pdb_seq_num 
_pdbx_poly_seq_scheme.auth_seq_num 
_pdbx_poly_seq_scheme.pdb_mon_id 
_pdbx_poly_seq_scheme.auth_mon_id 
_pdbx_poly_seq_scheme.pdb_strand_id 
_pdbx_poly_seq_scheme.pdb_ins_code 
_pdbx_poly_seq_scheme.hetero 
A 1 1   GLU 1   99  99  GLU ALA A . n 
A 1 2   ARG 2   100 100 ARG ARG A . n 
A 1 3   VAL 3   101 101 VAL VAL A . n 
A 1 4   PRO 4   102 102 PRO PRO A . n 
A 1 5   GLU 5   103 103 GLU GLU A . n 
A 1 6   GLY 6   104 104 GLY GLY A . n 
A 1 7   SER 7   105 105 SER SER A . n 
A 1 8   ILE 8   106 106 ILE ILE A . n 
A 1 9   ARG 9   107 107 ARG ARG A . n 
A 1 10  VAL 10  108 108 VAL VAL A . n 
A 1 11  ALA 11  109 109 ALA ALA A . n 
A 1 12  ILE 12  110 110 ILE ILE A . n 
A 1 13  ALA 13  111 111 ALA ALA A . n 
A 1 14  SER 14  112 112 SER SER A . n 
A 1 15  ASN 15  113 113 ASN ASN A . n 
A 1 16  ASN 16  114 114 ASN ASN A . n 
A 1 17  GLY 17  115 115 GLY GLY A . n 
A 1 18  GLU 18  116 116 GLU GLU A . n 
A 1 19  GLN 19  117 117 GLN GLN A . n 
A 1 20  LEU 20  118 118 LEU LEU A . n 
A 1 21  ASP 21  119 119 ASP ASP A . n 
A 1 22  GLY 22  120 120 GLY GLY A . n 
A 1 23  HIS 23  121 121 HIS HIS A . n 
A 1 24  PHE 24  122 122 PHE PHE A . n 
A 1 25  GLY 25  123 123 GLY GLY A . n 
A 1 26  SER 26  124 124 SER SER A . n 
A 1 27  CYS 27  125 125 CYS CYS A . n 
A 1 28  LEU 28  126 126 LEU LEU A . n 
A 1 29  ARG 29  127 127 ARG ARG A . n 
A 1 30  PHE 30  128 128 PHE PHE A . n 
A 1 31  LEU 31  129 129 LEU LEU A . n 
A 1 32  VAL 32  130 130 VAL VAL A . n 
A 1 33  TYR 33  131 131 TYR TYR A . n 
A 1 34  GLN 34  132 132 GLN GLN A . n 
A 1 35  VAL 35  133 133 VAL VAL A . n 
A 1 36  SER 36  134 134 SER SER A . n 
A 1 37  ALA 37  135 135 ALA ALA A . n 
A 1 38  LYS 38  136 136 LYS LYS A . n 
A 1 39  ASP 39  137 137 ASP ASP A . n 
A 1 40  ALA 40  138 138 ALA ALA A . n 
A 1 41  SER 41  139 139 SER SER A . n 
A 1 42  LEU 42  140 140 LEU LEU A . n 
A 1 43  VAL 43  141 141 VAL VAL A . n 
A 1 44  ASP 44  142 142 ASP ASP A . n 
A 1 45  ILE 45  143 143 ILE ILE A . n 
A 1 46  ARG 46  144 144 ARG ARG A . n 
A 1 47  SER 47  145 145 SER SER A . n 
A 1 48  THR 48  146 146 THR THR A . n 
A 1 49  LEU 49  147 147 LEU LEU A . n 
A 1 50  ASP 50  148 148 ASP ASP A . n 
A 1 51  VAL 51  149 149 VAL VAL A . n 
A 1 52  ALA 52  150 150 ALA ALA A . n 
A 1 53  LEU 53  151 151 LEU LEU A . n 
A 1 54  ALA 54  152 152 ALA ALA A . n 
A 1 55  GLU 55  153 153 GLU GLU A . n 
A 1 56  ASP 56  154 154 ASP ASP A . n 
A 1 57  LYS 57  155 155 LYS LYS A . n 
A 1 58  ASN 58  156 156 ASN ASN A . n 
A 1 59  ALA 59  157 157 ALA ALA A . n 
A 1 60  TRP 60  158 158 TRP TRP A . n 
A 1 61  ARG 61  159 159 ARG ARG A . n 
A 1 62  VAL 62  160 160 VAL VAL A . n 
A 1 63  GLU 63  161 161 GLU GLU A . n 
A 1 64  GLN 64  162 162 GLN GLN A . n 
A 1 65  ILE 65  163 163 ILE ILE A . n 
A 1 66  GLN 66  164 164 GLN GLN A . n 
A 1 67  ASP 67  165 165 ASP ASP A . n 
A 1 68  CYS 68  166 166 CYS CYS A . n 
A 1 69  GLN 69  167 167 GLN GLN A . n 
A 1 70  VAL 70  168 168 VAL VAL A . n 
A 1 71  LEU 71  169 169 LEU LEU A . n 
A 1 72  TYR 72  170 170 TYR TYR A . n 
A 1 73  VAL 73  171 171 VAL VAL A . n 
A 1 74  VAL 74  172 172 VAL VAL A . n 
A 1 75  SER 75  173 173 SER SER A . n 
A 1 76  ILE 76  174 174 ILE ILE A . n 
A 1 77  GLY 77  175 175 GLY GLY A . n 
A 1 78  GLY 78  176 176 GLY GLY A . n 
A 1 79  PRO 79  177 177 PRO PRO A . n 
A 1 80  ALA 80  178 178 ALA ALA A . n 
A 1 81  ALA 81  179 179 ALA ALA A . n 
A 1 82  ALA 82  180 180 ALA ALA A . n 
A 1 83  LYS 83  181 181 LYS LYS A . n 
A 1 84  VAL 84  182 182 VAL VAL A . n 
A 1 85  VAL 85  183 183 VAL VAL A . n 
A 1 86  ARG 86  184 184 ARG ARG A . n 
A 1 87  ALA 87  185 185 ALA ALA A . n 
A 1 88  GLY 88  186 186 GLY GLY A . n 
A 1 89  ILE 89  187 187 ILE ILE A . n 
A 1 90  HIS 90  188 188 HIS HIS A . n 
A 1 91  PRO 91  189 189 PRO PRO A . n 
A 1 92  LEU 92  190 190 LEU LEU A . n 
A 1 93  LYS 93  191 191 LYS LYS A . n 
A 1 94  LYS 94  192 192 LYS LYS A . n 
A 1 95  PRO 95  193 193 PRO PRO A . n 
A 1 96  LYS 96  194 194 LYS LYS A . n 
A 1 97  GLY 97  195 195 GLY GLY A . n 
A 1 98  CYS 98  196 196 CYS CYS A . n 
A 1 99  ALA 99  197 197 ALA ALA A . n 
A 1 100 ALA 100 198 198 ALA ALA A . n 
A 1 101 GLN 101 199 199 GLN GLN A . n 
A 1 102 GLU 102 200 200 GLU GLU A . n 
A 1 103 ALA 103 201 201 ALA ALA A . n 
A 1 104 ILE 104 202 202 ILE ILE A . n 
A 1 105 ALA 105 203 203 ALA ALA A . n 
A 1 106 GLU 106 204 204 GLU GLU A . n 
A 1 107 LEU 107 205 205 LEU LEU A . n 
A 1 108 GLN 108 206 206 GLN GLN A . n 
A 1 109 THR 109 207 207 THR THR A . n 
A 1 110 VAL 110 208 208 VAL VAL A . n 
A 1 111 MET 111 209 209 MET MET A . n 
A 1 112 ALA 112 210 210 ALA ALA A . n 
A 1 113 GLY 113 211 211 GLY GLY A . n 
A 1 114 SER 114 212 212 SER SER A . n 
A 1 115 PRO 115 213 213 PRO PRO A . n 
A 1 116 PRO 116 214 214 PRO PRO A . n 
A 1 117 PRO 117 215 215 PRO PRO A . n 
A 1 118 TRP 118 216 216 TRP TRP A . n 
A 1 119 LEU 119 217 217 LEU LEU A . n 
A 1 120 ALA 120 218 218 ALA ALA A . n 
A 1 121 LYS 121 219 219 LYS LYS A . n 
A 1 122 LEU 122 220 220 LEU LEU A . n 
A 1 123 VAL 123 221 221 VAL VAL A . n 
A 1 124 GLY 124 222 ?   ?   ?   A . n 
A 1 125 VAL 125 223 ?   ?   ?   A . n 
A 1 126 SER 126 224 ?   ?   ?   A . n 
A 1 127 ALA 127 225 ?   ?   ?   A . n 
A 1 128 GLU 128 226 ?   ?   ?   A . n 
A 1 129 GLU 129 227 ?   ?   ?   A . n 
A 1 130 ARG 130 228 ?   ?   ?   A . n 
A 1 131 VAL 131 229 ?   ?   ?   A . n 
A 1 132 ARG 132 230 ?   ?   ?   A . n 
A 1 133 PHE 133 231 ?   ?   ?   A . n 
A 1 134 SER 134 232 ?   ?   ?   A . n 
A 1 135 VAL 135 233 ?   ?   ?   A . n 
A 1 136 SER 136 234 ?   ?   ?   A . n 
A 1 137 ASP 137 235 ?   ?   ?   A . n 
A 1 138 ASP 138 236 ?   ?   ?   A . n 
A 1 139 GLU 139 237 ?   ?   ?   A . n 
A 1 140 ASP 140 238 ?   ?   ?   A . n 
A 1 141 GLU 141 239 ?   ?   ?   A . n 
A 1 142 ALA 142 240 ?   ?   ?   A . n 
A 1 143 ALA 143 241 ?   ?   ?   A . n 
A 1 144 ARG 144 242 ?   ?   ?   A . n 
A 1 145 ALA 145 243 ?   ?   ?   A . n 
# 
loop_
_pdbx_nonpoly_scheme.asym_id 
_pdbx_nonpoly_scheme.entity_id 
_pdbx_nonpoly_scheme.mon_id 
_pdbx_nonpoly_scheme.ndb_seq_num 
_pdbx_nonpoly_scheme.pdb_seq_num 
_pdbx_nonpoly_scheme.auth_seq_num 
_pdbx_nonpoly_scheme.pdb_mon_id 
_pdbx_nonpoly_scheme.auth_mon_id 
_pdbx_nonpoly_scheme.pdb_strand_id 
_pdbx_nonpoly_scheme.pdb_ins_code 
B 2 EDO 1   300  300  EDO EG  A . 
C 3 HOH 1   400  400  HOH HOH A . 
C 3 HOH 2   402  402  HOH HOH A . 
C 3 HOH 3   403  403  HOH HOH A . 
C 3 HOH 4   404  404  HOH HOH A . 
C 3 HOH 5   405  405  HOH HOH A . 
C 3 HOH 6   406  406  HOH HOH A . 
C 3 HOH 7   407  407  HOH HOH A . 
C 3 HOH 8   409  409  HOH HOH A . 
C 3 HOH 9   410  410  HOH HOH A . 
C 3 HOH 10  411  411  HOH HOH A . 
C 3 HOH 11  413  413  HOH HOH A . 
C 3 HOH 12  414  414  HOH HOH A . 
C 3 HOH 13  416  416  HOH HOH A . 
C 3 HOH 14  417  417  HOH HOH A . 
C 3 HOH 15  418  418  HOH HOH A . 
C 3 HOH 16  419  419  HOH HOH A . 
C 3 HOH 17  421  421  HOH HOH A . 
C 3 HOH 18  422  422  HOH HOH A . 
C 3 HOH 19  423  423  HOH HOH A . 
C 3 HOH 20  425  425  HOH HOH A . 
C 3 HOH 21  427  427  HOH HOH A . 
C 3 HOH 22  428  428  HOH HOH A . 
C 3 HOH 23  429  429  HOH HOH A . 
C 3 HOH 24  430  430  HOH HOH A . 
C 3 HOH 25  431  431  HOH HOH A . 
C 3 HOH 26  432  432  HOH HOH A . 
C 3 HOH 27  433  433  HOH HOH A . 
C 3 HOH 28  434  434  HOH HOH A . 
C 3 HOH 29  436  436  HOH HOH A . 
C 3 HOH 30  437  437  HOH HOH A . 
C 3 HOH 31  438  438  HOH HOH A . 
C 3 HOH 32  439  439  HOH HOH A . 
C 3 HOH 33  441  441  HOH HOH A . 
C 3 HOH 34  443  443  HOH HOH A . 
C 3 HOH 35  445  445  HOH HOH A . 
C 3 HOH 36  446  446  HOH HOH A . 
C 3 HOH 37  452  452  HOH HOH A . 
C 3 HOH 38  454  454  HOH HOH A . 
C 3 HOH 39  455  455  HOH HOH A . 
C 3 HOH 40  456  456  HOH HOH A . 
C 3 HOH 41  460  460  HOH HOH A . 
C 3 HOH 42  465  465  HOH HOH A . 
C 3 HOH 43  467  467  HOH HOH A . 
C 3 HOH 44  468  468  HOH HOH A . 
C 3 HOH 45  471  471  HOH HOH A . 
C 3 HOH 46  472  472  HOH HOH A . 
C 3 HOH 47  474  474  HOH HOH A . 
C 3 HOH 48  475  475  HOH HOH A . 
C 3 HOH 49  477  477  HOH HOH A . 
C 3 HOH 50  478  478  HOH HOH A . 
C 3 HOH 51  600  600  HOH HOH A . 
C 3 HOH 52  601  601  HOH HOH A . 
C 3 HOH 53  602  602  HOH HOH A . 
C 3 HOH 54  603  603  HOH HOH A . 
C 3 HOH 55  604  604  HOH HOH A . 
C 3 HOH 56  605  605  HOH HOH A . 
C 3 HOH 57  606  606  HOH HOH A . 
C 3 HOH 58  607  607  HOH HOH A . 
C 3 HOH 59  608  608  HOH HOH A . 
C 3 HOH 60  609  609  HOH HOH A . 
C 3 HOH 61  610  610  HOH HOH A . 
C 3 HOH 62  611  611  HOH HOH A . 
C 3 HOH 63  612  612  HOH HOH A . 
C 3 HOH 64  614  614  HOH HOH A . 
C 3 HOH 65  615  615  HOH HOH A . 
C 3 HOH 66  616  616  HOH HOH A . 
C 3 HOH 67  617  617  HOH HOH A . 
C 3 HOH 68  619  619  HOH HOH A . 
C 3 HOH 69  620  620  HOH HOH A . 
C 3 HOH 70  622  622  HOH HOH A . 
C 3 HOH 71  623  623  HOH HOH A . 
C 3 HOH 72  624  624  HOH HOH A . 
C 3 HOH 73  625  625  HOH HOH A . 
C 3 HOH 74  626  626  HOH HOH A . 
C 3 HOH 75  627  627  HOH HOH A . 
C 3 HOH 76  628  628  HOH HOH A . 
C 3 HOH 77  632  632  HOH HOH A . 
C 3 HOH 78  633  633  HOH HOH A . 
C 3 HOH 79  635  635  HOH HOH A . 
C 3 HOH 80  636  636  HOH HOH A . 
C 3 HOH 81  637  637  HOH HOH A . 
C 3 HOH 82  638  638  HOH HOH A . 
C 3 HOH 83  639  639  HOH HOH A . 
C 3 HOH 84  642  642  HOH HOH A . 
C 3 HOH 85  645  645  HOH HOH A . 
C 3 HOH 86  646  646  HOH HOH A . 
C 3 HOH 87  647  647  HOH HOH A . 
C 3 HOH 88  648  648  HOH HOH A . 
C 3 HOH 89  650  650  HOH HOH A . 
C 3 HOH 90  652  652  HOH HOH A . 
C 3 HOH 91  654  654  HOH HOH A . 
C 3 HOH 92  655  655  HOH HOH A . 
C 3 HOH 93  656  656  HOH HOH A . 
C 3 HOH 94  660  660  HOH HOH A . 
C 3 HOH 95  662  662  HOH HOH A . 
C 3 HOH 96  663  663  HOH HOH A . 
C 3 HOH 97  664  664  HOH HOH A . 
C 3 HOH 98  665  665  HOH HOH A . 
C 3 HOH 99  666  666  HOH HOH A . 
C 3 HOH 100 667  667  HOH HOH A . 
C 3 HOH 101 669  669  HOH HOH A . 
C 3 HOH 102 670  670  HOH HOH A . 
C 3 HOH 103 674  674  HOH HOH A . 
C 3 HOH 104 675  675  HOH HOH A . 
C 3 HOH 105 678  678  HOH HOH A . 
C 3 HOH 106 679  679  HOH HOH A . 
C 3 HOH 107 680  680  HOH HOH A . 
C 3 HOH 108 681  681  HOH HOH A . 
C 3 HOH 109 685  685  HOH HOH A . 
C 3 HOH 110 695  695  HOH HOH A . 
C 3 HOH 111 697  697  HOH HOH A . 
C 3 HOH 112 698  698  HOH HOH A . 
C 3 HOH 113 707  707  HOH HOH A . 
C 3 HOH 114 711  711  HOH HOH A . 
C 3 HOH 115 900  900  HOH HOH A . 
C 3 HOH 116 901  901  HOH HOH A . 
C 3 HOH 117 902  902  HOH HOH A . 
C 3 HOH 118 903  903  HOH HOH A . 
C 3 HOH 119 905  905  HOH HOH A . 
C 3 HOH 120 907  907  HOH HOH A . 
C 3 HOH 121 909  909  HOH HOH A . 
C 3 HOH 122 910  910  HOH HOH A . 
C 3 HOH 123 911  911  HOH HOH A . 
C 3 HOH 124 913  913  HOH HOH A . 
C 3 HOH 125 914  914  HOH HOH A . 
C 3 HOH 126 915  915  HOH HOH A . 
C 3 HOH 127 916  916  HOH HOH A . 
C 3 HOH 128 917  917  HOH HOH A . 
C 3 HOH 129 919  919  HOH HOH A . 
C 3 HOH 130 920  920  HOH HOH A . 
C 3 HOH 131 923  923  HOH HOH A . 
C 3 HOH 132 925  925  HOH HOH A . 
C 3 HOH 133 928  928  HOH HOH A . 
C 3 HOH 134 932  932  HOH HOH A . 
C 3 HOH 135 933  933  HOH HOH A . 
C 3 HOH 136 934  934  HOH HOH A . 
C 3 HOH 137 936  936  HOH HOH A . 
C 3 HOH 138 937  937  HOH HOH A . 
C 3 HOH 139 940  940  HOH HOH A . 
C 3 HOH 140 941  941  HOH HOH A . 
C 3 HOH 141 942  942  HOH HOH A . 
C 3 HOH 142 943  943  HOH HOH A . 
C 3 HOH 143 944  944  HOH HOH A . 
C 3 HOH 144 945  945  HOH HOH A . 
C 3 HOH 145 950  950  HOH HOH A . 
C 3 HOH 146 1100 1100 HOH HOH A . 
C 3 HOH 147 1101 1101 HOH HOH A . 
C 3 HOH 148 1102 1102 HOH HOH A . 
C 3 HOH 149 1103 1103 HOH HOH A . 
C 3 HOH 150 1104 1104 HOH HOH A . 
C 3 HOH 151 1105 1105 HOH HOH A . 
C 3 HOH 152 1106 1106 HOH HOH A . 
C 3 HOH 153 1107 1107 HOH HOH A . 
C 3 HOH 154 1108 1108 HOH HOH A . 
C 3 HOH 155 1109 1109 HOH HOH A . 
C 3 HOH 156 1110 1110 HOH HOH A . 
C 3 HOH 157 1111 1111 HOH HOH A . 
C 3 HOH 158 1114 1114 HOH HOH A . 
C 3 HOH 159 1304 1304 HOH HOH A . 
C 3 HOH 160 1305 1305 HOH HOH A . 
C 3 HOH 161 1306 1306 HOH HOH A . 
C 3 HOH 162 1307 1307 HOH HOH A . 
C 3 HOH 163 1308 1308 HOH HOH A . 
C 3 HOH 164 1309 1309 HOH HOH A . 
C 3 HOH 165 1310 1310 HOH HOH A . 
C 3 HOH 166 1311 1311 HOH HOH A . 
C 3 HOH 167 1312 1312 HOH HOH A . 
C 3 HOH 168 1313 1313 HOH HOH A . 
C 3 HOH 169 1314 1314 HOH HOH A . 
C 3 HOH 170 1316 1316 HOH HOH A . 
C 3 HOH 171 1317 1317 HOH HOH A . 
C 3 HOH 172 1318 1318 HOH HOH A . 
C 3 HOH 173 1319 1319 HOH HOH A . 
C 3 HOH 174 1320 1320 HOH HOH A . 
# 
loop_
_pdbx_unobs_or_zero_occ_atoms.id 
_pdbx_unobs_or_zero_occ_atoms.PDB_model_num 
_pdbx_unobs_or_zero_occ_atoms.polymer_flag 
_pdbx_unobs_or_zero_occ_atoms.occupancy_flag 
_pdbx_unobs_or_zero_occ_atoms.auth_asym_id 
_pdbx_unobs_or_zero_occ_atoms.auth_comp_id 
_pdbx_unobs_or_zero_occ_atoms.auth_seq_id 
_pdbx_unobs_or_zero_occ_atoms.PDB_ins_code 
_pdbx_unobs_or_zero_occ_atoms.auth_atom_id 
_pdbx_unobs_or_zero_occ_atoms.label_alt_id 
_pdbx_unobs_or_zero_occ_atoms.label_asym_id 
_pdbx_unobs_or_zero_occ_atoms.label_comp_id 
_pdbx_unobs_or_zero_occ_atoms.label_seq_id 
_pdbx_unobs_or_zero_occ_atoms.label_atom_id 
1 1 Y 1 A GLU 99 ? CG  ? A GLU 1 CG  
2 1 Y 1 A GLU 99 ? CD  ? A GLU 1 CD  
3 1 Y 1 A GLU 99 ? OE1 ? A GLU 1 OE1 
4 1 Y 1 A GLU 99 ? OE2 ? A GLU 1 OE2 
# 
loop_
_software.name 
_software.classification 
_software.version 
_software.citation_id 
_software.pdbx_ordinal 
HKL-2000  'data collection' . ? 1 
SCALEPACK 'data scaling'    . ? 2 
SOLVE     phasing           . ? 3 
TNT       refinement        . ? 4 
HKL-2000  'data reduction'  . ? 5 
# 
_cell.entry_id           1P90 
_cell.length_a           49.200 
_cell.length_b           49.200 
_cell.length_c           99.200 
_cell.angle_alpha        90.00 
_cell.angle_beta         90.00 
_cell.angle_gamma        120.00 
_cell.Z_PDB              6 
_cell.pdbx_unique_axis   ? 
# 
_symmetry.entry_id                         1P90 
_symmetry.space_group_name_H-M             'P 32 2 1' 
_symmetry.pdbx_full_space_group_name_H-M   ? 
_symmetry.Int_Tables_number                154 
_symmetry.cell_setting                     ? 
# 
_exptl.entry_id          1P90 
_exptl.method            'X-RAY DIFFRACTION' 
_exptl.crystals_number   1 
# 
_exptl_crystal.id                    1 
_exptl_crystal.density_meas          ? 
_exptl_crystal.density_Matthews      2.23 
_exptl_crystal.density_percent_sol   44.92 
_exptl_crystal.description           ? 
# 
_exptl_crystal_grow.crystal_id      1 
_exptl_crystal_grow.method          'VAPOR DIFFUSION, HANGING DROP' 
_exptl_crystal_grow.temp            298 
_exptl_crystal_grow.temp_details    ? 
_exptl_crystal_grow.pH              8.5 
_exptl_crystal_grow.pdbx_details    
;3 ml of NafY protein at 10 mg/ml combined with an equal volume of 13% PEG 10000, 2.5% glycerol, 100 mM Tris-HCl, pH 8.5, VAPOR DIFFUSION, HANGING DROP, temperature 298K
;
_exptl_crystal_grow.pdbx_pH_range   . 
# 
_diffrn.id                     1 
_diffrn.ambient_temp           120 
_diffrn.ambient_temp_details   ? 
_diffrn.crystal_id             1 
# 
_diffrn_detector.diffrn_id              1 
_diffrn_detector.detector               CCD 
_diffrn_detector.type                   CUSTOM-MADE 
_diffrn_detector.pdbx_collection_date   2002-03-01 
_diffrn_detector.details                ? 
# 
_diffrn_radiation.diffrn_id                        1 
_diffrn_radiation.wavelength_id                    1 
_diffrn_radiation.pdbx_monochromatic_or_laue_m_l   M 
_diffrn_radiation.monochromator                    ? 
_diffrn_radiation.pdbx_diffrn_protocol             'SINGLE WAVELENGTH' 
_diffrn_radiation.pdbx_scattering_type             x-ray 
# 
_diffrn_radiation_wavelength.id           1 
_diffrn_radiation_wavelength.wavelength   0.97 
_diffrn_radiation_wavelength.wt           1.0 
# 
_diffrn_source.diffrn_id                   1 
_diffrn_source.source                      SYNCHROTRON 
_diffrn_source.type                        'APS BEAMLINE 19-ID' 
_diffrn_source.pdbx_synchrotron_site       APS 
_diffrn_source.pdbx_synchrotron_beamline   19-ID 
_diffrn_source.pdbx_wavelength             ? 
_diffrn_source.pdbx_wavelength_list        0.97 
# 
_reflns.entry_id                     1P90 
_reflns.observed_criterion_sigma_F   0. 
_reflns.observed_criterion_sigma_I   0. 
_reflns.d_resolution_high            1.8 
_reflns.d_resolution_low             30. 
_reflns.number_all                   24908 
_reflns.number_obs                   24908 
_reflns.percent_possible_obs         100 
_reflns.pdbx_Rmerge_I_obs            0.057 
_reflns.pdbx_Rsym_value              ? 
_reflns.pdbx_netI_over_sigmaI        43.7 
_reflns.B_iso_Wilson_estimate        ? 
_reflns.pdbx_redundancy              7.2 
_reflns.R_free_details               ? 
_reflns.limit_h_max                  ? 
_reflns.limit_h_min                  ? 
_reflns.limit_k_max                  ? 
_reflns.limit_k_min                  ? 
_reflns.limit_l_max                  ? 
_reflns.limit_l_min                  ? 
_reflns.observed_criterion_F_max     ? 
_reflns.observed_criterion_F_min     ? 
_reflns.pdbx_diffrn_id               1 
_reflns.pdbx_ordinal                 1 
# 
_reflns_shell.d_res_high             1.8 
_reflns_shell.d_res_low              1.86 
_reflns_shell.percent_possible_all   100 
_reflns_shell.Rmerge_I_obs           0.346 
_reflns_shell.pdbx_Rsym_value        ? 
_reflns_shell.meanI_over_sigI_obs    5.6 
_reflns_shell.pdbx_redundancy        5.1 
_reflns_shell.percent_possible_obs   ? 
_reflns_shell.number_unique_all      2531 
_reflns_shell.pdbx_diffrn_id         ? 
_reflns_shell.pdbx_ordinal           1 
# 
_refine.entry_id                                 1P90 
_refine.ls_d_res_high                            1.8 
_refine.ls_d_res_low                             30. 
_refine.pdbx_ls_sigma_F                          0. 
_refine.pdbx_ls_sigma_I                          0. 
_refine.ls_number_reflns_all                     13182 
_refine.ls_number_reflns_obs                     13182 
_refine.ls_number_reflns_R_free                  1347 
_refine.ls_percent_reflns_obs                    100 
_refine.ls_R_factor_all                          0.194 
_refine.ls_R_factor_obs                          0.188 
_refine.ls_R_factor_R_work                       0.188 
_refine.ls_R_factor_R_free                       0.263 
_refine.ls_redundancy_reflns_obs                 ? 
_refine.pdbx_data_cutoff_high_absF               ? 
_refine.pdbx_data_cutoff_low_absF                ? 
_refine.ls_number_parameters                     ? 
_refine.ls_number_restraints                     ? 
_refine.ls_percent_reflns_R_free                 ? 
_refine.ls_R_factor_R_free_error                 ? 
_refine.ls_R_factor_R_free_error_details         ? 
_refine.pdbx_method_to_determine_struct          MIR 
_refine.pdbx_starting_model                      ? 
_refine.pdbx_ls_cross_valid_method               THROUGHOUT 
_refine.pdbx_R_Free_selection_details            'random 10%' 
_refine.pdbx_stereochem_target_val_spec_case     ? 
_refine.pdbx_stereochemistry_target_values       'Engh & Huber' 
_refine.solvent_model_details                    ? 
_refine.solvent_model_param_bsol                 ? 
_refine.solvent_model_param_ksol                 ? 
_refine.occupancy_max                            ? 
_refine.occupancy_min                            ? 
_refine.pdbx_isotropic_thermal_model             ? 
_refine.B_iso_mean                               ? 
_refine.aniso_B[1][1]                            ? 
_refine.aniso_B[1][2]                            ? 
_refine.aniso_B[1][3]                            ? 
_refine.aniso_B[2][2]                            ? 
_refine.aniso_B[2][3]                            ? 
_refine.aniso_B[3][3]                            ? 
_refine.details                                  ? 
_refine.B_iso_min                                ? 
_refine.B_iso_max                                ? 
_refine.correlation_coeff_Fo_to_Fc               ? 
_refine.correlation_coeff_Fo_to_Fc_free          ? 
_refine.pdbx_solvent_vdw_probe_radii             ? 
_refine.pdbx_solvent_ion_probe_radii             ? 
_refine.pdbx_solvent_shrinkage_radii             ? 
_refine.overall_SU_R_Cruickshank_DPI             ? 
_refine.overall_SU_R_free                        ? 
_refine.overall_SU_B                             ? 
_refine.overall_SU_ML                            ? 
_refine.pdbx_overall_ESU_R                       ? 
_refine.pdbx_overall_ESU_R_Free                  ? 
_refine.pdbx_data_cutoff_high_rms_absF           ? 
_refine.pdbx_refine_id                           'X-RAY DIFFRACTION' 
_refine.pdbx_diffrn_id                           1 
_refine.pdbx_TLS_residual_ADP_flag               ? 
_refine.pdbx_overall_phase_error                 ? 
_refine.pdbx_overall_SU_R_free_Cruickshank_DPI   ? 
_refine.pdbx_overall_SU_R_Blow_DPI               ? 
_refine.pdbx_overall_SU_R_free_Blow_DPI          ? 
# 
_refine_hist.pdbx_refine_id                   'X-RAY DIFFRACTION' 
_refine_hist.cycle_id                         LAST 
_refine_hist.pdbx_number_atoms_protein        932 
_refine_hist.pdbx_number_atoms_nucleic_acid   0 
_refine_hist.pdbx_number_atoms_ligand         4 
_refine_hist.number_atoms_solvent             174 
_refine_hist.number_atoms_total               1110 
_refine_hist.d_res_high                       1.8 
_refine_hist.d_res_low                        30. 
# 
loop_
_refine_ls_restr.type 
_refine_ls_restr.dev_ideal 
_refine_ls_restr.dev_ideal_target 
_refine_ls_restr.weight 
_refine_ls_restr.number 
_refine_ls_restr.pdbx_refine_id 
_refine_ls_restr.pdbx_restraint_function 
t_bond_d           0.011 ? ? ? 'X-RAY DIFFRACTION' ? 
t_angle_deg        2.47  ? ? ? 'X-RAY DIFFRACTION' ? 
t_dihedral_angle_d 0.005 ? ? ? 'X-RAY DIFFRACTION' ? 
# 
_struct.entry_id                  1P90 
_struct.title                     
'The Three-dimensional Structure of the Core Domain of NafY from Azotobacter vinelandii determined at 1.8 resolution' 
_struct.pdbx_model_details        ? 
_struct.pdbx_CASP_flag            ? 
_struct.pdbx_model_type_details   ? 
# 
_struct_keywords.entry_id        1P90 
_struct_keywords.pdbx_keywords   'PROTEIN BINDING' 
_struct_keywords.text            'Ribonuclease H motif, PROTEIN BINDING' 
# 
loop_
_struct_asym.id 
_struct_asym.pdbx_blank_PDB_chainid_flag 
_struct_asym.pdbx_modified 
_struct_asym.entity_id 
_struct_asym.details 
A N N 1 ? 
B N N 2 ? 
C N N 3 ? 
# 
_struct_ref.id                         1 
_struct_ref.db_name                    UNP 
_struct_ref.db_code                    Q9F5X9_AZOVI 
_struct_ref.entity_id                  1 
_struct_ref.pdbx_seq_one_letter_code   
;ERVPEGSIRVAIASNNGEQLDGHFGSCLRFLVYQVSAKDASLVDIRSTLDVALAEDKNAWRVEQIQDCQVLYVVSIGGPA
AAKVVRAGIHPLKKPKGCAAQEAIAELQTVMAGSPPPWLAKLVGVSAEERVRFSVSDDEDEAARA
;
_struct_ref.pdbx_align_begin           99 
_struct_ref.pdbx_db_accession          Q9F5X9 
_struct_ref.pdbx_db_isoform            ? 
# 
_struct_ref_seq.align_id                      1 
_struct_ref_seq.ref_id                        1 
_struct_ref_seq.pdbx_PDB_id_code              1P90 
_struct_ref_seq.pdbx_strand_id                A 
_struct_ref_seq.seq_align_beg                 1 
_struct_ref_seq.pdbx_seq_align_beg_ins_code   ? 
_struct_ref_seq.seq_align_end                 145 
_struct_ref_seq.pdbx_seq_align_end_ins_code   ? 
_struct_ref_seq.pdbx_db_accession             Q9F5X9 
_struct_ref_seq.db_align_beg                  99 
_struct_ref_seq.pdbx_db_align_beg_ins_code    ? 
_struct_ref_seq.db_align_end                  243 
_struct_ref_seq.pdbx_db_align_end_ins_code    ? 
_struct_ref_seq.pdbx_auth_seq_align_beg       99 
_struct_ref_seq.pdbx_auth_seq_align_end       243 
# 
_pdbx_struct_assembly.id                   1 
_pdbx_struct_assembly.details              author_defined_assembly 
_pdbx_struct_assembly.method_details       ? 
_pdbx_struct_assembly.oligomeric_details   monomeric 
_pdbx_struct_assembly.oligomeric_count     1 
# 
_pdbx_struct_assembly_gen.assembly_id       1 
_pdbx_struct_assembly_gen.oper_expression   1 
_pdbx_struct_assembly_gen.asym_id_list      A,B,C 
# 
_pdbx_struct_oper_list.id                   1 
_pdbx_struct_oper_list.type                 'identity operation' 
_pdbx_struct_oper_list.name                 1_555 
_pdbx_struct_oper_list.symmetry_operation   x,y,z 
_pdbx_struct_oper_list.matrix[1][1]         1.0000000000 
_pdbx_struct_oper_list.matrix[1][2]         0.0000000000 
_pdbx_struct_oper_list.matrix[1][3]         0.0000000000 
_pdbx_struct_oper_list.vector[1]            0.0000000000 
_pdbx_struct_oper_list.matrix[2][1]         0.0000000000 
_pdbx_struct_oper_list.matrix[2][2]         1.0000000000 
_pdbx_struct_oper_list.matrix[2][3]         0.0000000000 
_pdbx_struct_oper_list.vector[2]            0.0000000000 
_pdbx_struct_oper_list.matrix[3][1]         0.0000000000 
_pdbx_struct_oper_list.matrix[3][2]         0.0000000000 
_pdbx_struct_oper_list.matrix[3][3]         1.0000000000 
_pdbx_struct_oper_list.vector[3]            0.0000000000 
# 
loop_
_struct_conf.conf_type_id 
_struct_conf.id 
_struct_conf.pdbx_PDB_helix_id 
_struct_conf.beg_label_comp_id 
_struct_conf.beg_label_asym_id 
_struct_conf.beg_label_seq_id 
_struct_conf.pdbx_beg_PDB_ins_code 
_struct_conf.end_label_comp_id 
_struct_conf.end_label_asym_id 
_struct_conf.end_label_seq_id 
_struct_conf.pdbx_end_PDB_ins_code 
_struct_conf.beg_auth_comp_id 
_struct_conf.beg_auth_asym_id 
_struct_conf.beg_auth_seq_id 
_struct_conf.end_auth_comp_id 
_struct_conf.end_auth_asym_id 
_struct_conf.end_auth_seq_id 
_struct_conf.pdbx_PDB_helix_class 
_struct_conf.details 
_struct_conf.pdbx_PDB_helix_length 
HELX_P HELX_P1 1 LEU A 49  ? ALA A 54  ? LEU A 147 ALA A 152 5 ? 6  
HELX_P HELX_P2 2 ASP A 56  ? ILE A 65  ? ASP A 154 ILE A 163 1 ? 10 
HELX_P HELX_P3 3 GLY A 77  ? ALA A 87  ? GLY A 175 ALA A 185 1 ? 11 
HELX_P HELX_P4 4 ALA A 100 ? GLY A 113 ? ALA A 198 GLY A 211 1 ? 14 
HELX_P HELX_P5 5 PRO A 116 ? VAL A 123 ? PRO A 214 VAL A 221 1 ? 8  
# 
_struct_conf_type.id          HELX_P 
_struct_conf_type.criteria    ? 
_struct_conf_type.reference   ? 
# 
loop_
_struct_sheet.id 
_struct_sheet.type 
_struct_sheet.number_strands 
_struct_sheet.details 
A ? 5 ? 
B ? 2 ? 
# 
loop_
_struct_sheet_order.sheet_id 
_struct_sheet_order.range_id_1 
_struct_sheet_order.range_id_2 
_struct_sheet_order.offset 
_struct_sheet_order.sense 
A 1 2 ? anti-parallel 
A 2 3 ? anti-parallel 
A 3 4 ? parallel      
A 4 5 ? parallel      
B 1 2 ? anti-parallel 
# 
loop_
_struct_sheet_range.sheet_id 
_struct_sheet_range.id 
_struct_sheet_range.beg_label_comp_id 
_struct_sheet_range.beg_label_asym_id 
_struct_sheet_range.beg_label_seq_id 
_struct_sheet_range.pdbx_beg_PDB_ins_code 
_struct_sheet_range.end_label_comp_id 
_struct_sheet_range.end_label_asym_id 
_struct_sheet_range.end_label_seq_id 
_struct_sheet_range.pdbx_end_PDB_ins_code 
_struct_sheet_range.beg_auth_comp_id 
_struct_sheet_range.beg_auth_asym_id 
_struct_sheet_range.beg_auth_seq_id 
_struct_sheet_range.end_auth_comp_id 
_struct_sheet_range.end_auth_asym_id 
_struct_sheet_range.end_auth_seq_id 
A 1 ALA A 40 ? SER A 47 ? ALA A 138 SER A 145 
A 2 ARG A 29 ? SER A 36 ? ARG A 127 SER A 134 
A 3 SER A 7  ? SER A 14 ? SER A 105 SER A 112 
A 4 VAL A 70 ? VAL A 73 ? VAL A 168 VAL A 171 
A 5 HIS A 90 ? LYS A 93 ? HIS A 188 LYS A 191 
B 1 GLN A 19 ? LEU A 20 ? GLN A 117 LEU A 118 
B 2 CYS A 98 ? ALA A 99 ? CYS A 196 ALA A 197 
# 
loop_
_pdbx_struct_sheet_hbond.sheet_id 
_pdbx_struct_sheet_hbond.range_id_1 
_pdbx_struct_sheet_hbond.range_id_2 
_pdbx_struct_sheet_hbond.range_1_label_atom_id 
_pdbx_struct_sheet_hbond.range_1_label_comp_id 
_pdbx_struct_sheet_hbond.range_1_label_asym_id 
_pdbx_struct_sheet_hbond.range_1_label_seq_id 
_pdbx_struct_sheet_hbond.range_1_PDB_ins_code 
_pdbx_struct_sheet_hbond.range_1_auth_atom_id 
_pdbx_struct_sheet_hbond.range_1_auth_comp_id 
_pdbx_struct_sheet_hbond.range_1_auth_asym_id 
_pdbx_struct_sheet_hbond.range_1_auth_seq_id 
_pdbx_struct_sheet_hbond.range_2_label_atom_id 
_pdbx_struct_sheet_hbond.range_2_label_comp_id 
_pdbx_struct_sheet_hbond.range_2_label_asym_id 
_pdbx_struct_sheet_hbond.range_2_label_seq_id 
_pdbx_struct_sheet_hbond.range_2_PDB_ins_code 
_pdbx_struct_sheet_hbond.range_2_auth_atom_id 
_pdbx_struct_sheet_hbond.range_2_auth_comp_id 
_pdbx_struct_sheet_hbond.range_2_auth_asym_id 
_pdbx_struct_sheet_hbond.range_2_auth_seq_id 
A 1 2 O ASP A 44 ? O ASP A 142 N VAL A 32 ? N VAL A 130 
A 2 3 O TYR A 33 ? O TYR A 131 N VAL A 10 ? N VAL A 108 
A 3 4 N ALA A 11 ? N ALA A 109 O TYR A 72 ? O TYR A 170 
A 4 5 N LEU A 71 ? N LEU A 169 O LEU A 92 ? O LEU A 190 
B 1 2 N LEU A 20 ? N LEU A 118 O CYS A 98 ? O CYS A 196 
# 
_struct_site.id                   AC1 
_struct_site.pdbx_evidence_code   Software 
_struct_site.pdbx_auth_asym_id    A 
_struct_site.pdbx_auth_comp_id    EDO 
_struct_site.pdbx_auth_seq_id     300 
_struct_site.pdbx_auth_ins_code   ? 
_struct_site.pdbx_num_residues    5 
_struct_site.details              'BINDING SITE FOR RESIDUE EDO A 300' 
# 
loop_
_struct_site_gen.id 
_struct_site_gen.site_id 
_struct_site_gen.pdbx_num_res 
_struct_site_gen.label_comp_id 
_struct_site_gen.label_asym_id 
_struct_site_gen.label_seq_id 
_struct_site_gen.pdbx_auth_ins_code 
_struct_site_gen.auth_comp_id 
_struct_site_gen.auth_asym_id 
_struct_site_gen.auth_seq_id 
_struct_site_gen.label_atom_id 
_struct_site_gen.label_alt_id 
_struct_site_gen.symmetry 
_struct_site_gen.details 
1 AC1 5 SER A 7  ? SER A 105 . ? 1_555 ? 
2 AC1 5 GLN A 34 ? GLN A 132 . ? 1_555 ? 
3 AC1 5 ASP A 39 ? ASP A 137 . ? 1_555 ? 
4 AC1 5 ALA A 40 ? ALA A 138 . ? 1_555 ? 
5 AC1 5 SER A 41 ? SER A 139 . ? 1_555 ? 
# 
_pdbx_validate_symm_contact.id                1 
_pdbx_validate_symm_contact.PDB_model_num     1 
_pdbx_validate_symm_contact.auth_atom_id_1    O 
_pdbx_validate_symm_contact.auth_asym_id_1    A 
_pdbx_validate_symm_contact.auth_comp_id_1    HOH 
_pdbx_validate_symm_contact.auth_seq_id_1     446 
_pdbx_validate_symm_contact.PDB_ins_code_1    ? 
_pdbx_validate_symm_contact.label_alt_id_1    ? 
_pdbx_validate_symm_contact.site_symmetry_1   1_555 
_pdbx_validate_symm_contact.auth_atom_id_2    O 
_pdbx_validate_symm_contact.auth_asym_id_2    A 
_pdbx_validate_symm_contact.auth_comp_id_2    HOH 
_pdbx_validate_symm_contact.auth_seq_id_2     446 
_pdbx_validate_symm_contact.PDB_ins_code_2    ? 
_pdbx_validate_symm_contact.label_alt_id_2    ? 
_pdbx_validate_symm_contact.site_symmetry_2   6_555 
_pdbx_validate_symm_contact.dist              1.55 
# 
loop_
_pdbx_validate_rmsd_bond.id 
_pdbx_validate_rmsd_bond.PDB_model_num 
_pdbx_validate_rmsd_bond.auth_atom_id_1 
_pdbx_validate_rmsd_bond.auth_asym_id_1 
_pdbx_validate_rmsd_bond.auth_comp_id_1 
_pdbx_validate_rmsd_bond.auth_seq_id_1 
_pdbx_validate_rmsd_bond.PDB_ins_code_1 
_pdbx_validate_rmsd_bond.label_alt_id_1 
_pdbx_validate_rmsd_bond.auth_atom_id_2 
_pdbx_validate_rmsd_bond.auth_asym_id_2 
_pdbx_validate_rmsd_bond.auth_comp_id_2 
_pdbx_validate_rmsd_bond.auth_seq_id_2 
_pdbx_validate_rmsd_bond.PDB_ins_code_2 
_pdbx_validate_rmsd_bond.label_alt_id_2 
_pdbx_validate_rmsd_bond.bond_value 
_pdbx_validate_rmsd_bond.bond_target_value 
_pdbx_validate_rmsd_bond.bond_deviation 
_pdbx_validate_rmsd_bond.bond_standard_deviation 
_pdbx_validate_rmsd_bond.linker_flag 
1 1 CD A GLU 153 ? ? OE2 A GLU 153 ? ? 1.324 1.252 0.072 0.011 N 
2 1 CD A GLU 161 ? ? OE2 A GLU 161 ? ? 1.319 1.252 0.067 0.011 N 
3 1 CD A GLU 204 ? ? OE2 A GLU 204 ? ? 1.320 1.252 0.068 0.011 N 
# 
loop_
_pdbx_validate_rmsd_angle.id 
_pdbx_validate_rmsd_angle.PDB_model_num 
_pdbx_validate_rmsd_angle.auth_atom_id_1 
_pdbx_validate_rmsd_angle.auth_asym_id_1 
_pdbx_validate_rmsd_angle.auth_comp_id_1 
_pdbx_validate_rmsd_angle.auth_seq_id_1 
_pdbx_validate_rmsd_angle.PDB_ins_code_1 
_pdbx_validate_rmsd_angle.label_alt_id_1 
_pdbx_validate_rmsd_angle.auth_atom_id_2 
_pdbx_validate_rmsd_angle.auth_asym_id_2 
_pdbx_validate_rmsd_angle.auth_comp_id_2 
_pdbx_validate_rmsd_angle.auth_seq_id_2 
_pdbx_validate_rmsd_angle.PDB_ins_code_2 
_pdbx_validate_rmsd_angle.label_alt_id_2 
_pdbx_validate_rmsd_angle.auth_atom_id_3 
_pdbx_validate_rmsd_angle.auth_asym_id_3 
_pdbx_validate_rmsd_angle.auth_comp_id_3 
_pdbx_validate_rmsd_angle.auth_seq_id_3 
_pdbx_validate_rmsd_angle.PDB_ins_code_3 
_pdbx_validate_rmsd_angle.label_alt_id_3 
_pdbx_validate_rmsd_angle.angle_value 
_pdbx_validate_rmsd_angle.angle_target_value 
_pdbx_validate_rmsd_angle.angle_deviation 
_pdbx_validate_rmsd_angle.angle_standard_deviation 
_pdbx_validate_rmsd_angle.linker_flag 
1  1 N  A ARG 100 ? ? CA A ARG 100 ? ? CB  A ARG 100 ? ? 123.47 110.60 12.87 1.80 N 
2  1 CB A ASP 119 ? ? CG A ASP 119 ? ? OD2 A ASP 119 ? ? 112.11 118.30 -6.19 0.90 N 
3  1 NE A ARG 127 ? ? CZ A ARG 127 ? ? NH1 A ARG 127 ? ? 125.86 120.30 5.56  0.50 N 
4  1 NE A ARG 127 ? ? CZ A ARG 127 ? ? NH2 A ARG 127 ? ? 116.07 120.30 -4.23 0.50 N 
5  1 CB A ASP 137 ? A CG A ASP 137 ? A OD2 A ASP 137 ? A 112.70 118.30 -5.60 0.90 N 
6  1 CB A ASP 137 ? B CG A ASP 137 ? B OD2 A ASP 137 ? B 112.66 118.30 -5.64 0.90 N 
7  1 CB A ASP 142 ? ? CG A ASP 142 ? ? OD1 A ASP 142 ? ? 123.91 118.30 5.61  0.90 N 
8  1 CB A ASP 148 ? ? CG A ASP 148 ? ? OD2 A ASP 148 ? ? 112.70 118.30 -5.60 0.90 N 
9  1 CB A ASP 154 ? A CG A ASP 154 ? A OD1 A ASP 154 ? A 124.29 118.30 5.99  0.90 N 
10 1 CB A ASP 154 ? B CG A ASP 154 ? B OD2 A ASP 154 ? B 112.27 118.30 -6.03 0.90 N 
11 1 NE A ARG 159 ? ? CZ A ARG 159 ? ? NH1 A ARG 159 ? ? 123.85 120.30 3.55  0.50 N 
# 
loop_
_pdbx_validate_torsion.id 
_pdbx_validate_torsion.PDB_model_num 
_pdbx_validate_torsion.auth_comp_id 
_pdbx_validate_torsion.auth_asym_id 
_pdbx_validate_torsion.auth_seq_id 
_pdbx_validate_torsion.PDB_ins_code 
_pdbx_validate_torsion.label_alt_id 
_pdbx_validate_torsion.phi 
_pdbx_validate_torsion.psi 
1 1 VAL A 101 ? ? -37.76  146.40  
2 1 ASP A 148 ? ? -66.80  1.84    
3 1 CYS A 196 ? ? -171.68 -177.40 
4 1 SER A 212 ? ? -118.99 74.42   
# 
_pdbx_struct_special_symmetry.id              1 
_pdbx_struct_special_symmetry.PDB_model_num   1 
_pdbx_struct_special_symmetry.auth_asym_id    A 
_pdbx_struct_special_symmetry.auth_comp_id    HOH 
_pdbx_struct_special_symmetry.auth_seq_id     624 
_pdbx_struct_special_symmetry.PDB_ins_code    ? 
_pdbx_struct_special_symmetry.label_asym_id   C 
_pdbx_struct_special_symmetry.label_comp_id   HOH 
_pdbx_struct_special_symmetry.label_seq_id    . 
# 
loop_
_pdbx_unobs_or_zero_occ_residues.id 
_pdbx_unobs_or_zero_occ_residues.PDB_model_num 
_pdbx_unobs_or_zero_occ_residues.polymer_flag 
_pdbx_unobs_or_zero_occ_residues.occupancy_flag 
_pdbx_unobs_or_zero_occ_residues.auth_asym_id 
_pdbx_unobs_or_zero_occ_residues.auth_comp_id 
_pdbx_unobs_or_zero_occ_residues.auth_seq_id 
_pdbx_unobs_or_zero_occ_residues.PDB_ins_code 
_pdbx_unobs_or_zero_occ_residues.label_asym_id 
_pdbx_unobs_or_zero_occ_residues.label_comp_id 
_pdbx_unobs_or_zero_occ_residues.label_seq_id 
1  1 Y 1 A GLY 222 ? A GLY 124 
2  1 Y 1 A VAL 223 ? A VAL 125 
3  1 Y 1 A SER 224 ? A SER 126 
4  1 Y 1 A ALA 225 ? A ALA 127 
5  1 Y 1 A GLU 226 ? A GLU 128 
6  1 Y 1 A GLU 227 ? A GLU 129 
7  1 Y 1 A ARG 228 ? A ARG 130 
8  1 Y 1 A VAL 229 ? A VAL 131 
9  1 Y 1 A ARG 230 ? A ARG 132 
10 1 Y 1 A PHE 231 ? A PHE 133 
11 1 Y 1 A SER 232 ? A SER 134 
12 1 Y 1 A VAL 233 ? A VAL 135 
13 1 Y 1 A SER 234 ? A SER 136 
14 1 Y 1 A ASP 235 ? A ASP 137 
15 1 Y 1 A ASP 236 ? A ASP 138 
16 1 Y 1 A GLU 237 ? A GLU 139 
17 1 Y 1 A ASP 238 ? A ASP 140 
18 1 Y 1 A GLU 239 ? A GLU 141 
19 1 Y 1 A ALA 240 ? A ALA 142 
20 1 Y 1 A ALA 241 ? A ALA 143 
21 1 Y 1 A ARG 242 ? A ARG 144 
22 1 Y 1 A ALA 243 ? A ALA 145 
# 
loop_
_chem_comp_atom.comp_id 
_chem_comp_atom.atom_id 
_chem_comp_atom.type_symbol 
_chem_comp_atom.pdbx_aromatic_flag 
_chem_comp_atom.pdbx_stereo_config 
_chem_comp_atom.pdbx_ordinal 
ALA N    N N N 1   
ALA CA   C N S 2   
ALA C    C N N 3   
ALA O    O N N 4   
ALA CB   C N N 5   
ALA OXT  O N N 6   
ALA H    H N N 7   
ALA H2   H N N 8   
ALA HA   H N N 9   
ALA HB1  H N N 10  
ALA HB2  H N N 11  
ALA HB3  H N N 12  
ALA HXT  H N N 13  
ARG N    N N N 14  
ARG CA   C N S 15  
ARG C    C N N 16  
ARG O    O N N 17  
ARG CB   C N N 18  
ARG CG   C N N 19  
ARG CD   C N N 20  
ARG NE   N N N 21  
ARG CZ   C N N 22  
ARG NH1  N N N 23  
ARG NH2  N N N 24  
ARG OXT  O N N 25  
ARG H    H N N 26  
ARG H2   H N N 27  
ARG HA   H N N 28  
ARG HB2  H N N 29  
ARG HB3  H N N 30  
ARG HG2  H N N 31  
ARG HG3  H N N 32  
ARG HD2  H N N 33  
ARG HD3  H N N 34  
ARG HE   H N N 35  
ARG HH11 H N N 36  
ARG HH12 H N N 37  
ARG HH21 H N N 38  
ARG HH22 H N N 39  
ARG HXT  H N N 40  
ASN N    N N N 41  
ASN CA   C N S 42  
ASN C    C N N 43  
ASN O    O N N 44  
ASN CB   C N N 45  
ASN CG   C N N 46  
ASN OD1  O N N 47  
ASN ND2  N N N 48  
ASN OXT  O N N 49  
ASN H    H N N 50  
ASN H2   H N N 51  
ASN HA   H N N 52  
ASN HB2  H N N 53  
ASN HB3  H N N 54  
ASN HD21 H N N 55  
ASN HD22 H N N 56  
ASN HXT  H N N 57  
ASP N    N N N 58  
ASP CA   C N S 59  
ASP C    C N N 60  
ASP O    O N N 61  
ASP CB   C N N 62  
ASP CG   C N N 63  
ASP OD1  O N N 64  
ASP OD2  O N N 65  
ASP OXT  O N N 66  
ASP H    H N N 67  
ASP H2   H N N 68  
ASP HA   H N N 69  
ASP HB2  H N N 70  
ASP HB3  H N N 71  
ASP HD2  H N N 72  
ASP HXT  H N N 73  
CYS N    N N N 74  
CYS CA   C N R 75  
CYS C    C N N 76  
CYS O    O N N 77  
CYS CB   C N N 78  
CYS SG   S N N 79  
CYS OXT  O N N 80  
CYS H    H N N 81  
CYS H2   H N N 82  
CYS HA   H N N 83  
CYS HB2  H N N 84  
CYS HB3  H N N 85  
CYS HG   H N N 86  
CYS HXT  H N N 87  
EDO C1   C N N 88  
EDO O1   O N N 89  
EDO C2   C N N 90  
EDO O2   O N N 91  
EDO H11  H N N 92  
EDO H12  H N N 93  
EDO HO1  H N N 94  
EDO H21  H N N 95  
EDO H22  H N N 96  
EDO HO2  H N N 97  
GLN N    N N N 98  
GLN CA   C N S 99  
GLN C    C N N 100 
GLN O    O N N 101 
GLN CB   C N N 102 
GLN CG   C N N 103 
GLN CD   C N N 104 
GLN OE1  O N N 105 
GLN NE2  N N N 106 
GLN OXT  O N N 107 
GLN H    H N N 108 
GLN H2   H N N 109 
GLN HA   H N N 110 
GLN HB2  H N N 111 
GLN HB3  H N N 112 
GLN HG2  H N N 113 
GLN HG3  H N N 114 
GLN HE21 H N N 115 
GLN HE22 H N N 116 
GLN HXT  H N N 117 
GLU N    N N N 118 
GLU CA   C N S 119 
GLU C    C N N 120 
GLU O    O N N 121 
GLU CB   C N N 122 
GLU CG   C N N 123 
GLU CD   C N N 124 
GLU OE1  O N N 125 
GLU OE2  O N N 126 
GLU OXT  O N N 127 
GLU H    H N N 128 
GLU H2   H N N 129 
GLU HA   H N N 130 
GLU HB2  H N N 131 
GLU HB3  H N N 132 
GLU HG2  H N N 133 
GLU HG3  H N N 134 
GLU HE2  H N N 135 
GLU HXT  H N N 136 
GLY N    N N N 137 
GLY CA   C N N 138 
GLY C    C N N 139 
GLY O    O N N 140 
GLY OXT  O N N 141 
GLY H    H N N 142 
GLY H2   H N N 143 
GLY HA2  H N N 144 
GLY HA3  H N N 145 
GLY HXT  H N N 146 
HIS N    N N N 147 
HIS CA   C N S 148 
HIS C    C N N 149 
HIS O    O N N 150 
HIS CB   C N N 151 
HIS CG   C Y N 152 
HIS ND1  N Y N 153 
HIS CD2  C Y N 154 
HIS CE1  C Y N 155 
HIS NE2  N Y N 156 
HIS OXT  O N N 157 
HIS H    H N N 158 
HIS H2   H N N 159 
HIS HA   H N N 160 
HIS HB2  H N N 161 
HIS HB3  H N N 162 
HIS HD1  H N N 163 
HIS HD2  H N N 164 
HIS HE1  H N N 165 
HIS HE2  H N N 166 
HIS HXT  H N N 167 
HOH O    O N N 168 
HOH H1   H N N 169 
HOH H2   H N N 170 
ILE N    N N N 171 
ILE CA   C N S 172 
ILE C    C N N 173 
ILE O    O N N 174 
ILE CB   C N S 175 
ILE CG1  C N N 176 
ILE CG2  C N N 177 
ILE CD1  C N N 178 
ILE OXT  O N N 179 
ILE H    H N N 180 
ILE H2   H N N 181 
ILE HA   H N N 182 
ILE HB   H N N 183 
ILE HG12 H N N 184 
ILE HG13 H N N 185 
ILE HG21 H N N 186 
ILE HG22 H N N 187 
ILE HG23 H N N 188 
ILE HD11 H N N 189 
ILE HD12 H N N 190 
ILE HD13 H N N 191 
ILE HXT  H N N 192 
LEU N    N N N 193 
LEU CA   C N S 194 
LEU C    C N N 195 
LEU O    O N N 196 
LEU CB   C N N 197 
LEU CG   C N N 198 
LEU CD1  C N N 199 
LEU CD2  C N N 200 
LEU OXT  O N N 201 
LEU H    H N N 202 
LEU H2   H N N 203 
LEU HA   H N N 204 
LEU HB2  H N N 205 
LEU HB3  H N N 206 
LEU HG   H N N 207 
LEU HD11 H N N 208 
LEU HD12 H N N 209 
LEU HD13 H N N 210 
LEU HD21 H N N 211 
LEU HD22 H N N 212 
LEU HD23 H N N 213 
LEU HXT  H N N 214 
LYS N    N N N 215 
LYS CA   C N S 216 
LYS C    C N N 217 
LYS O    O N N 218 
LYS CB   C N N 219 
LYS CG   C N N 220 
LYS CD   C N N 221 
LYS CE   C N N 222 
LYS NZ   N N N 223 
LYS OXT  O N N 224 
LYS H    H N N 225 
LYS H2   H N N 226 
LYS HA   H N N 227 
LYS HB2  H N N 228 
LYS HB3  H N N 229 
LYS HG2  H N N 230 
LYS HG3  H N N 231 
LYS HD2  H N N 232 
LYS HD3  H N N 233 
LYS HE2  H N N 234 
LYS HE3  H N N 235 
LYS HZ1  H N N 236 
LYS HZ2  H N N 237 
LYS HZ3  H N N 238 
LYS HXT  H N N 239 
MET N    N N N 240 
MET CA   C N S 241 
MET C    C N N 242 
MET O    O N N 243 
MET CB   C N N 244 
MET CG   C N N 245 
MET SD   S N N 246 
MET CE   C N N 247 
MET OXT  O N N 248 
MET H    H N N 249 
MET H2   H N N 250 
MET HA   H N N 251 
MET HB2  H N N 252 
MET HB3  H N N 253 
MET HG2  H N N 254 
MET HG3  H N N 255 
MET HE1  H N N 256 
MET HE2  H N N 257 
MET HE3  H N N 258 
MET HXT  H N N 259 
PHE N    N N N 260 
PHE CA   C N S 261 
PHE C    C N N 262 
PHE O    O N N 263 
PHE CB   C N N 264 
PHE CG   C Y N 265 
PHE CD1  C Y N 266 
PHE CD2  C Y N 267 
PHE CE1  C Y N 268 
PHE CE2  C Y N 269 
PHE CZ   C Y N 270 
PHE OXT  O N N 271 
PHE H    H N N 272 
PHE H2   H N N 273 
PHE HA   H N N 274 
PHE HB2  H N N 275 
PHE HB3  H N N 276 
PHE HD1  H N N 277 
PHE HD2  H N N 278 
PHE HE1  H N N 279 
PHE HE2  H N N 280 
PHE HZ   H N N 281 
PHE HXT  H N N 282 
PRO N    N N N 283 
PRO CA   C N S 284 
PRO C    C N N 285 
PRO O    O N N 286 
PRO CB   C N N 287 
PRO CG   C N N 288 
PRO CD   C N N 289 
PRO OXT  O N N 290 
PRO H    H N N 291 
PRO HA   H N N 292 
PRO HB2  H N N 293 
PRO HB3  H N N 294 
PRO HG2  H N N 295 
PRO HG3  H N N 296 
PRO HD2  H N N 297 
PRO HD3  H N N 298 
PRO HXT  H N N 299 
SER N    N N N 300 
SER CA   C N S 301 
SER C    C N N 302 
SER O    O N N 303 
SER CB   C N N 304 
SER OG   O N N 305 
SER OXT  O N N 306 
SER H    H N N 307 
SER H2   H N N 308 
SER HA   H N N 309 
SER HB2  H N N 310 
SER HB3  H N N 311 
SER HG   H N N 312 
SER HXT  H N N 313 
THR N    N N N 314 
THR CA   C N S 315 
THR C    C N N 316 
THR O    O N N 317 
THR CB   C N R 318 
THR OG1  O N N 319 
THR CG2  C N N 320 
THR OXT  O N N 321 
THR H    H N N 322 
THR H2   H N N 323 
THR HA   H N N 324 
THR HB   H N N 325 
THR HG1  H N N 326 
THR HG21 H N N 327 
THR HG22 H N N 328 
THR HG23 H N N 329 
THR HXT  H N N 330 
TRP N    N N N 331 
TRP CA   C N S 332 
TRP C    C N N 333 
TRP O    O N N 334 
TRP CB   C N N 335 
TRP CG   C Y N 336 
TRP CD1  C Y N 337 
TRP CD2  C Y N 338 
TRP NE1  N Y N 339 
TRP CE2  C Y N 340 
TRP CE3  C Y N 341 
TRP CZ2  C Y N 342 
TRP CZ3  C Y N 343 
TRP CH2  C Y N 344 
TRP OXT  O N N 345 
TRP H    H N N 346 
TRP H2   H N N 347 
TRP HA   H N N 348 
TRP HB2  H N N 349 
TRP HB3  H N N 350 
TRP HD1  H N N 351 
TRP HE1  H N N 352 
TRP HE3  H N N 353 
TRP HZ2  H N N 354 
TRP HZ3  H N N 355 
TRP HH2  H N N 356 
TRP HXT  H N N 357 
TYR N    N N N 358 
TYR CA   C N S 359 
TYR C    C N N 360 
TYR O    O N N 361 
TYR CB   C N N 362 
TYR CG   C Y N 363 
TYR CD1  C Y N 364 
TYR CD2  C Y N 365 
TYR CE1  C Y N 366 
TYR CE2  C Y N 367 
TYR CZ   C Y N 368 
TYR OH   O N N 369 
TYR OXT  O N N 370 
TYR H    H N N 371 
TYR H2   H N N 372 
TYR HA   H N N 373 
TYR HB2  H N N 374 
TYR HB3  H N N 375 
TYR HD1  H N N 376 
TYR HD2  H N N 377 
TYR HE1  H N N 378 
TYR HE2  H N N 379 
TYR HH   H N N 380 
TYR HXT  H N N 381 
VAL N    N N N 382 
VAL CA   C N S 383 
VAL C    C N N 384 
VAL O    O N N 385 
VAL CB   C N N 386 
VAL CG1  C N N 387 
VAL CG2  C N N 388 
VAL OXT  O N N 389 
VAL H    H N N 390 
VAL H2   H N N 391 
VAL HA   H N N 392 
VAL HB   H N N 393 
VAL HG11 H N N 394 
VAL HG12 H N N 395 
VAL HG13 H N N 396 
VAL HG21 H N N 397 
VAL HG22 H N N 398 
VAL HG23 H N N 399 
VAL HXT  H N N 400 
# 
loop_
_chem_comp_bond.comp_id 
_chem_comp_bond.atom_id_1 
_chem_comp_bond.atom_id_2 
_chem_comp_bond.value_order 
_chem_comp_bond.pdbx_aromatic_flag 
_chem_comp_bond.pdbx_stereo_config 
_chem_comp_bond.pdbx_ordinal 
ALA N   CA   sing N N 1   
ALA N   H    sing N N 2   
ALA N   H2   sing N N 3   
ALA CA  C    sing N N 4   
ALA CA  CB   sing N N 5   
ALA CA  HA   sing N N 6   
ALA C   O    doub N N 7   
ALA C   OXT  sing N N 8   
ALA CB  HB1  sing N N 9   
ALA CB  HB2  sing N N 10  
ALA CB  HB3  sing N N 11  
ALA OXT HXT  sing N N 12  
ARG N   CA   sing N N 13  
ARG N   H    sing N N 14  
ARG N   H2   sing N N 15  
ARG CA  C    sing N N 16  
ARG CA  CB   sing N N 17  
ARG CA  HA   sing N N 18  
ARG C   O    doub N N 19  
ARG C   OXT  sing N N 20  
ARG CB  CG   sing N N 21  
ARG CB  HB2  sing N N 22  
ARG CB  HB3  sing N N 23  
ARG CG  CD   sing N N 24  
ARG CG  HG2  sing N N 25  
ARG CG  HG3  sing N N 26  
ARG CD  NE   sing N N 27  
ARG CD  HD2  sing N N 28  
ARG CD  HD3  sing N N 29  
ARG NE  CZ   sing N N 30  
ARG NE  HE   sing N N 31  
ARG CZ  NH1  sing N N 32  
ARG CZ  NH2  doub N N 33  
ARG NH1 HH11 sing N N 34  
ARG NH1 HH12 sing N N 35  
ARG NH2 HH21 sing N N 36  
ARG NH2 HH22 sing N N 37  
ARG OXT HXT  sing N N 38  
ASN N   CA   sing N N 39  
ASN N   H    sing N N 40  
ASN N   H2   sing N N 41  
ASN CA  C    sing N N 42  
ASN CA  CB   sing N N 43  
ASN CA  HA   sing N N 44  
ASN C   O    doub N N 45  
ASN C   OXT  sing N N 46  
ASN CB  CG   sing N N 47  
ASN CB  HB2  sing N N 48  
ASN CB  HB3  sing N N 49  
ASN CG  OD1  doub N N 50  
ASN CG  ND2  sing N N 51  
ASN ND2 HD21 sing N N 52  
ASN ND2 HD22 sing N N 53  
ASN OXT HXT  sing N N 54  
ASP N   CA   sing N N 55  
ASP N   H    sing N N 56  
ASP N   H2   sing N N 57  
ASP CA  C    sing N N 58  
ASP CA  CB   sing N N 59  
ASP CA  HA   sing N N 60  
ASP C   O    doub N N 61  
ASP C   OXT  sing N N 62  
ASP CB  CG   sing N N 63  
ASP CB  HB2  sing N N 64  
ASP CB  HB3  sing N N 65  
ASP CG  OD1  doub N N 66  
ASP CG  OD2  sing N N 67  
ASP OD2 HD2  sing N N 68  
ASP OXT HXT  sing N N 69  
CYS N   CA   sing N N 70  
CYS N   H    sing N N 71  
CYS N   H2   sing N N 72  
CYS CA  C    sing N N 73  
CYS CA  CB   sing N N 74  
CYS CA  HA   sing N N 75  
CYS C   O    doub N N 76  
CYS C   OXT  sing N N 77  
CYS CB  SG   sing N N 78  
CYS CB  HB2  sing N N 79  
CYS CB  HB3  sing N N 80  
CYS SG  HG   sing N N 81  
CYS OXT HXT  sing N N 82  
EDO C1  O1   sing N N 83  
EDO C1  C2   sing N N 84  
EDO C1  H11  sing N N 85  
EDO C1  H12  sing N N 86  
EDO O1  HO1  sing N N 87  
EDO C2  O2   sing N N 88  
EDO C2  H21  sing N N 89  
EDO C2  H22  sing N N 90  
EDO O2  HO2  sing N N 91  
GLN N   CA   sing N N 92  
GLN N   H    sing N N 93  
GLN N   H2   sing N N 94  
GLN CA  C    sing N N 95  
GLN CA  CB   sing N N 96  
GLN CA  HA   sing N N 97  
GLN C   O    doub N N 98  
GLN C   OXT  sing N N 99  
GLN CB  CG   sing N N 100 
GLN CB  HB2  sing N N 101 
GLN CB  HB3  sing N N 102 
GLN CG  CD   sing N N 103 
GLN CG  HG2  sing N N 104 
GLN CG  HG3  sing N N 105 
GLN CD  OE1  doub N N 106 
GLN CD  NE2  sing N N 107 
GLN NE2 HE21 sing N N 108 
GLN NE2 HE22 sing N N 109 
GLN OXT HXT  sing N N 110 
GLU N   CA   sing N N 111 
GLU N   H    sing N N 112 
GLU N   H2   sing N N 113 
GLU CA  C    sing N N 114 
GLU CA  CB   sing N N 115 
GLU CA  HA   sing N N 116 
GLU C   O    doub N N 117 
GLU C   OXT  sing N N 118 
GLU CB  CG   sing N N 119 
GLU CB  HB2  sing N N 120 
GLU CB  HB3  sing N N 121 
GLU CG  CD   sing N N 122 
GLU CG  HG2  sing N N 123 
GLU CG  HG3  sing N N 124 
GLU CD  OE1  doub N N 125 
GLU CD  OE2  sing N N 126 
GLU OE2 HE2  sing N N 127 
GLU OXT HXT  sing N N 128 
GLY N   CA   sing N N 129 
GLY N   H    sing N N 130 
GLY N   H2   sing N N 131 
GLY CA  C    sing N N 132 
GLY CA  HA2  sing N N 133 
GLY CA  HA3  sing N N 134 
GLY C   O    doub N N 135 
GLY C   OXT  sing N N 136 
GLY OXT HXT  sing N N 137 
HIS N   CA   sing N N 138 
HIS N   H    sing N N 139 
HIS N   H2   sing N N 140 
HIS CA  C    sing N N 141 
HIS CA  CB   sing N N 142 
HIS CA  HA   sing N N 143 
HIS C   O    doub N N 144 
HIS C   OXT  sing N N 145 
HIS CB  CG   sing N N 146 
HIS CB  HB2  sing N N 147 
HIS CB  HB3  sing N N 148 
HIS CG  ND1  sing Y N 149 
HIS CG  CD2  doub Y N 150 
HIS ND1 CE1  doub Y N 151 
HIS ND1 HD1  sing N N 152 
HIS CD2 NE2  sing Y N 153 
HIS CD2 HD2  sing N N 154 
HIS CE1 NE2  sing Y N 155 
HIS CE1 HE1  sing N N 156 
HIS NE2 HE2  sing N N 157 
HIS OXT HXT  sing N N 158 
HOH O   H1   sing N N 159 
HOH O   H2   sing N N 160 
ILE N   CA   sing N N 161 
ILE N   H    sing N N 162 
ILE N   H2   sing N N 163 
ILE CA  C    sing N N 164 
ILE CA  CB   sing N N 165 
ILE CA  HA   sing N N 166 
ILE C   O    doub N N 167 
ILE C   OXT  sing N N 168 
ILE CB  CG1  sing N N 169 
ILE CB  CG2  sing N N 170 
ILE CB  HB   sing N N 171 
ILE CG1 CD1  sing N N 172 
ILE CG1 HG12 sing N N 173 
ILE CG1 HG13 sing N N 174 
ILE CG2 HG21 sing N N 175 
ILE CG2 HG22 sing N N 176 
ILE CG2 HG23 sing N N 177 
ILE CD1 HD11 sing N N 178 
ILE CD1 HD12 sing N N 179 
ILE CD1 HD13 sing N N 180 
ILE OXT HXT  sing N N 181 
LEU N   CA   sing N N 182 
LEU N   H    sing N N 183 
LEU N   H2   sing N N 184 
LEU CA  C    sing N N 185 
LEU CA  CB   sing N N 186 
LEU CA  HA   sing N N 187 
LEU C   O    doub N N 188 
LEU C   OXT  sing N N 189 
LEU CB  CG   sing N N 190 
LEU CB  HB2  sing N N 191 
LEU CB  HB3  sing N N 192 
LEU CG  CD1  sing N N 193 
LEU CG  CD2  sing N N 194 
LEU CG  HG   sing N N 195 
LEU CD1 HD11 sing N N 196 
LEU CD1 HD12 sing N N 197 
LEU CD1 HD13 sing N N 198 
LEU CD2 HD21 sing N N 199 
LEU CD2 HD22 sing N N 200 
LEU CD2 HD23 sing N N 201 
LEU OXT HXT  sing N N 202 
LYS N   CA   sing N N 203 
LYS N   H    sing N N 204 
LYS N   H2   sing N N 205 
LYS CA  C    sing N N 206 
LYS CA  CB   sing N N 207 
LYS CA  HA   sing N N 208 
LYS C   O    doub N N 209 
LYS C   OXT  sing N N 210 
LYS CB  CG   sing N N 211 
LYS CB  HB2  sing N N 212 
LYS CB  HB3  sing N N 213 
LYS CG  CD   sing N N 214 
LYS CG  HG2  sing N N 215 
LYS CG  HG3  sing N N 216 
LYS CD  CE   sing N N 217 
LYS CD  HD2  sing N N 218 
LYS CD  HD3  sing N N 219 
LYS CE  NZ   sing N N 220 
LYS CE  HE2  sing N N 221 
LYS CE  HE3  sing N N 222 
LYS NZ  HZ1  sing N N 223 
LYS NZ  HZ2  sing N N 224 
LYS NZ  HZ3  sing N N 225 
LYS OXT HXT  sing N N 226 
MET N   CA   sing N N 227 
MET N   H    sing N N 228 
MET N   H2   sing N N 229 
MET CA  C    sing N N 230 
MET CA  CB   sing N N 231 
MET CA  HA   sing N N 232 
MET C   O    doub N N 233 
MET C   OXT  sing N N 234 
MET CB  CG   sing N N 235 
MET CB  HB2  sing N N 236 
MET CB  HB3  sing N N 237 
MET CG  SD   sing N N 238 
MET CG  HG2  sing N N 239 
MET CG  HG3  sing N N 240 
MET SD  CE   sing N N 241 
MET CE  HE1  sing N N 242 
MET CE  HE2  sing N N 243 
MET CE  HE3  sing N N 244 
MET OXT HXT  sing N N 245 
PHE N   CA   sing N N 246 
PHE N   H    sing N N 247 
PHE N   H2   sing N N 248 
PHE CA  C    sing N N 249 
PHE CA  CB   sing N N 250 
PHE CA  HA   sing N N 251 
PHE C   O    doub N N 252 
PHE C   OXT  sing N N 253 
PHE CB  CG   sing N N 254 
PHE CB  HB2  sing N N 255 
PHE CB  HB3  sing N N 256 
PHE CG  CD1  doub Y N 257 
PHE CG  CD2  sing Y N 258 
PHE CD1 CE1  sing Y N 259 
PHE CD1 HD1  sing N N 260 
PHE CD2 CE2  doub Y N 261 
PHE CD2 HD2  sing N N 262 
PHE CE1 CZ   doub Y N 263 
PHE CE1 HE1  sing N N 264 
PHE CE2 CZ   sing Y N 265 
PHE CE2 HE2  sing N N 266 
PHE CZ  HZ   sing N N 267 
PHE OXT HXT  sing N N 268 
PRO N   CA   sing N N 269 
PRO N   CD   sing N N 270 
PRO N   H    sing N N 271 
PRO CA  C    sing N N 272 
PRO CA  CB   sing N N 273 
PRO CA  HA   sing N N 274 
PRO C   O    doub N N 275 
PRO C   OXT  sing N N 276 
PRO CB  CG   sing N N 277 
PRO CB  HB2  sing N N 278 
PRO CB  HB3  sing N N 279 
PRO CG  CD   sing N N 280 
PRO CG  HG2  sing N N 281 
PRO CG  HG3  sing N N 282 
PRO CD  HD2  sing N N 283 
PRO CD  HD3  sing N N 284 
PRO OXT HXT  sing N N 285 
SER N   CA   sing N N 286 
SER N   H    sing N N 287 
SER N   H2   sing N N 288 
SER CA  C    sing N N 289 
SER CA  CB   sing N N 290 
SER CA  HA   sing N N 291 
SER C   O    doub N N 292 
SER C   OXT  sing N N 293 
SER CB  OG   sing N N 294 
SER CB  HB2  sing N N 295 
SER CB  HB3  sing N N 296 
SER OG  HG   sing N N 297 
SER OXT HXT  sing N N 298 
THR N   CA   sing N N 299 
THR N   H    sing N N 300 
THR N   H2   sing N N 301 
THR CA  C    sing N N 302 
THR CA  CB   sing N N 303 
THR CA  HA   sing N N 304 
THR C   O    doub N N 305 
THR C   OXT  sing N N 306 
THR CB  OG1  sing N N 307 
THR CB  CG2  sing N N 308 
THR CB  HB   sing N N 309 
THR OG1 HG1  sing N N 310 
THR CG2 HG21 sing N N 311 
THR CG2 HG22 sing N N 312 
THR CG2 HG23 sing N N 313 
THR OXT HXT  sing N N 314 
TRP N   CA   sing N N 315 
TRP N   H    sing N N 316 
TRP N   H2   sing N N 317 
TRP CA  C    sing N N 318 
TRP CA  CB   sing N N 319 
TRP CA  HA   sing N N 320 
TRP C   O    doub N N 321 
TRP C   OXT  sing N N 322 
TRP CB  CG   sing N N 323 
TRP CB  HB2  sing N N 324 
TRP CB  HB3  sing N N 325 
TRP CG  CD1  doub Y N 326 
TRP CG  CD2  sing Y N 327 
TRP CD1 NE1  sing Y N 328 
TRP CD1 HD1  sing N N 329 
TRP CD2 CE2  doub Y N 330 
TRP CD2 CE3  sing Y N 331 
TRP NE1 CE2  sing Y N 332 
TRP NE1 HE1  sing N N 333 
TRP CE2 CZ2  sing Y N 334 
TRP CE3 CZ3  doub Y N 335 
TRP CE3 HE3  sing N N 336 
TRP CZ2 CH2  doub Y N 337 
TRP CZ2 HZ2  sing N N 338 
TRP CZ3 CH2  sing Y N 339 
TRP CZ3 HZ3  sing N N 340 
TRP CH2 HH2  sing N N 341 
TRP OXT HXT  sing N N 342 
TYR N   CA   sing N N 343 
TYR N   H    sing N N 344 
TYR N   H2   sing N N 345 
TYR CA  C    sing N N 346 
TYR CA  CB   sing N N 347 
TYR CA  HA   sing N N 348 
TYR C   O    doub N N 349 
TYR C   OXT  sing N N 350 
TYR CB  CG   sing N N 351 
TYR CB  HB2  sing N N 352 
TYR CB  HB3  sing N N 353 
TYR CG  CD1  doub Y N 354 
TYR CG  CD2  sing Y N 355 
TYR CD1 CE1  sing Y N 356 
TYR CD1 HD1  sing N N 357 
TYR CD2 CE2  doub Y N 358 
TYR CD2 HD2  sing N N 359 
TYR CE1 CZ   doub Y N 360 
TYR CE1 HE1  sing N N 361 
TYR CE2 CZ   sing Y N 362 
TYR CE2 HE2  sing N N 363 
TYR CZ  OH   sing N N 364 
TYR OH  HH   sing N N 365 
TYR OXT HXT  sing N N 366 
VAL N   CA   sing N N 367 
VAL N   H    sing N N 368 
VAL N   H2   sing N N 369 
VAL CA  C    sing N N 370 
VAL CA  CB   sing N N 371 
VAL CA  HA   sing N N 372 
VAL C   O    doub N N 373 
VAL C   OXT  sing N N 374 
VAL CB  CG1  sing N N 375 
VAL CB  CG2  sing N N 376 
VAL CB  HB   sing N N 377 
VAL CG1 HG11 sing N N 378 
VAL CG1 HG12 sing N N 379 
VAL CG1 HG13 sing N N 380 
VAL CG2 HG21 sing N N 381 
VAL CG2 HG22 sing N N 382 
VAL CG2 HG23 sing N N 383 
VAL OXT HXT  sing N N 384 
# 
_atom_sites.entry_id                    1P90 
_atom_sites.fract_transf_matrix[1][1]   0.00514877 
_atom_sites.fract_transf_matrix[1][2]   0.02262328 
_atom_sites.fract_transf_matrix[1][3]   -0.00353460 
_atom_sites.fract_transf_matrix[2][1]   -0.01715753 
_atom_sites.fract_transf_matrix[2][2]   0.01600789 
_atom_sites.fract_transf_matrix[2][3]   -0.00045541 
_atom_sites.fract_transf_matrix[3][1]   0.00097800 
_atom_sites.fract_transf_matrix[3][2]   0.00133116 
_atom_sites.fract_transf_matrix[3][3]   0.00994475 
_atom_sites.fract_transf_vector[1]      0.094042 
_atom_sites.fract_transf_vector[2]      0.567511 
_atom_sites.fract_transf_vector[3]      0.144426 
# 
loop_
_atom_type.symbol 
C 
N 
O 
S 
# 
loop_
_atom_site.group_PDB 
_atom_site.id 
_atom_site.type_symbol 
_atom_site.label_atom_id 
_atom_site.label_alt_id 
_atom_site.label_comp_id 
_atom_site.label_asym_id 
_atom_site.label_entity_id 
_atom_site.label_seq_id 
_atom_site.pdbx_PDB_ins_code 
_atom_site.Cartn_x 
_atom_site.Cartn_y 
_atom_site.Cartn_z 
_atom_site.occupancy 
_atom_site.B_iso_or_equiv 
_atom_site.pdbx_formal_charge 
_atom_site.auth_seq_id 
_atom_site.auth_comp_id 
_atom_site.auth_asym_id 
_atom_site.auth_atom_id 
_atom_site.pdbx_PDB_model_num 
ATOM   1    N N   . GLU A 1 1   ? -1.662  16.294  1.263   1.00 63.04  ? 99   GLU A N   1 
ATOM   2    C CA  . GLU A 1 1   ? -2.872  16.438  0.461   1.00 73.95  ? 99   GLU A CA  1 
ATOM   3    C C   . GLU A 1 1   ? -4.055  15.633  1.013   1.00 85.11  ? 99   GLU A C   1 
ATOM   4    O O   . GLU A 1 1   ? -3.885  14.557  1.584   1.00 95.92  ? 99   GLU A O   1 
ATOM   5    C CB  . GLU A 1 1   ? -2.637  16.128  -1.023  1.00 76.00  ? 99   GLU A CB  1 
ATOM   6    N N   . ARG A 1 2   ? -5.271  16.164  0.910   1.00 75.19  ? 100  ARG A N   1 
ATOM   7    C CA  . ARG A 1 2   ? -6.405  15.353  1.344   1.00 72.95  ? 100  ARG A CA  1 
ATOM   8    C C   . ARG A 1 2   ? -6.811  14.754  0.032   1.00 82.62  ? 100  ARG A C   1 
ATOM   9    O O   . ARG A 1 2   ? -7.238  15.482  -0.851  1.00 84.69  ? 100  ARG A O   1 
ATOM   10   C CB  . ARG A 1 2   ? -7.667  15.940  2.002   1.00 53.12  ? 100  ARG A CB  1 
ATOM   11   C CG  . ARG A 1 2   ? -8.584  14.748  2.368   1.00 64.76  ? 100  ARG A CG  1 
ATOM   12   C CD  . ARG A 1 2   ? -9.931  15.096  3.015   1.00 76.86  ? 100  ARG A CD  1 
ATOM   13   N NE  . ARG A 1 2   ? -10.758 13.904  3.258   1.00 53.75  ? 100  ARG A NE  1 
ATOM   14   C CZ  . ARG A 1 2   ? -12.078 13.920  3.543   1.00 89.14  ? 100  ARG A CZ  1 
ATOM   15   N NH1 . ARG A 1 2   ? -12.786 15.047  3.645   1.00 70.31  ? 100  ARG A NH1 1 
ATOM   16   N NH2 . ARG A 1 2   ? -12.734 12.774  3.761   1.00 44.15  ? 100  ARG A NH2 1 
ATOM   17   N N   . VAL A 1 3   ? -6.583  13.441  -0.095  1.00 78.05  ? 101  VAL A N   1 
ATOM   18   C CA  . VAL A 1 3   ? -6.904  12.779  -1.349  1.00 71.94  ? 101  VAL A CA  1 
ATOM   19   C C   . VAL A 1 3   ? -8.185  13.373  -1.903  1.00 71.86  ? 101  VAL A C   1 
ATOM   20   O O   . VAL A 1 3   ? -9.090  13.760  -1.147  1.00 73.27  ? 101  VAL A O   1 
ATOM   21   C CB  . VAL A 1 3   ? -6.987  11.246  -1.357  1.00 74.37  ? 101  VAL A CB  1 
ATOM   22   C CG1 . VAL A 1 3   ? -5.649  10.498  -1.445  1.00 71.76  ? 101  VAL A CG1 1 
ATOM   23   C CG2 . VAL A 1 3   ? -7.941  10.719  -0.288  1.00 75.74  ? 101  VAL A CG2 1 
ATOM   24   N N   . PRO A 1 4   ? -8.213  13.416  -3.246  1.00 48.84  ? 102  PRO A N   1 
ATOM   25   C CA  . PRO A 1 4   ? -9.366  13.912  -3.952  1.00 43.91  ? 102  PRO A CA  1 
ATOM   26   C C   . PRO A 1 4   ? -10.445 12.821  -4.017  1.00 43.59  ? 102  PRO A C   1 
ATOM   27   O O   . PRO A 1 4   ? -10.180 11.622  -4.107  1.00 40.47  ? 102  PRO A O   1 
ATOM   28   C CB  . PRO A 1 4   ? -8.896  14.219  -5.382  1.00 44.33  ? 102  PRO A CB  1 
ATOM   29   C CG  . PRO A 1 4   ? -7.403  13.914  -5.452  1.00 48.37  ? 102  PRO A CG  1 
ATOM   30   C CD  . PRO A 1 4   ? -6.984  13.395  -4.082  1.00 37.98  ? 102  PRO A CD  1 
ATOM   31   N N   . GLU A 1 5   ? -11.685 13.256  -3.873  1.00 40.58  ? 103  GLU A N   1 
ATOM   32   C CA  . GLU A 1 5   ? -12.772 12.295  -3.971  1.00 41.24  ? 103  GLU A CA  1 
ATOM   33   C C   . GLU A 1 5   ? -12.561 11.492  -5.263  1.00 52.47  ? 103  GLU A C   1 
ATOM   34   O O   . GLU A 1 5   ? -12.104 12.020  -6.280  1.00 49.98  ? 103  GLU A O   1 
ATOM   35   C CB  . GLU A 1 5   ? -14.113 13.047  -4.112  1.00 40.07  ? 103  GLU A CB  1 
ATOM   36   C CG  . GLU A 1 5   ? -14.730 13.530  -2.796  1.00 75.18  ? 103  GLU A CG  1 
ATOM   37   C CD  . GLU A 1 5   ? -15.926 14.429  -3.000  1.00 100.00 ? 103  GLU A CD  1 
ATOM   38   O OE1 . GLU A 1 5   ? -16.369 14.704  -4.114  1.00 100.00 ? 103  GLU A OE1 1 
ATOM   39   O OE2 . GLU A 1 5   ? -16.428 14.882  -1.887  1.00 100.00 ? 103  GLU A OE2 1 
ATOM   40   N N   . GLY A 1 6   ? -12.950 10.223  -5.239  1.00 40.19  ? 104  GLY A N   1 
ATOM   41   C CA  . GLY A 1 6   ? -12.788 9.402   -6.427  1.00 33.55  ? 104  GLY A CA  1 
ATOM   42   C C   . GLY A 1 6   ? -11.446 8.691   -6.426  1.00 35.21  ? 104  GLY A C   1 
ATOM   43   O O   . GLY A 1 6   ? -11.213 7.821   -7.275  1.00 25.35  ? 104  GLY A O   1 
ATOM   44   N N   . SER A 1 7   ? -10.561 9.035   -5.490  1.00 24.57  ? 105  SER A N   1 
ATOM   45   C CA  . SER A 1 7   ? -9.292  8.375   -5.496  1.00 22.85  ? 105  SER A CA  1 
ATOM   46   C C   . SER A 1 7   ? -9.001  7.857   -4.117  1.00 21.41  ? 105  SER A C   1 
ATOM   47   O O   . SER A 1 7   ? -9.612  8.328   -3.149  1.00 21.66  ? 105  SER A O   1 
ATOM   48   C CB  . SER A 1 7   ? -8.219  9.425   -5.709  1.00 25.07  ? 105  SER A CB  1 
ATOM   49   O OG  . SER A 1 7   ? -8.150  9.859   -7.050  1.00 26.38  ? 105  SER A OG  1 
ATOM   50   N N   . ILE A 1 8   ? -8.039  6.926   -4.085  1.00 21.58  ? 106  ILE A N   1 
ATOM   51   C CA  . ILE A 1 8   ? -7.558  6.346   -2.828  1.00 21.17  ? 106  ILE A CA  1 
ATOM   52   C C   . ILE A 1 8   ? -6.031  6.363   -2.819  1.00 21.03  ? 106  ILE A C   1 
ATOM   53   O O   . ILE A 1 8   ? -5.402  6.518   -3.863  1.00 23.73  ? 106  ILE A O   1 
ATOM   54   C CB  . ILE A 1 8   ? -8.079  4.923   -2.542  1.00 18.15  ? 106  ILE A CB  1 
ATOM   55   C CG1 . ILE A 1 8   ? -7.546  3.972   -3.592  1.00 14.88  ? 106  ILE A CG1 1 
ATOM   56   C CG2 . ILE A 1 8   ? -9.612  4.888   -2.465  1.00 21.58  ? 106  ILE A CG2 1 
ATOM   57   C CD1 . ILE A 1 8   ? -7.654  2.501   -3.164  1.00 21.18  ? 106  ILE A CD1 1 
ATOM   58   N N   . ARG A 1 9   ? -5.415  6.161   -1.642  1.00 20.98  ? 107  ARG A N   1 
ATOM   59   C CA  . ARG A 1 9   ? -3.956  6.092   -1.538  1.00 11.14  ? 107  ARG A CA  1 
ATOM   60   C C   . ARG A 1 9   ? -3.597  4.656   -1.381  1.00 18.39  ? 107  ARG A C   1 
ATOM   61   O O   . ARG A 1 9   ? -4.212  3.931   -0.596  1.00 20.60  ? 107  ARG A O   1 
ATOM   62   C CB  . ARG A 1 9   ? -3.398  6.803   -0.331  1.00 14.18  ? 107  ARG A CB  1 
ATOM   63   C CG  . ARG A 1 9   ? -3.047  8.214   -0.763  1.00 19.16  ? 107  ARG A CG  1 
ATOM   64   C CD  . ARG A 1 9   ? -2.638  9.105   0.395   1.00 24.67  ? 107  ARG A CD  1 
ATOM   65   N NE  . ARG A 1 9   ? -2.854  10.479  -0.032  1.00 27.45  ? 107  ARG A NE  1 
ATOM   66   C CZ  . ARG A 1 9   ? -3.157  11.521  0.732   1.00 48.00  ? 107  ARG A CZ  1 
ATOM   67   N NH1 . ARG A 1 9   ? -3.330  11.433  2.046   1.00 44.19  ? 107  ARG A NH1 1 
ATOM   68   N NH2 . ARG A 1 9   ? -3.332  12.717  0.160   1.00 72.69  ? 107  ARG A NH2 1 
ATOM   69   N N   . VAL A 1 10  ? -2.582  4.283   -2.151  1.00 18.24  ? 108  VAL A N   1 
ATOM   70   C CA  . VAL A 1 10  ? -2.042  2.931   -2.211  1.00 17.21  ? 108  VAL A CA  1 
ATOM   71   C C   . VAL A 1 10  ? -0.544  2.908   -1.902  1.00 21.05  ? 108  VAL A C   1 
ATOM   72   O O   . VAL A 1 10  ? 0.244   3.594   -2.551  1.00 17.52  ? 108  VAL A O   1 
ATOM   73   C CB  . VAL A 1 10  ? -2.280  2.251   -3.593  1.00 19.44  ? 108  VAL A CB  1 
ATOM   74   C CG1 . VAL A 1 10  ? -1.673  0.834   -3.644  1.00 14.75  ? 108  VAL A CG1 1 
ATOM   75   C CG2 . VAL A 1 10  ? -3.764  2.250   -4.002  1.00 17.61  ? 108  VAL A CG2 1 
ATOM   76   N N   . ALA A 1 11  ? -0.197  2.082   -0.910  1.00 16.82  ? 109  ALA A N   1 
ATOM   77   C CA  . ALA A 1 11  ? 1.171   1.902   -0.469  1.00 14.56  ? 109  ALA A CA  1 
ATOM   78   C C   . ALA A 1 11  ? 1.707   0.633   -1.076  1.00 17.19  ? 109  ALA A C   1 
ATOM   79   O O   . ALA A 1 11  ? 1.005   -0.385  -1.134  1.00 16.52  ? 109  ALA A O   1 
ATOM   80   C CB  . ALA A 1 11  ? 1.260   1.768   1.056   1.00 14.89  ? 109  ALA A CB  1 
ATOM   81   N N   . ILE A 1 12  ? 2.942   0.678   -1.537  1.00 9.88   ? 110  ILE A N   1 
ATOM   82   C CA  . ILE A 1 12  ? 3.571   -0.499  -2.093  1.00 10.58  ? 110  ILE A CA  1 
ATOM   83   C C   . ILE A 1 12  ? 4.879   -0.731  -1.373  1.00 22.81  ? 110  ILE A C   1 
ATOM   84   O O   . ILE A 1 12  ? 5.708   0.163   -1.387  1.00 19.21  ? 110  ILE A O   1 
ATOM   85   C CB  . ILE A 1 12  ? 3.722   -0.331  -3.604  1.00 18.46  ? 110  ILE A CB  1 
ATOM   86   C CG1 . ILE A 1 12  ? 2.298   -0.503  -4.161  1.00 31.28  ? 110  ILE A CG1 1 
ATOM   87   C CG2 . ILE A 1 12  ? 4.637   -1.416  -4.154  1.00 13.70  ? 110  ILE A CG2 1 
ATOM   88   C CD1 . ILE A 1 12  ? 2.109   -0.060  -5.597  1.00 30.75  ? 110  ILE A CD1 1 
ATOM   89   N N   . ALA A 1 13  ? 5.066   -1.882  -0.726  1.00 14.00  ? 111  ALA A N   1 
ATOM   90   C CA  . ALA A 1 13  ? 6.329   -2.234  -0.066  1.00 18.85  ? 111  ALA A CA  1 
ATOM   91   C C   . ALA A 1 13  ? 7.452   -2.453  -1.118  1.00 20.85  ? 111  ALA A C   1 
ATOM   92   O O   . ALA A 1 13  ? 7.325   -3.269  -2.052  1.00 17.50  ? 111  ALA A O   1 
ATOM   93   C CB  . ALA A 1 13  ? 6.114   -3.462  0.811   1.00 14.43  ? 111  ALA A CB  1 
ATOM   94   N N   . SER A 1 14  ? 8.575   -1.727  -1.000  1.00 15.31  ? 112  SER A N   1 
ATOM   95   C CA  . SER A 1 14  ? 9.612   -1.835  -2.021  1.00 15.67  ? 112  SER A CA  1 
ATOM   96   C C   . SER A 1 14  ? 11.041  -1.615  -1.566  1.00 20.20  ? 112  SER A C   1 
ATOM   97   O O   . SER A 1 14  ? 11.286  -0.960  -0.556  1.00 14.05  ? 112  SER A O   1 
ATOM   98   C CB  . SER A 1 14  ? 9.276   -0.748  -3.056  1.00 21.05  ? 112  SER A CB  1 
ATOM   99   O OG  . SER A 1 14  ? 10.091  -0.771  -4.224  1.00 20.81  ? 112  SER A OG  1 
ATOM   100  N N   . ASN A 1 15  ? 11.970  -2.165  -2.345  1.00 15.91  ? 113  ASN A N   1 
ATOM   101  C CA  . ASN A 1 15  ? 13.389  -2.026  -2.054  1.00 16.31  ? 113  ASN A CA  1 
ATOM   102  C C   . ASN A 1 15  ? 14.151  -1.405  -3.226  1.00 17.65  ? 113  ASN A C   1 
ATOM   103  O O   . ASN A 1 15  ? 15.309  -0.997  -3.074  1.00 17.17  ? 113  ASN A O   1 
ATOM   104  C CB  . ASN A 1 15  ? 14.049  -3.380  -1.765  1.00 14.71  ? 113  ASN A CB  1 
ATOM   105  C CG  . ASN A 1 15  ? 13.450  -4.053  -0.549  1.00 24.37  ? 113  ASN A CG  1 
ATOM   106  O OD1 . ASN A 1 15  ? 13.118  -3.319  0.373   1.00 16.77  ? 113  ASN A OD1 1 
ATOM   107  N ND2 . ASN A 1 15  ? 13.330  -5.393  -0.545  1.00 15.68  ? 113  ASN A ND2 1 
ATOM   108  N N   . ASN A 1 16  ? 13.509  -1.371  -4.402  1.00 19.61  ? 114  ASN A N   1 
ATOM   109  C CA  . ASN A 1 16  ? 14.098  -0.857  -5.650  1.00 19.48  ? 114  ASN A CA  1 
ATOM   110  C C   . ASN A 1 16  ? 13.120  -0.169  -6.584  1.00 26.25  ? 114  ASN A C   1 
ATOM   111  O O   . ASN A 1 16  ? 11.992  -0.638  -6.788  1.00 20.70  ? 114  ASN A O   1 
ATOM   112  C CB  . ASN A 1 16  ? 14.685  -2.021  -6.474  1.00 13.71  ? 114  ASN A CB  1 
ATOM   113  C CG  . ASN A 1 16  ? 15.742  -2.795  -5.728  1.00 23.66  ? 114  ASN A CG  1 
ATOM   114  O OD1 . ASN A 1 16  ? 16.887  -2.319  -5.593  1.00 25.65  ? 114  ASN A OD1 1 
ATOM   115  N ND2 . ASN A 1 16  ? 15.378  -3.999  -5.256  1.00 18.89  ? 114  ASN A ND2 1 
ATOM   116  N N   . GLY A 1 17  ? 13.614  0.929   -7.166  1.00 19.81  ? 115  GLY A N   1 
ATOM   117  C CA  . GLY A 1 17  ? 12.892  1.720   -8.136  1.00 18.33  ? 115  GLY A CA  1 
ATOM   118  C C   . GLY A 1 17  ? 11.412  1.798   -7.828  1.00 18.62  ? 115  GLY A C   1 
ATOM   119  O O   . GLY A 1 17  ? 11.000  2.275   -6.778  1.00 24.92  ? 115  GLY A O   1 
ATOM   120  N N   . GLU A 1 18  ? 10.601  1.367   -8.766  1.00 14.76  ? 116  GLU A N   1 
ATOM   121  C CA  . GLU A 1 18  ? 9.153   1.370   -8.577  1.00 22.05  ? 116  GLU A CA  1 
ATOM   122  C C   . GLU A 1 18  ? 8.668   -0.075  -8.669  1.00 21.87  ? 116  GLU A C   1 
ATOM   123  O O   . GLU A 1 18  ? 7.702   -0.431  -9.361  1.00 18.22  ? 116  GLU A O   1 
ATOM   124  C CB  . GLU A 1 18  ? 8.445   2.270   -9.622  1.00 21.69  ? 116  GLU A CB  1 
ATOM   125  C CG  . GLU A 1 18  ? 8.520   3.762   -9.209  1.00 24.42  ? 116  GLU A CG  1 
ATOM   126  C CD  . GLU A 1 18  ? 7.837   4.659   -10.188 1.00 43.61  ? 116  GLU A CD  1 
ATOM   127  O OE1 . GLU A 1 18  ? 8.392   5.223   -11.119 1.00 27.04  ? 116  GLU A OE1 1 
ATOM   128  O OE2 . GLU A 1 18  ? 6.565   4.751   -9.900  1.00 32.29  ? 116  GLU A OE2 1 
ATOM   129  N N   . GLN A 1 19  ? 9.404   -0.914  -7.942  1.00 18.66  ? 117  GLN A N   1 
ATOM   130  C CA  . GLN A 1 19  ? 9.073   -2.323  -7.920  1.00 18.10  ? 117  GLN A CA  1 
ATOM   131  C C   . GLN A 1 19  ? 8.348   -2.722  -6.643  1.00 17.50  ? 117  GLN A C   1 
ATOM   132  O O   . GLN A 1 19  ? 8.666   -2.274  -5.531  1.00 16.77  ? 117  GLN A O   1 
ATOM   133  C CB  . GLN A 1 19  ? 10.336  -3.216  -7.896  1.00 18.35  ? 117  GLN A CB  1 
ATOM   134  C CG  . GLN A 1 19  ? 11.100  -3.208  -9.211  1.00 20.88  ? 117  GLN A CG  1 
ATOM   135  C CD  . GLN A 1 19  ? 10.152  -3.675  -10.289 1.00 42.48  ? 117  GLN A CD  1 
ATOM   136  O OE1 . GLN A 1 19  ? 9.834   -2.879  -11.181 1.00 52.65  ? 117  GLN A OE1 1 
ATOM   137  N NE2 . GLN A 1 19  ? 9.737   -4.935  -10.148 1.00 45.16  ? 117  GLN A NE2 1 
ATOM   138  N N   . LEU A 1 20  ? 7.408   -3.640  -6.848  1.00 18.34  ? 118  LEU A N   1 
ATOM   139  C CA  . LEU A 1 20  ? 6.711   -4.280  -5.735  1.00 19.49  ? 118  LEU A CA  1 
ATOM   140  C C   . LEU A 1 20  ? 7.566   -5.522  -5.436  1.00 17.21  ? 118  LEU A C   1 
ATOM   141  O O   . LEU A 1 20  ? 7.320   -6.607  -5.943  1.00 15.51  ? 118  LEU A O   1 
ATOM   142  C CB  . LEU A 1 20  ? 5.263   -4.683  -6.042  1.00 20.54  ? 118  LEU A CB  1 
ATOM   143  C CG  . LEU A 1 20  ? 4.627   -5.627  -5.007  1.00 23.43  ? 118  LEU A CG  1 
ATOM   144  C CD1 . LEU A 1 20  ? 4.759   -5.152  -3.545  1.00 17.19  ? 118  LEU A CD1 1 
ATOM   145  C CD2 . LEU A 1 20  ? 3.159   -5.774  -5.386  1.00 14.14  ? 118  LEU A CD2 1 
ATOM   146  N N   . ASP A 1 21  ? 8.634   -5.330  -4.647  1.00 17.37  ? 119  ASP A N   1 
ATOM   147  C CA  . ASP A 1 21  ? 9.563   -6.374  -4.283  1.00 17.78  ? 119  ASP A CA  1 
ATOM   148  C C   . ASP A 1 21  ? 9.851   -6.441  -2.789  1.00 15.35  ? 119  ASP A C   1 
ATOM   149  O O   . ASP A 1 21  ? 10.751  -7.171  -2.368  1.00 18.43  ? 119  ASP A O   1 
ATOM   150  C CB  . ASP A 1 21  ? 10.914  -6.169  -4.993  1.00 25.72  ? 119  ASP A CB  1 
ATOM   151  C CG  . ASP A 1 21  ? 11.544  -4.814  -4.761  1.00 22.28  ? 119  ASP A CG  1 
ATOM   152  O OD1 . ASP A 1 21  ? 10.999  -3.918  -4.145  1.00 20.33  ? 119  ASP A OD1 1 
ATOM   153  O OD2 . ASP A 1 21  ? 12.720  -4.719  -5.314  1.00 26.38  ? 119  ASP A OD2 1 
ATOM   154  N N   . GLY A 1 22  ? 9.104   -5.697  -1.988  1.00 17.42  ? 120  GLY A N   1 
ATOM   155  C CA  . GLY A 1 22  ? 9.409   -5.733  -0.578  1.00 17.41  ? 120  GLY A CA  1 
ATOM   156  C C   . GLY A 1 22  ? 8.423   -6.512  0.316   1.00 17.74  ? 120  GLY A C   1 
ATOM   157  O O   . GLY A 1 22  ? 7.210   -6.598  0.079   1.00 21.86  ? 120  GLY A O   1 
ATOM   158  N N   . HIS A 1 23  ? 9.035   -7.064  1.358   1.00 14.48  ? 121  HIS A N   1 
ATOM   159  C CA  . HIS A 1 23  ? 8.391   -7.797  2.420   1.00 15.59  ? 121  HIS A CA  1 
ATOM   160  C C   . HIS A 1 23  ? 8.165   -6.691  3.446   1.00 19.76  ? 121  HIS A C   1 
ATOM   161  O O   . HIS A 1 23  ? 9.022   -5.820  3.719   1.00 18.41  ? 121  HIS A O   1 
ATOM   162  C CB  . HIS A 1 23  ? 9.313   -8.918  2.959   1.00 13.71  ? 121  HIS A CB  1 
ATOM   163  C CG  . HIS A 1 23  ? 9.609   -9.923  1.897   1.00 25.82  ? 121  HIS A CG  1 
ATOM   164  N ND1 . HIS A 1 23  ? 8.815   -11.040 1.698   1.00 31.70  ? 121  HIS A ND1 1 
ATOM   165  C CD2 . HIS A 1 23  ? 10.621  -9.961  0.985   1.00 35.25  ? 121  HIS A CD2 1 
ATOM   166  C CE1 . HIS A 1 23  ? 9.363   -11.725 0.705   1.00 35.54  ? 121  HIS A CE1 1 
ATOM   167  N NE2 . HIS A 1 23  ? 10.450  -11.105 0.247   1.00 36.15  ? 121  HIS A NE2 1 
ATOM   168  N N   . PHE A 1 24  ? 6.968   -6.688  3.987   1.00 14.51  ? 122  PHE A N   1 
ATOM   169  C CA  . PHE A 1 24  ? 6.548   -5.676  4.929   1.00 13.39  ? 122  PHE A CA  1 
ATOM   170  C C   . PHE A 1 24  ? 7.546   -5.345  6.006   1.00 22.28  ? 122  PHE A C   1 
ATOM   171  O O   . PHE A 1 24  ? 7.776   -4.156  6.294   1.00 17.70  ? 122  PHE A O   1 
ATOM   172  C CB  . PHE A 1 24  ? 5.271   -6.102  5.682   1.00 13.15  ? 122  PHE A CB  1 
ATOM   173  C CG  . PHE A 1 24  ? 4.757   -4.987  6.543   1.00 13.94  ? 122  PHE A CG  1 
ATOM   174  C CD1 . PHE A 1 24  ? 4.088   -3.915  5.944   1.00 17.59  ? 122  PHE A CD1 1 
ATOM   175  C CD2 . PHE A 1 24  ? 4.878   -5.020  7.933   1.00 15.47  ? 122  PHE A CD2 1 
ATOM   176  C CE1 . PHE A 1 24  ? 3.562   -2.863  6.702   1.00 13.87  ? 122  PHE A CE1 1 
ATOM   177  C CE2 . PHE A 1 24  ? 4.373   -3.983  8.720   1.00 14.32  ? 122  PHE A CE2 1 
ATOM   178  C CZ  . PHE A 1 24  ? 3.713   -2.922  8.092   1.00 8.96   ? 122  PHE A CZ  1 
ATOM   179  N N   . GLY A 1 25  ? 8.063   -6.413  6.621   1.00 13.61  ? 123  GLY A N   1 
ATOM   180  C CA  . GLY A 1 25  ? 8.958   -6.284  7.744   1.00 13.81  ? 123  GLY A CA  1 
ATOM   181  C C   . GLY A 1 25  ? 10.366  -5.897  7.420   1.00 17.08  ? 123  GLY A C   1 
ATOM   182  O O   . GLY A 1 25  ? 11.137  -5.645  8.322   1.00 20.62  ? 123  GLY A O   1 
ATOM   183  N N   . SER A 1 26  ? 10.732  -5.873  6.167   1.00 15.24  ? 124  SER A N   1 
ATOM   184  C CA  . SER A 1 26  ? 12.096  -5.523  5.913   1.00 12.18  ? 124  SER A CA  1 
ATOM   185  C C   . SER A 1 26  ? 12.284  -4.551  4.758   1.00 19.10  ? 124  SER A C   1 
ATOM   186  O O   . SER A 1 26  ? 13.425  -4.241  4.408   1.00 22.26  ? 124  SER A O   1 
ATOM   187  C CB  . SER A 1 26  ? 12.896  -6.758  5.557   1.00 20.83  ? 124  SER A CB  1 
ATOM   188  O OG  . SER A 1 26  ? 12.325  -7.419  4.434   1.00 21.33  ? 124  SER A OG  1 
ATOM   189  N N   . CYS A 1 27  ? 11.202  -4.093  4.159   1.00 11.44  ? 125  CYS A N   1 
ATOM   190  C CA  . CYS A 1 27  ? 11.313  -3.177  3.030   1.00 13.64  ? 125  CYS A CA  1 
ATOM   191  C C   . CYS A 1 27  ? 12.005  -1.842  3.358   1.00 16.17  ? 125  CYS A C   1 
ATOM   192  O O   . CYS A 1 27  ? 11.897  -1.324  4.477   1.00 15.26  ? 125  CYS A O   1 
ATOM   193  C CB  . CYS A 1 27  ? 9.959   -2.996  2.305   1.00 11.54  ? 125  CYS A CB  1 
ATOM   194  S SG  . CYS A 1 27  ? 8.704   -2.106  3.245   1.00 14.31  ? 125  CYS A SG  1 
ATOM   195  N N   . LEU A 1 28  ? 12.705  -1.277  2.369   1.00 16.17  ? 126  LEU A N   1 
ATOM   196  C CA  . LEU A 1 28  ? 13.396  0.004   2.498   1.00 22.27  ? 126  LEU A CA  1 
ATOM   197  C C   . LEU A 1 28  ? 12.455  1.212   2.494   1.00 20.42  ? 126  LEU A C   1 
ATOM   198  O O   . LEU A 1 28  ? 12.778  2.269   3.038   1.00 13.34  ? 126  LEU A O   1 
ATOM   199  C CB  . LEU A 1 28  ? 14.479  0.167   1.384   1.00 18.94  ? 126  LEU A CB  1 
ATOM   200  C CG  . LEU A 1 28  ? 15.482  -0.978  1.412   1.00 22.58  ? 126  LEU A CG  1 
ATOM   201  C CD1 . LEU A 1 28  ? 16.694  -0.717  0.506   1.00 23.19  ? 126  LEU A CD1 1 
ATOM   202  C CD2 . LEU A 1 28  ? 15.939  -1.190  2.848   1.00 28.63  ? 126  LEU A CD2 1 
ATOM   203  N N   . ARG A 1 29  ? 11.290  1.120   1.840   1.00 11.81  ? 127  ARG A N   1 
ATOM   204  C CA  . ARG A 1 29  ? 10.398  2.256   1.804   1.00 12.67  ? 127  ARG A CA  1 
ATOM   205  C C   . ARG A 1 29  ? 9.010   1.791   1.382   1.00 17.27  ? 127  ARG A C   1 
ATOM   206  O O   . ARG A 1 29  ? 8.847   0.647   0.965   1.00 20.77  ? 127  ARG A O   1 
ATOM   207  C CB  . ARG A 1 29  ? 10.866  3.287   0.738   1.00 16.58  ? 127  ARG A CB  1 
ATOM   208  C CG  . ARG A 1 29  ? 11.008  2.748   -0.704  1.00 20.72  ? 127  ARG A CG  1 
ATOM   209  C CD  . ARG A 1 29  ? 11.903  3.537   -1.704  1.00 30.00  ? 127  ARG A CD  1 
ATOM   210  N NE  . ARG A 1 29  ? 13.337  3.515   -1.355  1.00 21.24  ? 127  ARG A NE  1 
ATOM   211  C CZ  . ARG A 1 29  ? 14.323  2.692   -1.722  1.00 28.25  ? 127  ARG A CZ  1 
ATOM   212  N NH1 . ARG A 1 29  ? 14.220  1.687   -2.601  1.00 19.55  ? 127  ARG A NH1 1 
ATOM   213  N NH2 . ARG A 1 29  ? 15.508  2.913   -1.159  1.00 23.59  ? 127  ARG A NH2 1 
ATOM   214  N N   . PHE A 1 30  ? 8.055   2.695   1.437   1.00 9.40   ? 128  PHE A N   1 
ATOM   215  C CA  . PHE A 1 30  ? 6.708   2.456   0.956   1.00 9.38   ? 128  PHE A CA  1 
ATOM   216  C C   . PHE A 1 30  ? 6.459   3.439   -0.200  1.00 17.15  ? 128  PHE A C   1 
ATOM   217  O O   . PHE A 1 30  ? 6.523   4.647   0.025   1.00 16.16  ? 128  PHE A O   1 
ATOM   218  C CB  . PHE A 1 30  ? 5.636   2.673   2.041   1.00 16.41  ? 128  PHE A CB  1 
ATOM   219  C CG  . PHE A 1 30  ? 5.652   1.527   3.036   1.00 23.05  ? 128  PHE A CG  1 
ATOM   220  C CD1 . PHE A 1 30  ? 6.127   1.717   4.338   1.00 17.30  ? 128  PHE A CD1 1 
ATOM   221  C CD2 . PHE A 1 30  ? 5.193   0.263   2.663   1.00 15.89  ? 128  PHE A CD2 1 
ATOM   222  C CE1 . PHE A 1 30  ? 6.146   0.665   5.257   1.00 18.85  ? 128  PHE A CE1 1 
ATOM   223  C CE2 . PHE A 1 30  ? 5.206   -0.805  3.560   1.00 13.30  ? 128  PHE A CE2 1 
ATOM   224  C CZ  . PHE A 1 30  ? 5.699   -0.594  4.845   1.00 14.48  ? 128  PHE A CZ  1 
ATOM   225  N N   . LEU A 1 31  ? 6.197   2.966   -1.433  1.00 18.61  ? 129  LEU A N   1 
ATOM   226  C CA  . LEU A 1 31  ? 5.869   3.870   -2.545  1.00 12.83  ? 129  LEU A CA  1 
ATOM   227  C C   . LEU A 1 31  ? 4.400   4.191   -2.334  1.00 20.19  ? 129  LEU A C   1 
ATOM   228  O O   . LEU A 1 31  ? 3.614   3.270   -2.123  1.00 23.53  ? 129  LEU A O   1 
ATOM   229  C CB  . LEU A 1 31  ? 6.004   3.189   -3.899  1.00 10.15  ? 129  LEU A CB  1 
ATOM   230  C CG  . LEU A 1 31  ? 7.309   2.454   -4.114  1.00 12.63  ? 129  LEU A CG  1 
ATOM   231  C CD1 . LEU A 1 31  ? 7.302   1.683   -5.438  1.00 15.50  ? 129  LEU A CD1 1 
ATOM   232  C CD2 . LEU A 1 31  ? 8.373   3.532   -4.188  1.00 22.75  ? 129  LEU A CD2 1 
ATOM   233  N N   . VAL A 1 32  ? 4.005   5.455   -2.318  1.00 14.52  ? 130  VAL A N   1 
ATOM   234  C CA  . VAL A 1 32  ? 2.601   5.757   -2.096  1.00 9.44   ? 130  VAL A CA  1 
ATOM   235  C C   . VAL A 1 32  ? 1.980   6.329   -3.354  1.00 29.14  ? 130  VAL A C   1 
ATOM   236  O O   . VAL A 1 32  ? 2.416   7.393   -3.794  1.00 20.16  ? 130  VAL A O   1 
ATOM   237  C CB  . VAL A 1 32  ? 2.380   6.724   -0.951  1.00 15.13  ? 130  VAL A CB  1 
ATOM   238  C CG1 . VAL A 1 32  ? 0.904   7.107   -0.918  1.00 18.22  ? 130  VAL A CG1 1 
ATOM   239  C CG2 . VAL A 1 32  ? 2.850   6.091   0.372   1.00 16.93  ? 130  VAL A CG2 1 
ATOM   240  N N   . TYR A 1 33  ? 0.961   5.639   -3.918  1.00 16.94  ? 131  TYR A N   1 
ATOM   241  C CA  . TYR A 1 33  ? 0.310   6.145   -5.130  1.00 17.83  ? 131  TYR A CA  1 
ATOM   242  C C   . TYR A 1 33  ? -1.109  6.689   -4.879  1.00 20.70  ? 131  TYR A C   1 
ATOM   243  O O   . TYR A 1 33  ? -1.810  6.260   -3.966  1.00 15.15  ? 131  TYR A O   1 
ATOM   244  C CB  . TYR A 1 33  ? 0.253   5.058   -6.235  1.00 12.48  ? 131  TYR A CB  1 
ATOM   245  C CG  . TYR A 1 33  ? 1.593   4.582   -6.754  1.00 17.19  ? 131  TYR A CG  1 
ATOM   246  C CD1 . TYR A 1 33  ? 2.351   3.657   -6.033  1.00 14.77  ? 131  TYR A CD1 1 
ATOM   247  C CD2 . TYR A 1 33  ? 2.126   5.070   -7.949  1.00 20.57  ? 131  TYR A CD2 1 
ATOM   248  C CE1 . TYR A 1 33  ? 3.589   3.207   -6.488  1.00 16.43  ? 131  TYR A CE1 1 
ATOM   249  C CE2 . TYR A 1 33  ? 3.377   4.651   -8.413  1.00 14.43  ? 131  TYR A CE2 1 
ATOM   250  C CZ  . TYR A 1 33  ? 4.107   3.707   -7.687  1.00 26.80  ? 131  TYR A CZ  1 
ATOM   251  O OH  . TYR A 1 33  ? 5.334   3.271   -8.156  1.00 21.96  ? 131  TYR A OH  1 
ATOM   252  N N   . GLN A 1 34  ? -1.561  7.662   -5.680  1.00 22.04  ? 132  GLN A N   1 
ATOM   253  C CA  . GLN A 1 34  ? -2.931  8.221   -5.612  1.00 25.13  ? 132  GLN A CA  1 
ATOM   254  C C   . GLN A 1 34  ? -3.563  7.570   -6.820  1.00 14.89  ? 132  GLN A C   1 
ATOM   255  O O   . GLN A 1 34  ? -3.052  7.698   -7.929  1.00 15.21  ? 132  GLN A O   1 
ATOM   256  C CB  . GLN A 1 34  ? -3.046  9.731   -5.811  1.00 27.50  ? 132  GLN A CB  1 
ATOM   257  C CG  . GLN A 1 34  ? -4.507  10.221  -5.687  1.00 22.20  ? 132  GLN A CG  1 
ATOM   258  C CD  . GLN A 1 34  ? -4.544  11.749  -5.711  1.00 53.44  ? 132  GLN A CD  1 
ATOM   259  O OE1 . GLN A 1 34  ? -4.284  12.434  -4.718  1.00 41.74  ? 132  GLN A OE1 1 
ATOM   260  N NE2 . GLN A 1 34  ? -4.822  12.317  -6.875  1.00 31.23  ? 132  GLN A NE2 1 
ATOM   261  N N   . VAL A 1 35  ? -4.579  6.754   -6.577  1.00 18.38  ? 133  VAL A N   1 
ATOM   262  C CA  . VAL A 1 35  ? -5.201  5.951   -7.621  1.00 16.96  ? 133  VAL A CA  1 
ATOM   263  C C   . VAL A 1 35  ? -6.722  6.101   -7.704  1.00 19.30  ? 133  VAL A C   1 
ATOM   264  O O   . VAL A 1 35  ? -7.458  6.074   -6.697  1.00 18.58  ? 133  VAL A O   1 
ATOM   265  C CB  . VAL A 1 35  ? -4.878  4.473   -7.359  1.00 18.84  ? 133  VAL A CB  1 
ATOM   266  C CG1 . VAL A 1 35  ? -5.315  3.574   -8.528  1.00 22.17  ? 133  VAL A CG1 1 
ATOM   267  C CG2 . VAL A 1 35  ? -3.407  4.189   -7.071  1.00 17.93  ? 133  VAL A CG2 1 
ATOM   268  N N   . SER A 1 36  ? -7.178  6.267   -8.945  1.00 17.73  ? 134  SER A N   1 
ATOM   269  C CA  . SER A 1 36  ? -8.613  6.357   -9.183  1.00 14.66  ? 134  SER A CA  1 
ATOM   270  C C   . SER A 1 36  ? -8.853  5.197   -10.126 1.00 16.08  ? 134  SER A C   1 
ATOM   271  O O   . SER A 1 36  ? -7.930  4.464   -10.543 1.00 18.02  ? 134  SER A O   1 
ATOM   272  C CB  . SER A 1 36  ? -9.134  7.674   -9.759  1.00 20.73  ? 134  SER A CB  1 
ATOM   273  O OG  . SER A 1 36  ? -8.574  7.802   -11.052 1.00 18.35  ? 134  SER A OG  1 
ATOM   274  N N   . ALA A 1 37  ? -10.114 5.011   -10.480 1.00 23.90  ? 135  ALA A N   1 
ATOM   275  C CA  . ALA A 1 37  ? -10.387 3.880   -11.349 1.00 22.73  ? 135  ALA A CA  1 
ATOM   276  C C   . ALA A 1 37  ? -9.657  3.955   -12.656 1.00 18.95  ? 135  ALA A C   1 
ATOM   277  O O   . ALA A 1 37  ? -9.318  2.905   -13.197 1.00 20.27  ? 135  ALA A O   1 
ATOM   278  C CB  . ALA A 1 37  ? -11.889 3.749   -11.563 1.00 22.73  ? 135  ALA A CB  1 
ATOM   279  N N   . LYS A 1 38  ? -9.433  5.190   -13.134 1.00 19.04  ? 136  LYS A N   1 
ATOM   280  C CA  . LYS A 1 38  ? -8.780  5.380   -14.416 1.00 18.81  ? 136  LYS A CA  1 
ATOM   281  C C   . LYS A 1 38  ? -7.360  5.937   -14.382 1.00 32.21  ? 136  LYS A C   1 
ATOM   282  O O   . LYS A 1 38  ? -6.618  5.831   -15.351 1.00 34.80  ? 136  LYS A O   1 
ATOM   283  C CB  . LYS A 1 38  ? -9.589  6.395   -15.227 1.00 21.78  ? 136  LYS A CB  1 
ATOM   284  C CG  . LYS A 1 38  ? -10.932 5.897   -15.774 1.00 21.16  ? 136  LYS A CG  1 
ATOM   285  C CD  . LYS A 1 38  ? -11.839 7.013   -16.319 1.00 17.81  ? 136  LYS A CD  1 
ATOM   286  C CE  . LYS A 1 38  ? -13.189 6.446   -16.672 1.00 20.21  ? 136  LYS A CE  1 
ATOM   287  N NZ  . LYS A 1 38  ? -13.959 7.357   -17.517 1.00 27.31  ? 136  LYS A NZ  1 
ATOM   288  N N   . ASP A 1 39  ? -7.011  6.605   -13.295 1.00 22.17  ? 137  ASP A N   1 
ATOM   289  C CA  . ASP A 1 39  ? -5.701  7.226   -13.256 1.00 25.54  ? 137  ASP A CA  1 
ATOM   290  C C   . ASP A 1 39  ? -4.899  6.835   -12.034 1.00 19.39  ? 137  ASP A C   1 
ATOM   291  O O   . ASP A 1 39  ? -5.501  6.446   -11.051 1.00 17.17  ? 137  ASP A O   1 
ATOM   292  C CB  A ASP A 1 39  ? -5.949  8.739   -13.220 0.50 22.73  ? 137  ASP A CB  1 
ATOM   293  C CB  B ASP A 1 39  ? -5.887  8.760   -13.218 0.50 21.97  ? 137  ASP A CB  1 
ATOM   294  C CG  A ASP A 1 39  ? -6.679  9.164   -14.468 0.50 44.07  ? 137  ASP A CG  1 
ATOM   295  C CG  B ASP A 1 39  ? -4.785  9.501   -13.921 0.50 38.48  ? 137  ASP A CG  1 
ATOM   296  O OD1 A ASP A 1 39  ? -6.416  8.676   -15.565 0.50 38.51  ? 137  ASP A OD1 1 
ATOM   297  O OD1 B ASP A 1 39  ? -3.848  8.945   -14.478 0.50 36.15  ? 137  ASP A OD1 1 
ATOM   298  O OD2 A ASP A 1 39  ? -7.619  10.064  -14.229 0.50 46.92  ? 137  ASP A OD2 1 
ATOM   299  O OD2 B ASP A 1 39  ? -4.935  10.808  -13.861 0.50 59.67  ? 137  ASP A OD2 1 
ATOM   300  N N   . ALA A 1 40  ? -3.588  6.967   -12.111 1.00 12.05  ? 138  ALA A N   1 
ATOM   301  C CA  . ALA A 1 40  ? -2.755  6.675   -10.964 1.00 14.31  ? 138  ALA A CA  1 
ATOM   302  C C   . ALA A 1 40  ? -1.545  7.599   -10.936 1.00 28.68  ? 138  ALA A C   1 
ATOM   303  O O   . ALA A 1 40  ? -0.999  7.925   -11.967 1.00 27.10  ? 138  ALA A O   1 
ATOM   304  C CB  . ALA A 1 40  ? -2.242  5.246   -10.920 1.00 19.52  ? 138  ALA A CB  1 
ATOM   305  N N   . SER A 1 41  ? -1.079  8.029   -9.780  1.00 27.49  ? 139  SER A N   1 
ATOM   306  C CA  . SER A 1 41  ? 0.107   8.875   -9.766  1.00 21.33  ? 139  SER A CA  1 
ATOM   307  C C   . SER A 1 41  ? 0.926   8.645   -8.517  1.00 19.16  ? 139  SER A C   1 
ATOM   308  O O   . SER A 1 41  ? 0.372   8.407   -7.450  1.00 17.18  ? 139  SER A O   1 
ATOM   309  C CB  . SER A 1 41  ? -0.178  10.357  -10.075 1.00 23.81  ? 139  SER A CB  1 
ATOM   310  O OG  . SER A 1 41  ? -0.905  10.993  -9.027  1.00 26.91  ? 139  SER A OG  1 
ATOM   311  N N   . LEU A 1 42  ? 2.247   8.680   -8.677  1.00 19.40  ? 140  LEU A N   1 
ATOM   312  C CA  . LEU A 1 42  ? 3.144   8.481   -7.564  1.00 18.60  ? 140  LEU A CA  1 
ATOM   313  C C   . LEU A 1 42  ? 3.156   9.769   -6.805  1.00 23.83  ? 140  LEU A C   1 
ATOM   314  O O   . LEU A 1 42  ? 3.564   10.800  -7.335  1.00 20.10  ? 140  LEU A O   1 
ATOM   315  C CB  . LEU A 1 42  ? 4.553   8.171   -8.079  1.00 21.06  ? 140  LEU A CB  1 
ATOM   316  C CG  . LEU A 1 42  ? 5.592   7.942   -6.984  1.00 30.21  ? 140  LEU A CG  1 
ATOM   317  C CD1 . LEU A 1 42  ? 5.190   6.735   -6.105  1.00 19.03  ? 140  LEU A CD1 1 
ATOM   318  C CD2 . LEU A 1 42  ? 6.968   7.726   -7.640  1.00 23.52  ? 140  LEU A CD2 1 
ATOM   319  N N   . VAL A 1 43  ? 2.697   9.711   -5.565  1.00 17.13  ? 141  VAL A N   1 
ATOM   320  C CA  . VAL A 1 43  ? 2.657   10.919  -4.768  1.00 22.50  ? 141  VAL A CA  1 
ATOM   321  C C   . VAL A 1 43  ? 3.699   11.040  -3.658  1.00 24.71  ? 141  VAL A C   1 
ATOM   322  O O   . VAL A 1 43  ? 4.020   12.160  -3.274  1.00 20.10  ? 141  VAL A O   1 
ATOM   323  C CB  . VAL A 1 43  ? 1.263   11.326  -4.262  1.00 17.94  ? 141  VAL A CB  1 
ATOM   324  C CG1 . VAL A 1 43  ? 0.300   11.578  -5.443  1.00 17.80  ? 141  VAL A CG1 1 
ATOM   325  C CG2 . VAL A 1 43  ? 0.743   10.238  -3.310  1.00 16.39  ? 141  VAL A CG2 1 
ATOM   326  N N   . ASP A 1 44  ? 4.197   9.926   -3.130  1.00 19.35  ? 142  ASP A N   1 
ATOM   327  C CA  . ASP A 1 44  ? 5.151   10.004  -2.020  1.00 12.95  ? 142  ASP A CA  1 
ATOM   328  C C   . ASP A 1 44  ? 5.976   8.751   -1.963  1.00 17.53  ? 142  ASP A C   1 
ATOM   329  O O   . ASP A 1 44  ? 5.567   7.708   -2.481  1.00 20.75  ? 142  ASP A O   1 
ATOM   330  C CB  . ASP A 1 44  ? 4.446   10.241  -0.661  1.00 14.60  ? 142  ASP A CB  1 
ATOM   331  C CG  . ASP A 1 44  ? 5.325   10.840  0.410   1.00 22.41  ? 142  ASP A CG  1 
ATOM   332  O OD1 . ASP A 1 44  ? 6.497   11.079  0.262   1.00 28.25  ? 142  ASP A OD1 1 
ATOM   333  O OD2 . ASP A 1 44  ? 4.726   11.067  1.535   1.00 18.88  ? 142  ASP A OD2 1 
ATOM   334  N N   . ILE A 1 45  ? 7.164   8.891   -1.386  1.00 20.01  ? 143  ILE A N   1 
ATOM   335  C CA  . ILE A 1 45  ? 8.087   7.787   -1.179  1.00 19.77  ? 143  ILE A CA  1 
ATOM   336  C C   . ILE A 1 45  ? 8.464   7.873   0.284   1.00 26.16  ? 143  ILE A C   1 
ATOM   337  O O   . ILE A 1 45  ? 9.100   8.826   0.691   1.00 20.08  ? 143  ILE A O   1 
ATOM   338  C CB  . ILE A 1 45  ? 9.296   7.711   -2.103  1.00 26.16  ? 143  ILE A CB  1 
ATOM   339  C CG1 . ILE A 1 45  ? 8.850   7.529   -3.563  1.00 22.78  ? 143  ILE A CG1 1 
ATOM   340  C CG2 . ILE A 1 45  ? 10.186  6.566   -1.649  1.00 18.04  ? 143  ILE A CG2 1 
ATOM   341  C CD1 . ILE A 1 45  ? 9.890   7.061   -4.578  1.00 16.19  ? 143  ILE A CD1 1 
ATOM   342  N N   . ARG A 1 46  ? 7.995   6.926   1.087   1.00 18.78  ? 144  ARG A N   1 
ATOM   343  C CA  . ARG A 1 46  ? 8.216   6.924   2.517   1.00 16.22  ? 144  ARG A CA  1 
ATOM   344  C C   . ARG A 1 46  ? 9.258   5.903   2.970   1.00 19.87  ? 144  ARG A C   1 
ATOM   345  O O   . ARG A 1 46  ? 9.096   4.701   2.961   1.00 19.64  ? 144  ARG A O   1 
ATOM   346  C CB  . ARG A 1 46  ? 6.866   6.777   3.189   1.00 16.89  ? 144  ARG A CB  1 
ATOM   347  C CG  . ARG A 1 46  ? 5.898   7.749   2.573   1.00 16.94  ? 144  ARG A CG  1 
ATOM   348  C CD  . ARG A 1 46  ? 4.581   7.731   3.303   1.00 23.32  ? 144  ARG A CD  1 
ATOM   349  N NE  . ARG A 1 46  ? 3.611   8.684   2.773   1.00 21.70  ? 144  ARG A NE  1 
ATOM   350  C CZ  . ARG A 1 46  ? 2.288   8.642   2.984   1.00 22.59  ? 144  ARG A CZ  1 
ATOM   351  N NH1 . ARG A 1 46  ? 1.719   7.679   3.707   1.00 18.13  ? 144  ARG A NH1 1 
ATOM   352  N NH2 . ARG A 1 46  ? 1.487   9.564   2.452   1.00 20.28  ? 144  ARG A NH2 1 
ATOM   353  N N   . SER A 1 47  ? 10.414  6.397   3.367   1.00 16.94  ? 145  SER A N   1 
ATOM   354  C CA  . SER A 1 47  ? 11.499  5.542   3.767   1.00 17.48  ? 145  SER A CA  1 
ATOM   355  C C   . SER A 1 47  ? 11.271  4.934   5.142   1.00 14.16  ? 145  SER A C   1 
ATOM   356  O O   . SER A 1 47  ? 10.688  5.565   6.026   1.00 19.30  ? 145  SER A O   1 
ATOM   357  C CB  A SER A 1 47  ? 12.845  6.262   3.622   0.50 25.08  ? 145  SER A CB  1 
ATOM   358  C CB  B SER A 1 47  ? 12.824  6.280   3.740   0.50 20.76  ? 145  SER A CB  1 
ATOM   359  O OG  A SER A 1 47  ? 12.978  6.828   2.323   0.50 20.73  ? 145  SER A OG  1 
ATOM   360  O OG  B SER A 1 47  ? 13.523  5.957   4.915   0.50 18.00  ? 145  SER A OG  1 
ATOM   361  N N   . THR A 1 48  ? 11.689  3.672   5.304   1.00 18.42  ? 146  THR A N   1 
ATOM   362  C CA  . THR A 1 48  ? 11.444  3.010   6.593   1.00 15.86  ? 146  THR A CA  1 
ATOM   363  C C   . THR A 1 48  ? 12.645  3.123   7.509   1.00 21.92  ? 146  THR A C   1 
ATOM   364  O O   . THR A 1 48  ? 12.726  2.511   8.590   1.00 11.07  ? 146  THR A O   1 
ATOM   365  C CB  . THR A 1 48  ? 11.145  1.536   6.310   1.00 11.44  ? 146  THR A CB  1 
ATOM   366  O OG1 . THR A 1 48  ? 12.237  0.901   5.630   1.00 15.82  ? 146  THR A OG1 1 
ATOM   367  C CG2 . THR A 1 48  ? 9.897   1.476   5.423   1.00 11.06  ? 146  THR A CG2 1 
ATOM   368  N N   . LEU A 1 49  ? 13.616  3.914   7.049   1.00 15.99  ? 147  LEU A N   1 
ATOM   369  C CA  . LEU A 1 49  ? 14.820  4.052   7.845   1.00 21.37  ? 147  LEU A CA  1 
ATOM   370  C C   . LEU A 1 49  ? 14.622  4.189   9.371   1.00 17.88  ? 147  LEU A C   1 
ATOM   371  O O   . LEU A 1 49  ? 15.270  3.520   10.187  1.00 20.09  ? 147  LEU A O   1 
ATOM   372  C CB  . LEU A 1 49  ? 15.681  5.191   7.291   1.00 17.11  ? 147  LEU A CB  1 
ATOM   373  C CG  . LEU A 1 49  ? 17.072  5.165   7.913   1.00 26.35  ? 147  LEU A CG  1 
ATOM   374  C CD1 . LEU A 1 49  ? 17.847  3.930   7.461   1.00 24.44  ? 147  LEU A CD1 1 
ATOM   375  C CD2 . LEU A 1 49  ? 17.832  6.400   7.461   1.00 47.25  ? 147  LEU A CD2 1 
ATOM   376  N N   . ASP A 1 50  ? 13.748  5.085   9.783   1.00 14.71  ? 148  ASP A N   1 
ATOM   377  C CA  . ASP A 1 50  ? 13.541  5.365   11.184  1.00 16.30  ? 148  ASP A CA  1 
ATOM   378  C C   . ASP A 1 50  ? 12.937  4.284   12.050  1.00 21.59  ? 148  ASP A C   1 
ATOM   379  O O   . ASP A 1 50  ? 12.693  4.503   13.260  1.00 18.51  ? 148  ASP A O   1 
ATOM   380  C CB  . ASP A 1 50  ? 12.824  6.720   11.407  1.00 17.05  ? 148  ASP A CB  1 
ATOM   381  C CG  . ASP A 1 50  ? 13.788  7.887   11.264  1.00 29.46  ? 148  ASP A CG  1 
ATOM   382  O OD1 . ASP A 1 50  ? 14.990  7.749   11.085  1.00 24.34  ? 148  ASP A OD1 1 
ATOM   383  O OD2 . ASP A 1 50  ? 13.186  9.050   11.325  1.00 28.31  ? 148  ASP A OD2 1 
ATOM   384  N N   . VAL A 1 51  ? 12.697  3.153   11.397  1.00 18.71  ? 149  VAL A N   1 
ATOM   385  C CA  . VAL A 1 51  ? 12.148  2.004   12.127  1.00 18.88  ? 149  VAL A CA  1 
ATOM   386  C C   . VAL A 1 51  ? 13.244  1.535   13.073  1.00 18.62  ? 149  VAL A C   1 
ATOM   387  O O   . VAL A 1 51  ? 12.985  0.933   14.120  1.00 17.33  ? 149  VAL A O   1 
ATOM   388  C CB  . VAL A 1 51  ? 11.662  0.843   11.237  1.00 18.81  ? 149  VAL A CB  1 
ATOM   389  C CG1 . VAL A 1 51  ? 12.838  0.061   10.662  1.00 11.62  ? 149  VAL A CG1 1 
ATOM   390  C CG2 . VAL A 1 51  ? 10.679  -0.091  11.967  1.00 18.62  ? 149  VAL A CG2 1 
ATOM   391  N N   . ALA A 1 52  ? 14.489  1.845   12.709  1.00 15.81  ? 150  ALA A N   1 
ATOM   392  C CA  . ALA A 1 52  ? 15.592  1.469   13.573  1.00 18.91  ? 150  ALA A CA  1 
ATOM   393  C C   . ALA A 1 52  ? 15.449  2.079   14.953  1.00 18.40  ? 150  ALA A C   1 
ATOM   394  O O   . ALA A 1 52  ? 15.944  1.564   15.946  1.00 24.06  ? 150  ALA A O   1 
ATOM   395  C CB  . ALA A 1 52  ? 16.918  1.913   12.966  1.00 18.38  ? 150  ALA A CB  1 
ATOM   396  N N   . LEU A 1 53  ? 14.768  3.198   15.060  1.00 15.51  ? 151  LEU A N   1 
ATOM   397  C CA  . LEU A 1 53  ? 14.662  3.830   16.346  1.00 16.32  ? 151  LEU A CA  1 
ATOM   398  C C   . LEU A 1 53  ? 13.373  3.505   17.089  1.00 28.36  ? 151  LEU A C   1 
ATOM   399  O O   . LEU A 1 53  ? 13.081  3.994   18.197  1.00 24.63  ? 151  LEU A O   1 
ATOM   400  C CB  . LEU A 1 53  ? 14.745  5.372   16.141  1.00 21.69  ? 151  LEU A CB  1 
ATOM   401  C CG  . LEU A 1 53  ? 16.005  5.855   15.394  1.00 24.61  ? 151  LEU A CG  1 
ATOM   402  C CD1 . LEU A 1 53  ? 15.814  7.315   15.011  1.00 24.63  ? 151  LEU A CD1 1 
ATOM   403  C CD2 . LEU A 1 53  ? 17.277  5.738   16.251  1.00 18.00  ? 151  LEU A CD2 1 
ATOM   404  N N   . ALA A 1 54  ? 12.538  2.703   16.456  1.00 21.76  ? 152  ALA A N   1 
ATOM   405  C CA  . ALA A 1 54  ? 11.259  2.397   17.080  1.00 18.02  ? 152  ALA A CA  1 
ATOM   406  C C   . ALA A 1 54  ? 11.300  1.184   17.998  1.00 17.87  ? 152  ALA A C   1 
ATOM   407  O O   . ALA A 1 54  ? 11.917  0.197   17.624  1.00 19.13  ? 152  ALA A O   1 
ATOM   408  C CB  . ALA A 1 54  ? 10.223  2.171   15.967  1.00 19.77  ? 152  ALA A CB  1 
ATOM   409  N N   . GLU A 1 55  ? 10.601  1.239   19.149  1.00 19.83  ? 153  GLU A N   1 
ATOM   410  C CA  . GLU A 1 55  ? 10.525  0.054   20.008  1.00 27.47  ? 153  GLU A CA  1 
ATOM   411  C C   . GLU A 1 55  ? 9.420   -0.898  19.480  1.00 24.08  ? 153  GLU A C   1 
ATOM   412  O O   . GLU A 1 55  ? 9.492   -2.139  19.549  1.00 17.02  ? 153  GLU A O   1 
ATOM   413  C CB  . GLU A 1 55  ? 10.267  0.387   21.508  1.00 29.71  ? 153  GLU A CB  1 
ATOM   414  C CG  . GLU A 1 55  ? 11.531  0.271   22.395  1.00 51.42  ? 153  GLU A CG  1 
ATOM   415  C CD  . GLU A 1 55  ? 12.086  -1.126  22.624  1.00 22.38  ? 153  GLU A CD  1 
ATOM   416  O OE1 . GLU A 1 55  ? 11.627  -1.918  23.473  1.00 41.03  ? 153  GLU A OE1 1 
ATOM   417  O OE2 . GLU A 1 55  ? 13.162  -1.360  21.889  1.00 58.28  ? 153  GLU A OE2 1 
ATOM   418  N N   . ASP A 1 56  ? 8.362   -0.287  18.945  1.00 17.48  ? 154  ASP A N   1 
ATOM   419  C CA  . ASP A 1 56  ? 7.258   -1.044  18.390  1.00 17.42  ? 154  ASP A CA  1 
ATOM   420  C C   . ASP A 1 56  ? 7.315   -0.858  16.892  1.00 15.27  ? 154  ASP A C   1 
ATOM   421  O O   . ASP A 1 56  ? 6.713   0.033   16.312  1.00 15.31  ? 154  ASP A O   1 
ATOM   422  C CB  A ASP A 1 56  ? 5.902   -0.562  18.944  0.50 17.24  ? 154  ASP A CB  1 
ATOM   423  C CB  B ASP A 1 56  ? 5.919   -0.719  19.055  0.50 18.98  ? 154  ASP A CB  1 
ATOM   424  C CG  A ASP A 1 56  ? 5.578   -1.055  20.333  0.50 21.87  ? 154  ASP A CG  1 
ATOM   425  C CG  B ASP A 1 56  ? 5.958   -1.178  20.490  0.50 12.55  ? 154  ASP A CG  1 
ATOM   426  O OD1 A ASP A 1 56  ? 5.801   -2.170  20.725  0.50 10.45  ? 154  ASP A OD1 1 
ATOM   427  O OD1 B ASP A 1 56  ? 6.973   -1.177  21.170  0.50 7.70   ? 154  ASP A OD1 1 
ATOM   428  O OD2 A ASP A 1 56  ? 5.008   -0.184  21.095  0.50 21.58  ? 154  ASP A OD2 1 
ATOM   429  O OD2 B ASP A 1 56  ? 4.797   -1.589  20.908  0.50 19.77  ? 154  ASP A OD2 1 
ATOM   430  N N   . LYS A 1 57  ? 8.090   -1.731  16.265  1.00 16.97  ? 155  LYS A N   1 
ATOM   431  C CA  . LYS A 1 57  ? 8.374   -1.674  14.854  1.00 14.49  ? 155  LYS A CA  1 
ATOM   432  C C   . LYS A 1 57  ? 7.238   -1.862  13.863  1.00 20.99  ? 155  LYS A C   1 
ATOM   433  O O   . LYS A 1 57  ? 7.165   -1.109  12.872  1.00 17.50  ? 155  LYS A O   1 
ATOM   434  C CB  . LYS A 1 57  ? 9.617   -2.489  14.575  1.00 11.51  ? 155  LYS A CB  1 
ATOM   435  C CG  . LYS A 1 57  ? 10.808  -1.929  15.338  1.00 11.24  ? 155  LYS A CG  1 
ATOM   436  C CD  . LYS A 1 57  ? 12.026  -2.787  14.966  1.00 23.73  ? 155  LYS A CD  1 
ATOM   437  C CE  . LYS A 1 57  ? 13.278  -2.611  15.827  1.00 23.22  ? 155  LYS A CE  1 
ATOM   438  N NZ  . LYS A 1 57  ? 13.774  -1.234  15.839  1.00 22.08  ? 155  LYS A NZ  1 
ATOM   439  N N   . ASN A 1 58  ? 6.367   -2.858  14.081  1.00 17.95  ? 156  ASN A N   1 
ATOM   440  C CA  . ASN A 1 58  ? 5.248   -3.019  13.130  1.00 18.26  ? 156  ASN A CA  1 
ATOM   441  C C   . ASN A 1 58  ? 4.321   -1.816  13.230  1.00 13.84  ? 156  ASN A C   1 
ATOM   442  O O   . ASN A 1 58  ? 3.864   -1.293  12.209  1.00 17.57  ? 156  ASN A O   1 
ATOM   443  C CB  . ASN A 1 58  ? 4.437   -4.330  13.273  1.00 16.34  ? 156  ASN A CB  1 
ATOM   444  C CG  . ASN A 1 58  ? 5.261   -5.517  12.848  1.00 21.41  ? 156  ASN A CG  1 
ATOM   445  O OD1 . ASN A 1 58  ? 6.126   -5.349  11.979  1.00 23.40  ? 156  ASN A OD1 1 
ATOM   446  N ND2 . ASN A 1 58  ? 5.003   -6.692  13.460  1.00 20.11  ? 156  ASN A ND2 1 
ATOM   447  N N   . ALA A 1 59  ? 4.060   -1.365  14.470  1.00 15.10  ? 157  ALA A N   1 
ATOM   448  C CA  . ALA A 1 59  ? 3.225   -0.183  14.694  1.00 12.00  ? 157  ALA A CA  1 
ATOM   449  C C   . ALA A 1 59  ? 3.766   1.038   13.940  1.00 16.27  ? 157  ALA A C   1 
ATOM   450  O O   . ALA A 1 59  ? 3.063   1.816   13.268  1.00 15.27  ? 157  ALA A O   1 
ATOM   451  C CB  . ALA A 1 59  ? 3.109   0.154   16.162  1.00 13.07  ? 157  ALA A CB  1 
ATOM   452  N N   . TRP A 1 60  ? 5.072   1.199   14.028  1.00 18.07  ? 158  TRP A N   1 
ATOM   453  C CA  . TRP A 1 60  ? 5.748   2.314   13.334  1.00 16.45  ? 158  TRP A CA  1 
ATOM   454  C C   . TRP A 1 60  ? 5.554   2.232   11.826  1.00 11.90  ? 158  TRP A C   1 
ATOM   455  O O   . TRP A 1 60  ? 5.257   3.215   11.142  1.00 13.40  ? 158  TRP A O   1 
ATOM   456  C CB  . TRP A 1 60  ? 7.268   2.357   13.686  1.00 16.57  ? 158  TRP A CB  1 
ATOM   457  C CG  . TRP A 1 60  ? 7.938   3.597   13.143  1.00 18.53  ? 158  TRP A CG  1 
ATOM   458  C CD1 . TRP A 1 60  ? 7.994   4.805   13.786  1.00 15.01  ? 158  TRP A CD1 1 
ATOM   459  C CD2 . TRP A 1 60  ? 8.579   3.740   11.841  1.00 17.94  ? 158  TRP A CD2 1 
ATOM   460  N NE1 . TRP A 1 60  ? 8.612   5.691   12.945  1.00 14.09  ? 158  TRP A NE1 1 
ATOM   461  C CE2 . TRP A 1 60  ? 9.034   5.064   11.771  1.00 16.07  ? 158  TRP A CE2 1 
ATOM   462  C CE3 . TRP A 1 60  ? 8.838   2.890   10.744  1.00 18.09  ? 158  TRP A CE3 1 
ATOM   463  C CZ2 . TRP A 1 60  ? 9.688   5.533   10.614  1.00 14.96  ? 158  TRP A CZ2 1 
ATOM   464  C CZ3 . TRP A 1 60  ? 9.481   3.378   9.603   1.00 17.83  ? 158  TRP A CZ3 1 
ATOM   465  C CH2 . TRP A 1 60  ? 9.927   4.692   9.544   1.00 14.20  ? 158  TRP A CH2 1 
ATOM   466  N N   . ARG A 1 61  ? 5.756   1.019   11.293  1.00 13.25  ? 159  ARG A N   1 
ATOM   467  C CA  . ARG A 1 61  ? 5.607   0.817   9.849   1.00 19.13  ? 159  ARG A CA  1 
ATOM   468  C C   . ARG A 1 61  ? 4.199   1.162   9.409   1.00 15.97  ? 159  ARG A C   1 
ATOM   469  O O   . ARG A 1 61  ? 3.946   1.899   8.469   1.00 16.58  ? 159  ARG A O   1 
ATOM   470  C CB  . ARG A 1 61  ? 5.977   -0.594  9.379   1.00 16.32  ? 159  ARG A CB  1 
ATOM   471  C CG  . ARG A 1 61  ? 7.448   -0.956  9.510   1.00 16.50  ? 159  ARG A CG  1 
ATOM   472  C CD  . ARG A 1 61  ? 7.823   -2.342  8.979   1.00 19.24  ? 159  ARG A CD  1 
ATOM   473  N NE  . ARG A 1 61  ? 9.188   -2.676  9.396   1.00 28.14  ? 159  ARG A NE  1 
ATOM   474  C CZ  . ARG A 1 61  ? 9.545   -3.389  10.494  1.00 57.04  ? 159  ARG A CZ  1 
ATOM   475  N NH1 . ARG A 1 61  ? 8.670   -3.956  11.332  1.00 24.00  ? 159  ARG A NH1 1 
ATOM   476  N NH2 . ARG A 1 61  ? 10.846  -3.564  10.767  1.00 24.82  ? 159  ARG A NH2 1 
ATOM   477  N N   . VAL A 1 62  ? 3.238   0.626   10.130  1.00 12.78  ? 160  VAL A N   1 
ATOM   478  C CA  . VAL A 1 62  ? 1.877   0.921   9.762   1.00 15.09  ? 160  VAL A CA  1 
ATOM   479  C C   . VAL A 1 62  ? 1.590   2.420   9.839   1.00 15.81  ? 160  VAL A C   1 
ATOM   480  O O   . VAL A 1 62  ? 0.836   2.992   9.052   1.00 15.73  ? 160  VAL A O   1 
ATOM   481  C CB  . VAL A 1 62  ? 0.952   0.107   10.675  1.00 20.94  ? 160  VAL A CB  1 
ATOM   482  C CG1 . VAL A 1 62  ? -0.522  0.538   10.603  1.00 19.10  ? 160  VAL A CG1 1 
ATOM   483  C CG2 . VAL A 1 62  ? 1.118   -1.401  10.414  1.00 14.59  ? 160  VAL A CG2 1 
ATOM   484  N N   . GLU A 1 63  ? 2.193   3.083   10.822  1.00 16.99  ? 161  GLU A N   1 
ATOM   485  C CA  . GLU A 1 63  ? 1.986   4.511   10.959  1.00 18.75  ? 161  GLU A CA  1 
ATOM   486  C C   . GLU A 1 63  ? 2.451   5.240   9.704   1.00 20.29  ? 161  GLU A C   1 
ATOM   487  O O   . GLU A 1 63  ? 1.897   6.282   9.336   1.00 23.68  ? 161  GLU A O   1 
ATOM   488  C CB  . GLU A 1 63  ? 2.861   4.939   12.128  1.00 19.91  ? 161  GLU A CB  1 
ATOM   489  C CG  . GLU A 1 63  ? 2.668   6.356   12.622  1.00 38.85  ? 161  GLU A CG  1 
ATOM   490  C CD  . GLU A 1 63  ? 3.488   6.459   13.870  1.00 100.00 ? 161  GLU A CD  1 
ATOM   491  O OE1 . GLU A 1 63  ? 3.587   5.539   14.675  1.00 73.77  ? 161  GLU A OE1 1 
ATOM   492  O OE2 . GLU A 1 63  ? 4.155   7.590   13.989  1.00 92.78  ? 161  GLU A OE2 1 
ATOM   493  N N   . GLN A 1 64  ? 3.470   4.705   9.034   1.00 14.00  ? 162  GLN A N   1 
ATOM   494  C CA  . GLN A 1 64  ? 3.921   5.381   7.846   1.00 8.70   ? 162  GLN A CA  1 
ATOM   495  C C   . GLN A 1 64  ? 2.896   5.293   6.743   1.00 21.62  ? 162  GLN A C   1 
ATOM   496  O O   . GLN A 1 64  ? 2.995   6.074   5.814   1.00 19.45  ? 162  GLN A O   1 
ATOM   497  C CB  . GLN A 1 64  ? 5.239   4.841   7.268   1.00 13.56  ? 162  GLN A CB  1 
ATOM   498  C CG  . GLN A 1 64  ? 6.315   4.707   8.368   1.00 24.02  ? 162  GLN A CG  1 
ATOM   499  C CD  . GLN A 1 64  ? 6.442   5.972   9.191   1.00 21.98  ? 162  GLN A CD  1 
ATOM   500  O OE1 . GLN A 1 64  ? 6.838   7.008   8.642   1.00 20.49  ? 162  GLN A OE1 1 
ATOM   501  N NE2 . GLN A 1 64  ? 6.110   5.910   10.487  1.00 17.49  ? 162  GLN A NE2 1 
ATOM   502  N N   . ILE A 1 65  ? 1.911   4.374   6.802   1.00 18.48  ? 163  ILE A N   1 
ATOM   503  C CA  . ILE A 1 65  ? 0.948   4.240   5.698   1.00 17.63  ? 163  ILE A CA  1 
ATOM   504  C C   . ILE A 1 65  ? -0.501  4.355   6.170   1.00 20.26  ? 163  ILE A C   1 
ATOM   505  O O   . ILE A 1 65  ? -1.450  3.890   5.529   1.00 16.58  ? 163  ILE A O   1 
ATOM   506  C CB  . ILE A 1 65  ? 1.165   2.852   5.046   1.00 18.18  ? 163  ILE A CB  1 
ATOM   507  C CG1 . ILE A 1 65  ? 1.046   1.691   6.083   1.00 16.56  ? 163  ILE A CG1 1 
ATOM   508  C CG2 . ILE A 1 65  ? 2.511   2.771   4.312   1.00 11.09  ? 163  ILE A CG2 1 
ATOM   509  C CD1 . ILE A 1 65  ? 0.958   0.275   5.492   1.00 18.43  ? 163  ILE A CD1 1 
ATOM   510  N N   . GLN A 1 66  ? -0.655  4.940   7.356   1.00 15.40  ? 164  GLN A N   1 
ATOM   511  C CA  . GLN A 1 66  ? -1.961  5.097   7.982   1.00 18.70  ? 164  GLN A CA  1 
ATOM   512  C C   . GLN A 1 66  ? -3.001  5.785   7.102   1.00 29.29  ? 164  GLN A C   1 
ATOM   513  O O   . GLN A 1 66  ? -4.199  5.716   7.349   1.00 23.14  ? 164  GLN A O   1 
ATOM   514  C CB  . GLN A 1 66  ? -1.835  5.901   9.292   1.00 20.33  ? 164  GLN A CB  1 
ATOM   515  C CG  . GLN A 1 66  ? -0.948  5.215   10.369  1.00 100.00 ? 164  GLN A CG  1 
ATOM   516  C CD  . GLN A 1 66  ? -1.710  4.699   11.584  1.00 100.00 ? 164  GLN A CD  1 
ATOM   517  O OE1 . GLN A 1 66  ? -1.124  4.088   12.514  1.00 34.17  ? 164  GLN A OE1 1 
ATOM   518  N NE2 . GLN A 1 66  ? -3.032  4.905   11.600  1.00 100.00 ? 164  GLN A NE2 1 
ATOM   519  N N   . ASP A 1 67  ? -2.556  6.486   6.057   1.00 22.27  ? 165  ASP A N   1 
ATOM   520  C CA  . ASP A 1 67  ? -3.501  7.173   5.221   1.00 22.15  ? 165  ASP A CA  1 
ATOM   521  C C   . ASP A 1 67  ? -3.828  6.404   3.948   1.00 25.27  ? 165  ASP A C   1 
ATOM   522  O O   . ASP A 1 67  ? -4.532  6.937   3.091   1.00 24.39  ? 165  ASP A O   1 
ATOM   523  C CB  . ASP A 1 67  ? -2.828  8.520   4.857   1.00 19.20  ? 165  ASP A CB  1 
ATOM   524  C CG  . ASP A 1 67  ? -1.541  8.330   4.118   1.00 24.03  ? 165  ASP A CG  1 
ATOM   525  O OD1 . ASP A 1 67  ? -0.895  7.304   4.217   1.00 30.49  ? 165  ASP A OD1 1 
ATOM   526  O OD2 . ASP A 1 67  ? -1.206  9.354   3.349   1.00 28.06  ? 165  ASP A OD2 1 
ATOM   527  N N   . CYS A 1 68  ? -3.285  5.182   3.797   1.00 19.30  ? 166  CYS A N   1 
ATOM   528  C CA  . CYS A 1 68  ? -3.532  4.345   2.615   1.00 15.74  ? 166  CYS A CA  1 
ATOM   529  C C   . CYS A 1 68  ? -4.728  3.405   2.814   1.00 22.02  ? 166  CYS A C   1 
ATOM   530  O O   . CYS A 1 68  ? -4.978  2.914   3.911   1.00 19.11  ? 166  CYS A O   1 
ATOM   531  C CB  . CYS A 1 68  ? -2.259  3.554   2.292   1.00 12.10  ? 166  CYS A CB  1 
ATOM   532  S SG  . CYS A 1 68  ? -0.939  4.741   1.833   1.00 17.68  ? 166  CYS A SG  1 
ATOM   533  N N   . GLN A 1 69  ? -5.473  3.108   1.758   1.00 15.39  ? 167  GLN A N   1 
ATOM   534  C CA  . GLN A 1 69  ? -6.595  2.210   1.949   1.00 15.89  ? 167  GLN A CA  1 
ATOM   535  C C   . GLN A 1 69  ? -6.209  0.767   1.621   1.00 24.64  ? 167  GLN A C   1 
ATOM   536  O O   . GLN A 1 69  ? -6.801  -0.256  2.039   1.00 20.29  ? 167  GLN A O   1 
ATOM   537  C CB  . GLN A 1 69  ? -7.755  2.666   1.051   1.00 13.32  ? 167  GLN A CB  1 
ATOM   538  C CG  . GLN A 1 69  ? -8.553  3.859   1.617   1.00 25.86  ? 167  GLN A CG  1 
ATOM   539  C CD  . GLN A 1 69  ? -7.912  5.238   1.571   1.00 50.34  ? 167  GLN A CD  1 
ATOM   540  O OE1 . GLN A 1 69  ? -7.033  5.572   0.742   1.00 26.12  ? 167  GLN A OE1 1 
ATOM   541  N NE2 . GLN A 1 69  ? -8.375  6.088   2.487   1.00 60.71  ? 167  GLN A NE2 1 
ATOM   542  N N   . VAL A 1 70  ? -5.176  0.692   0.798   1.00 15.44  ? 168  VAL A N   1 
ATOM   543  C CA  . VAL A 1 70  ? -4.652  -0.574  0.325   1.00 16.44  ? 168  VAL A CA  1 
ATOM   544  C C   . VAL A 1 70  ? -3.150  -0.596  0.445   1.00 17.86  ? 168  VAL A C   1 
ATOM   545  O O   . VAL A 1 70  ? -2.532  0.460   0.257   1.00 13.74  ? 168  VAL A O   1 
ATOM   546  C CB  . VAL A 1 70  ? -4.976  -0.781  -1.175  1.00 15.76  ? 168  VAL A CB  1 
ATOM   547  C CG1 . VAL A 1 70  ? -4.441  -2.121  -1.671  1.00 13.75  ? 168  VAL A CG1 1 
ATOM   548  C CG2 . VAL A 1 70  ? -6.469  -0.598  -1.447  1.00 14.99  ? 168  VAL A CG2 1 
ATOM   549  N N   . LEU A 1 71  ? -2.630  -1.795  0.718   1.00 11.63  ? 169  LEU A N   1 
ATOM   550  C CA  . LEU A 1 71  ? -1.208  -2.013  0.819   1.00 15.28  ? 169  LEU A CA  1 
ATOM   551  C C   . LEU A 1 71  ? -0.827  -3.243  0.041   1.00 21.86  ? 169  LEU A C   1 
ATOM   552  O O   . LEU A 1 71  ? -1.462  -4.282  0.196   1.00 13.76  ? 169  LEU A O   1 
ATOM   553  C CB  . LEU A 1 71  ? -0.745  -2.246  2.283   1.00 12.40  ? 169  LEU A CB  1 
ATOM   554  C CG  . LEU A 1 71  ? 0.628   -2.921  2.398   1.00 16.55  ? 169  LEU A CG  1 
ATOM   555  C CD1 . LEU A 1 71  ? 1.806   -1.989  2.078   1.00 8.82   ? 169  LEU A CD1 1 
ATOM   556  C CD2 . LEU A 1 71  ? 0.781   -3.503  3.805   1.00 20.29  ? 169  LEU A CD2 1 
ATOM   557  N N   . TYR A 1 72  ? 0.211   -3.133  -0.793  1.00 17.76  ? 170  TYR A N   1 
ATOM   558  C CA  . TYR A 1 72  ? 0.703   -4.307  -1.527  1.00 15.91  ? 170  TYR A CA  1 
ATOM   559  C C   . TYR A 1 72  ? 2.042   -4.724  -0.943  1.00 17.82  ? 170  TYR A C   1 
ATOM   560  O O   . TYR A 1 72  ? 2.883   -3.838  -0.713  1.00 19.50  ? 170  TYR A O   1 
ATOM   561  C CB  . TYR A 1 72  ? 0.924   -4.077  -3.052  1.00 13.26  ? 170  TYR A CB  1 
ATOM   562  C CG  . TYR A 1 72  ? -0.324  -4.187  -3.896  1.00 11.45  ? 170  TYR A CG  1 
ATOM   563  C CD1 . TYR A 1 72  ? -1.117  -3.070  -4.177  1.00 13.39  ? 170  TYR A CD1 1 
ATOM   564  C CD2 . TYR A 1 72  ? -0.698  -5.414  -4.446  1.00 16.61  ? 170  TYR A CD2 1 
ATOM   565  C CE1 . TYR A 1 72  ? -2.269  -3.177  -4.963  1.00 19.88  ? 170  TYR A CE1 1 
ATOM   566  C CE2 . TYR A 1 72  ? -1.833  -5.517  -5.255  1.00 17.73  ? 170  TYR A CE2 1 
ATOM   567  C CZ  . TYR A 1 72  ? -2.644  -4.408  -5.514  1.00 24.60  ? 170  TYR A CZ  1 
ATOM   568  O OH  . TYR A 1 72  ? -3.787  -4.508  -6.324  1.00 18.06  ? 170  TYR A OH  1 
ATOM   569  N N   . VAL A 1 73  ? 2.262   -6.027  -0.747  1.00 13.08  ? 171  VAL A N   1 
ATOM   570  C CA  . VAL A 1 73  ? 3.512   -6.574  -0.258  1.00 9.35   ? 171  VAL A CA  1 
ATOM   571  C C   . VAL A 1 73  ? 3.864   -7.814  -1.068  1.00 12.38  ? 171  VAL A C   1 
ATOM   572  O O   . VAL A 1 73  ? 3.013   -8.374  -1.721  1.00 15.88  ? 171  VAL A O   1 
ATOM   573  C CB  . VAL A 1 73  ? 3.448   -7.022  1.224   1.00 11.93  ? 171  VAL A CB  1 
ATOM   574  C CG1 . VAL A 1 73  ? 3.357   -5.836  2.187   1.00 13.45  ? 171  VAL A CG1 1 
ATOM   575  C CG2 . VAL A 1 73  ? 2.255   -7.984  1.442   1.00 11.25  ? 171  VAL A CG2 1 
ATOM   576  N N   . VAL A 1 74  ? 5.099   -8.269  -0.998  1.00 11.11  ? 172  VAL A N   1 
ATOM   577  C CA  . VAL A 1 74  ? 5.456   -9.532  -1.617  1.00 15.24  ? 172  VAL A CA  1 
ATOM   578  C C   . VAL A 1 74  ? 4.970   -10.569 -0.574  1.00 17.18  ? 172  VAL A C   1 
ATOM   579  O O   . VAL A 1 74  ? 4.375   -11.597 -0.874  1.00 18.10  ? 172  VAL A O   1 
ATOM   580  C CB  . VAL A 1 74  ? 6.972   -9.631  -1.804  1.00 22.46  ? 172  VAL A CB  1 
ATOM   581  C CG1 . VAL A 1 74  ? 7.461   -11.060 -1.961  1.00 19.03  ? 172  VAL A CG1 1 
ATOM   582  C CG2 . VAL A 1 74  ? 7.432   -8.790  -2.994  1.00 21.79  ? 172  VAL A CG2 1 
ATOM   583  N N   . SER A 1 75  ? 5.239   -10.238 0.700   1.00 12.64  ? 173  SER A N   1 
ATOM   584  C CA  . SER A 1 75  ? 4.854   -10.995 1.889   1.00 14.55  ? 173  SER A CA  1 
ATOM   585  C C   . SER A 1 75  ? 4.766   -10.162 3.170   1.00 20.37  ? 173  SER A C   1 
ATOM   586  O O   . SER A 1 75  ? 5.332   -9.069  3.271   1.00 17.76  ? 173  SER A O   1 
ATOM   587  C CB  . SER A 1 75  ? 5.613   -12.289 2.067   1.00 17.13  ? 173  SER A CB  1 
ATOM   588  O OG  . SER A 1 75  ? 6.886   -12.065 2.601   1.00 23.78  ? 173  SER A OG  1 
ATOM   589  N N   . ILE A 1 76  ? 4.055   -10.671 4.175   1.00 14.92  ? 174  ILE A N   1 
ATOM   590  C CA  . ILE A 1 76  ? 3.879   -9.965  5.448   1.00 14.68  ? 174  ILE A CA  1 
ATOM   591  C C   . ILE A 1 76  ? 3.552   -10.953 6.555   1.00 23.67  ? 174  ILE A C   1 
ATOM   592  O O   . ILE A 1 76  ? 2.740   -11.820 6.317   1.00 23.19  ? 174  ILE A O   1 
ATOM   593  C CB  . ILE A 1 76  ? 2.713   -8.973  5.348   1.00 18.48  ? 174  ILE A CB  1 
ATOM   594  C CG1 . ILE A 1 76  ? 2.543   -8.141  6.636   1.00 17.51  ? 174  ILE A CG1 1 
ATOM   595  C CG2 . ILE A 1 76  ? 1.392   -9.670  4.977   1.00 15.16  ? 174  ILE A CG2 1 
ATOM   596  C CD1 . ILE A 1 76  ? 1.596   -6.930  6.461   1.00 12.30  ? 174  ILE A CD1 1 
ATOM   597  N N   . GLY A 1 77  ? 4.109   -10.814 7.752   1.00 16.53  ? 175  GLY A N   1 
ATOM   598  C CA  . GLY A 1 77  ? 3.801   -11.705 8.881   1.00 16.02  ? 175  GLY A CA  1 
ATOM   599  C C   . GLY A 1 77  ? 2.344   -11.583 9.330   1.00 21.49  ? 175  GLY A C   1 
ATOM   600  O O   . GLY A 1 77  ? 1.633   -10.612 9.011   1.00 17.31  ? 175  GLY A O   1 
ATOM   601  N N   . GLY A 1 78  ? 1.861   -12.583 10.090  1.00 25.65  ? 176  GLY A N   1 
ATOM   602  C CA  . GLY A 1 78  ? 0.476   -12.567 10.548  1.00 16.24  ? 176  GLY A CA  1 
ATOM   603  C C   . GLY A 1 78  ? 0.149   -11.388 11.462  1.00 19.89  ? 176  GLY A C   1 
ATOM   604  O O   . GLY A 1 78  ? -0.791  -10.621 11.263  1.00 21.82  ? 176  GLY A O   1 
ATOM   605  N N   . PRO A 1 79  ? 0.958   -11.218 12.457  1.00 13.59  ? 177  PRO A N   1 
ATOM   606  C CA  . PRO A 1 79  ? 0.817   -10.121 13.413  1.00 19.22  ? 177  PRO A CA  1 
ATOM   607  C C   . PRO A 1 79  ? 0.881   -8.750  12.739  1.00 17.04  ? 177  PRO A C   1 
ATOM   608  O O   . PRO A 1 79  ? 0.092   -7.866  13.079  1.00 15.40  ? 177  PRO A O   1 
ATOM   609  C CB  . PRO A 1 79  ? 2.049   -10.253 14.308  1.00 18.08  ? 177  PRO A CB  1 
ATOM   610  C CG  . PRO A 1 79  ? 2.531   -11.692 14.135  1.00 29.99  ? 177  PRO A CG  1 
ATOM   611  C CD  . PRO A 1 79  ? 1.972   -12.229 12.824  1.00 21.68  ? 177  PRO A CD  1 
ATOM   612  N N   . ALA A 1 80  ? 1.833   -8.604  11.800  1.00 21.02  ? 178  ALA A N   1 
ATOM   613  C CA  . ALA A 1 80  ? 2.010   -7.378  11.036  1.00 20.53  ? 178  ALA A CA  1 
ATOM   614  C C   . ALA A 1 80  ? 0.742   -7.132  10.276  1.00 12.63  ? 178  ALA A C   1 
ATOM   615  O O   . ALA A 1 80  ? 0.165   -6.042  10.290  1.00 13.72  ? 178  ALA A O   1 
ATOM   616  C CB  . ALA A 1 80  ? 3.254   -7.364  10.145  1.00 18.31  ? 178  ALA A CB  1 
ATOM   617  N N   . ALA A 1 81  ? 0.250   -8.203  9.637   1.00 14.62  ? 179  ALA A N   1 
ATOM   618  C CA  . ALA A 1 81  ? -0.984  -8.009  8.860   1.00 15.83  ? 179  ALA A CA  1 
ATOM   619  C C   . ALA A 1 81  ? -2.193  -7.579  9.687   1.00 15.52  ? 179  ALA A C   1 
ATOM   620  O O   . ALA A 1 81  ? -3.053  -6.768  9.289   1.00 17.38  ? 179  ALA A O   1 
ATOM   621  C CB  . ALA A 1 81  ? -1.287  -9.182  7.937   1.00 20.81  ? 179  ALA A CB  1 
ATOM   622  N N   . ALA A 1 82  ? -2.271  -8.120  10.901  1.00 16.18  ? 180  ALA A N   1 
ATOM   623  C CA  . ALA A 1 82  ? -3.389  -7.765  11.805  1.00 18.33  ? 180  ALA A CA  1 
ATOM   624  C C   . ALA A 1 82  ? -3.414  -6.278  12.109  1.00 12.58  ? 180  ALA A C   1 
ATOM   625  O O   . ALA A 1 82  ? -4.471  -5.606  12.118  1.00 16.01  ? 180  ALA A O   1 
ATOM   626  C CB  . ALA A 1 82  ? -3.265  -8.553  13.115  1.00 17.70  ? 180  ALA A CB  1 
ATOM   627  N N   . LYS A 1 83  ? -2.186  -5.759  12.372  1.00 16.67  ? 181  LYS A N   1 
ATOM   628  C CA  . LYS A 1 83  ? -2.045  -4.326  12.650  1.00 17.48  ? 181  LYS A CA  1 
ATOM   629  C C   . LYS A 1 83  ? -2.399  -3.539  11.397  1.00 15.69  ? 181  LYS A C   1 
ATOM   630  O O   . LYS A 1 83  ? -3.048  -2.497  11.477  1.00 19.30  ? 181  LYS A O   1 
ATOM   631  C CB  . LYS A 1 83  ? -0.710  -3.895  13.224  1.00 26.41  ? 181  LYS A CB  1 
ATOM   632  C CG  . LYS A 1 83  ? -0.138  -4.905  14.184  1.00 55.60  ? 181  LYS A CG  1 
ATOM   633  C CD  . LYS A 1 83  ? 0.734   -4.287  15.269  1.00 80.96  ? 181  LYS A CD  1 
ATOM   634  C CE  . LYS A 1 83  ? 0.763   -5.157  16.507  1.00 100.00 ? 181  LYS A CE  1 
ATOM   635  N NZ  . LYS A 1 83  ? 2.074   -5.717  16.893  1.00 100.00 ? 181  LYS A NZ  1 
ATOM   636  N N   . VAL A 1 84  ? -1.990  -4.051  10.228  1.00 15.37  ? 182  VAL A N   1 
ATOM   637  C CA  . VAL A 1 84  ? -2.308  -3.346  8.990   1.00 14.54  ? 182  VAL A CA  1 
ATOM   638  C C   . VAL A 1 84  ? -3.823  -3.242  8.881   1.00 17.44  ? 182  VAL A C   1 
ATOM   639  O O   . VAL A 1 84  ? -4.398  -2.180  8.603   1.00 16.63  ? 182  VAL A O   1 
ATOM   640  C CB  . VAL A 1 84  ? -1.684  -4.024  7.756   1.00 12.46  ? 182  VAL A CB  1 
ATOM   641  C CG1 . VAL A 1 84  ? -2.314  -3.597  6.422   1.00 14.34  ? 182  VAL A CG1 1 
ATOM   642  C CG2 . VAL A 1 84  ? -0.197  -3.694  7.713   1.00 14.28  ? 182  VAL A CG2 1 
ATOM   643  N N   . VAL A 1 85  ? -4.452  -4.399  9.114   1.00 18.84  ? 183  VAL A N   1 
ATOM   644  C CA  . VAL A 1 85  ? -5.910  -4.483  9.040   1.00 19.08  ? 183  VAL A CA  1 
ATOM   645  C C   . VAL A 1 85  ? -6.588  -3.617  10.086  1.00 20.20  ? 183  VAL A C   1 
ATOM   646  O O   . VAL A 1 85  ? -7.578  -2.934  9.819   1.00 22.55  ? 183  VAL A O   1 
ATOM   647  C CB  . VAL A 1 85  ? -6.394  -5.939  9.104   1.00 17.69  ? 183  VAL A CB  1 
ATOM   648  C CG1 . VAL A 1 85  ? -7.884  -5.942  9.432   1.00 21.47  ? 183  VAL A CG1 1 
ATOM   649  C CG2 . VAL A 1 85  ? -6.101  -6.584  7.755   1.00 13.49  ? 183  VAL A CG2 1 
ATOM   650  N N   . ARG A 1 86  ? -6.048  -3.643  11.315  1.00 19.58  ? 184  ARG A N   1 
ATOM   651  C CA  . ARG A 1 86  ? -6.641  -2.807  12.350  1.00 20.52  ? 184  ARG A CA  1 
ATOM   652  C C   . ARG A 1 86  ? -6.690  -1.330  11.995  1.00 30.29  ? 184  ARG A C   1 
ATOM   653  O O   . ARG A 1 86  ? -7.528  -0.556  12.464  1.00 22.72  ? 184  ARG A O   1 
ATOM   654  C CB  . ARG A 1 86  ? -5.957  -3.073  13.671  1.00 26.87  ? 184  ARG A CB  1 
ATOM   655  C CG  . ARG A 1 86  ? -6.299  -4.501  14.114  1.00 51.71  ? 184  ARG A CG  1 
ATOM   656  C CD  . ARG A 1 86  ? -5.794  -4.847  15.506  1.00 80.72  ? 184  ARG A CD  1 
ATOM   657  N NE  . ARG A 1 86  ? -6.719  -5.627  16.327  1.00 100.00 ? 184  ARG A NE  1 
ATOM   658  C CZ  . ARG A 1 86  ? -6.564  -6.932  16.545  1.00 64.56  ? 184  ARG A CZ  1 
ATOM   659  N NH1 . ARG A 1 86  ? -5.541  -7.581  15.985  1.00 24.25  ? 184  ARG A NH1 1 
ATOM   660  N NH2 . ARG A 1 86  ? -7.424  -7.588  17.334  1.00 42.06  ? 184  ARG A NH2 1 
ATOM   661  N N   . ALA A 1 87  ? -5.755  -0.933  11.133  1.00 24.61  ? 185  ALA A N   1 
ATOM   662  C CA  . ALA A 1 87  ? -5.614  0.430   10.686  1.00 20.93  ? 185  ALA A CA  1 
ATOM   663  C C   . ALA A 1 87  ? -6.582  0.735   9.564   1.00 23.65  ? 185  ALA A C   1 
ATOM   664  O O   . ALA A 1 87  ? -6.631  1.867   9.068   1.00 24.88  ? 185  ALA A O   1 
ATOM   665  C CB  . ALA A 1 87  ? -4.178  0.705   10.221  1.00 21.62  ? 185  ALA A CB  1 
ATOM   666  N N   . GLY A 1 88  ? -7.332  -0.294  9.153   1.00 24.40  ? 186  GLY A N   1 
ATOM   667  C CA  . GLY A 1 88  ? -8.297  -0.148  8.070   1.00 26.71  ? 186  GLY A CA  1 
ATOM   668  C C   . GLY A 1 88  ? -7.660  -0.273  6.682   1.00 21.78  ? 186  GLY A C   1 
ATOM   669  O O   . GLY A 1 88  ? -8.246  0.108   5.681   1.00 24.84  ? 186  GLY A O   1 
ATOM   670  N N   . ILE A 1 89  ? -6.466  -0.832  6.614   1.00 16.60  ? 187  ILE A N   1 
ATOM   671  C CA  . ILE A 1 89  ? -5.810  -0.975  5.330   1.00 18.77  ? 187  ILE A CA  1 
ATOM   672  C C   . ILE A 1 89  ? -6.059  -2.370  4.886   1.00 22.67  ? 187  ILE A C   1 
ATOM   673  O O   . ILE A 1 89  ? -6.103  -3.243  5.749   1.00 19.86  ? 187  ILE A O   1 
ATOM   674  C CB  . ILE A 1 89  ? -4.298  -0.721  5.487   1.00 14.54  ? 187  ILE A CB  1 
ATOM   675  C CG1 . ILE A 1 89  ? -4.107  0.714   6.001   1.00 22.67  ? 187  ILE A CG1 1 
ATOM   676  C CG2 . ILE A 1 89  ? -3.553  -0.904  4.166   1.00 12.01  ? 187  ILE A CG2 1 
ATOM   677  C CD1 . ILE A 1 89  ? -2.777  0.981   6.728   1.00 16.08  ? 187  ILE A CD1 1 
ATOM   678  N N   . HIS A 1 90  ? -6.245  -2.532  3.584   1.00 16.85  ? 188  HIS A N   1 
ATOM   679  C CA  . HIS A 1 90  ? -6.430  -3.855  3.021   1.00 15.81  ? 188  HIS A CA  1 
ATOM   680  C C   . HIS A 1 90  ? -5.108  -4.324  2.444   1.00 14.72  ? 188  HIS A C   1 
ATOM   681  O O   . HIS A 1 90  ? -4.665  -3.748  1.442   1.00 17.53  ? 188  HIS A O   1 
ATOM   682  C CB  . HIS A 1 90  ? -7.469  -3.845  1.869   1.00 19.55  ? 188  HIS A CB  1 
ATOM   683  C CG  . HIS A 1 90  ? -8.875  -3.559  2.291   1.00 28.89  ? 188  HIS A CG  1 
ATOM   684  N ND1 . HIS A 1 90  ? -9.879  -4.545  2.228   1.00 26.83  ? 188  HIS A ND1 1 
ATOM   685  C CD2 . HIS A 1 90  ? -9.409  -2.403  2.778   1.00 28.83  ? 188  HIS A CD2 1 
ATOM   686  C CE1 . HIS A 1 90  ? -10.990 -3.953  2.689   1.00 28.35  ? 188  HIS A CE1 1 
ATOM   687  N NE2 . HIS A 1 90  ? -10.741 -2.679  3.043   1.00 31.32  ? 188  HIS A NE2 1 
ATOM   688  N N   . PRO A 1 91  ? -4.513  -5.394  3.005   1.00 16.13  ? 189  PRO A N   1 
ATOM   689  C CA  . PRO A 1 91  ? -3.261  -5.941  2.499   1.00 11.38  ? 189  PRO A CA  1 
ATOM   690  C C   . PRO A 1 91  ? -3.443  -6.932  1.339   1.00 24.62  ? 189  PRO A C   1 
ATOM   691  O O   . PRO A 1 91  ? -4.270  -7.845  1.416   1.00 25.17  ? 189  PRO A O   1 
ATOM   692  C CB  . PRO A 1 91  ? -2.629  -6.708  3.673   1.00 13.56  ? 189  PRO A CB  1 
ATOM   693  C CG  . PRO A 1 91  ? -3.780  -7.084  4.608   1.00 18.83  ? 189  PRO A CG  1 
ATOM   694  C CD  . PRO A 1 91  ? -4.897  -6.097  4.290   1.00 18.88  ? 189  PRO A CD  1 
ATOM   695  N N   . LEU A 1 92  ? -2.669  -6.782  0.255   1.00 18.94  ? 190  LEU A N   1 
ATOM   696  C CA  . LEU A 1 92  ? -2.706  -7.631  -0.933  1.00 14.86  ? 190  LEU A CA  1 
ATOM   697  C C   . LEU A 1 92  ? -1.299  -8.100  -1.145  1.00 20.95  ? 190  LEU A C   1 
ATOM   698  O O   . LEU A 1 92  ? -0.354  -7.367  -0.907  1.00 18.12  ? 190  LEU A O   1 
ATOM   699  C CB  . LEU A 1 92  ? -3.227  -6.901  -2.192  1.00 12.83  ? 190  LEU A CB  1 
ATOM   700  C CG  . LEU A 1 92  ? -4.564  -6.223  -1.915  1.00 17.54  ? 190  LEU A CG  1 
ATOM   701  C CD1 . LEU A 1 92  ? -4.989  -5.212  -3.001  1.00 18.28  ? 190  LEU A CD1 1 
ATOM   702  C CD2 . LEU A 1 92  ? -5.633  -7.295  -1.725  1.00 21.75  ? 190  LEU A CD2 1 
ATOM   703  N N   . LYS A 1 93  ? -1.133  -9.340  -1.554  1.00 15.62  ? 191  LYS A N   1 
ATOM   704  C CA  . LYS A 1 93  ? 0.188   -9.806  -1.703  1.00 16.15  ? 191  LYS A CA  1 
ATOM   705  C C   . LYS A 1 93  ? 0.487   -10.202 -3.130  1.00 25.06  ? 191  LYS A C   1 
ATOM   706  O O   . LYS A 1 93  ? -0.414  -10.536 -3.884  1.00 28.82  ? 191  LYS A O   1 
ATOM   707  C CB  . LYS A 1 93  ? 0.218   -11.114 -0.928  1.00 20.38  ? 191  LYS A CB  1 
ATOM   708  C CG  . LYS A 1 93  ? 0.020   -10.989 0.579   1.00 27.47  ? 191  LYS A CG  1 
ATOM   709  C CD  . LYS A 1 93  ? -0.225  -12.356 1.215   1.00 51.10  ? 191  LYS A CD  1 
ATOM   710  C CE  . LYS A 1 93  ? -1.240  -12.350 2.348   1.00 86.76  ? 191  LYS A CE  1 
ATOM   711  N NZ  . LYS A 1 93  ? -2.581  -12.774 1.909   1.00 53.86  ? 191  LYS A NZ  1 
ATOM   712  N N   . LYS A 1 94  ? 1.773   -10.228 -3.461  1.00 18.08  ? 192  LYS A N   1 
ATOM   713  C CA  . LYS A 1 94  ? 2.281   -10.643 -4.769  1.00 18.14  ? 192  LYS A CA  1 
ATOM   714  C C   . LYS A 1 94  ? 3.599   -11.316 -4.496  1.00 16.02  ? 192  LYS A C   1 
ATOM   715  O O   . LYS A 1 94  ? 4.644   -10.724 -4.634  1.00 23.91  ? 192  LYS A O   1 
ATOM   716  C CB  . LYS A 1 94  ? 2.403   -9.494  -5.765  1.00 17.82  ? 192  LYS A CB  1 
ATOM   717  C CG  . LYS A 1 94  ? 1.020   -9.026  -6.208  1.00 25.41  ? 192  LYS A CG  1 
ATOM   718  C CD  . LYS A 1 94  ? 0.852   -9.263  -7.692  1.00 36.31  ? 192  LYS A CD  1 
ATOM   719  C CE  . LYS A 1 94  ? -0.517  -9.713  -8.153  1.00 36.89  ? 192  LYS A CE  1 
ATOM   720  N NZ  . LYS A 1 94  ? -0.486  -10.199 -9.547  1.00 57.13  ? 192  LYS A NZ  1 
ATOM   721  N N   . PRO A 1 95  ? 3.503   -12.546 -4.026  1.00 14.68  ? 193  PRO A N   1 
ATOM   722  C CA  . PRO A 1 95  ? 4.569   -13.419 -3.603  1.00 16.37  ? 193  PRO A CA  1 
ATOM   723  C C   . PRO A 1 95  ? 5.721   -13.517 -4.554  1.00 20.86  ? 193  PRO A C   1 
ATOM   724  O O   . PRO A 1 95  ? 6.856   -13.757 -4.141  1.00 19.99  ? 193  PRO A O   1 
ATOM   725  C CB  . PRO A 1 95  ? 3.939   -14.808 -3.405  1.00 20.22  ? 193  PRO A CB  1 
ATOM   726  C CG  . PRO A 1 95  ? 2.468   -14.635 -3.662  1.00 25.47  ? 193  PRO A CG  1 
ATOM   727  C CD  . PRO A 1 95  ? 2.206   -13.213 -4.116  1.00 20.87  ? 193  PRO A CD  1 
ATOM   728  N N   . LYS A 1 96  ? 5.427   -13.363 -5.838  1.00 19.19  ? 194  LYS A N   1 
ATOM   729  C CA  . LYS A 1 96  ? 6.502   -13.437 -6.808  1.00 20.41  ? 194  LYS A CA  1 
ATOM   730  C C   . LYS A 1 96  ? 7.027   -12.061 -7.165  1.00 30.37  ? 194  LYS A C   1 
ATOM   731  O O   . LYS A 1 96  ? 8.049   -11.957 -7.846  1.00 24.20  ? 194  LYS A O   1 
ATOM   732  C CB  A LYS A 1 96  ? 6.042   -14.143 -8.069  0.50 18.74  ? 194  LYS A CB  1 
ATOM   733  C CB  B LYS A 1 96  ? 6.109   -14.208 -8.050  0.50 20.37  ? 194  LYS A CB  1 
ATOM   734  C CG  A LYS A 1 96  ? 6.115   -15.652 -7.934  0.50 28.84  ? 194  LYS A CG  1 
ATOM   735  C CG  B LYS A 1 96  ? 6.454   -15.676 -7.900  0.50 58.78  ? 194  LYS A CG  1 
ATOM   736  C CD  A LYS A 1 96  ? 5.522   -16.396 -9.120  0.50 24.05  ? 194  LYS A CD  1 
ATOM   737  C CD  B LYS A 1 96  ? 6.197   -16.491 -9.156  0.50 74.95  ? 194  LYS A CD  1 
ATOM   738  C CE  A LYS A 1 96  ? 4.890   -17.735 -8.751  0.50 21.83  ? 194  LYS A CE  1 
ATOM   739  C CE  B LYS A 1 96  ? 6.015   -17.982 -8.915  0.50 29.18  ? 194  LYS A CE  1 
ATOM   740  N NZ  A LYS A 1 96  ? 3.674   -18.052 -9.508  0.50 33.43  ? 194  LYS A NZ  1 
ATOM   741  N NZ  B LYS A 1 96  ? 5.605   -18.685 -10.148 0.50 13.91  ? 194  LYS A NZ  1 
ATOM   742  N N   . GLY A 1 97  ? 6.320   -11.007 -6.733  1.00 18.13  ? 195  GLY A N   1 
ATOM   743  C CA  . GLY A 1 97  ? 6.790   -9.675  -7.038  1.00 17.27  ? 195  GLY A CA  1 
ATOM   744  C C   . GLY A 1 97  ? 6.448   -9.222  -8.465  1.00 20.63  ? 195  GLY A C   1 
ATOM   745  O O   . GLY A 1 97  ? 6.245   -10.005 -9.376  1.00 19.84  ? 195  GLY A O   1 
ATOM   746  N N   . CYS A 1 98  ? 6.396   -7.917  -8.657  1.00 20.91  ? 196  CYS A N   1 
ATOM   747  C CA  . CYS A 1 98  ? 6.074   -7.330  -9.935  1.00 23.58  ? 196  CYS A CA  1 
ATOM   748  C C   . CYS A 1 98  ? 6.294   -5.827  -9.891  1.00 32.42  ? 196  CYS A C   1 
ATOM   749  O O   . CYS A 1 98  ? 6.741   -5.295  -8.871  1.00 25.48  ? 196  CYS A O   1 
ATOM   750  C CB  . CYS A 1 98  ? 4.610   -7.623  -10.285 1.00 22.51  ? 196  CYS A CB  1 
ATOM   751  S SG  . CYS A 1 98  ? 3.385   -6.836  -9.215  1.00 20.94  ? 196  CYS A SG  1 
ATOM   752  N N   . ALA A 1 99  ? 5.978   -5.160  -11.004 1.00 24.11  ? 197  ALA A N   1 
ATOM   753  C CA  . ALA A 1 99  ? 6.146   -3.727  -11.087 1.00 20.97  ? 197  ALA A CA  1 
ATOM   754  C C   . ALA A 1 99  ? 5.007   -3.094  -10.313 1.00 18.33  ? 197  ALA A C   1 
ATOM   755  O O   . ALA A 1 99  ? 3.898   -3.614  -10.386 1.00 17.72  ? 197  ALA A O   1 
ATOM   756  C CB  . ALA A 1 99  ? 6.122   -3.324  -12.578 1.00 24.02  ? 197  ALA A CB  1 
ATOM   757  N N   . ALA A 1 100 ? 5.251   -1.985  -9.600  1.00 18.07  ? 198  ALA A N   1 
ATOM   758  C CA  . ALA A 1 100 ? 4.137   -1.366  -8.877  1.00 16.83  ? 198  ALA A CA  1 
ATOM   759  C C   . ALA A 1 100 ? 2.980   -1.068  -9.824  1.00 24.32  ? 198  ALA A C   1 
ATOM   760  O O   . ALA A 1 100 ? 1.797   -1.178  -9.490  1.00 20.95  ? 198  ALA A O   1 
ATOM   761  C CB  . ALA A 1 100 ? 4.564   -0.111  -8.116  1.00 15.32  ? 198  ALA A CB  1 
ATOM   762  N N   . GLN A 1 101 ? 3.354   -0.674  -11.050 1.00 26.41  ? 199  GLN A N   1 
ATOM   763  C CA  . GLN A 1 101 ? 2.378   -0.320  -12.080 1.00 24.52  ? 199  GLN A CA  1 
ATOM   764  C C   . GLN A 1 101 ? 1.416   -1.446  -12.428 1.00 18.84  ? 199  GLN A C   1 
ATOM   765  O O   . GLN A 1 101 ? 0.225   -1.211  -12.675 1.00 21.80  ? 199  GLN A O   1 
ATOM   766  C CB  . GLN A 1 101 ? 3.011   0.251   -13.373 1.00 24.53  ? 199  GLN A CB  1 
ATOM   767  C CG  . GLN A 1 101 ? 4.561   0.299   -13.366 1.00 100.00 ? 199  GLN A CG  1 
ATOM   768  C CD  . GLN A 1 101 ? 5.167   1.094   -12.226 1.00 100.00 ? 199  GLN A CD  1 
ATOM   769  O OE1 . GLN A 1 101 ? 4.837   2.271   -11.984 1.00 63.62  ? 199  GLN A OE1 1 
ATOM   770  N NE2 . GLN A 1 101 ? 6.086   0.420   -11.546 1.00 20.95  ? 199  GLN A NE2 1 
ATOM   771  N N   . GLU A 1 102 ? 1.958   -2.667  -12.445 1.00 16.31  ? 200  GLU A N   1 
ATOM   772  C CA  . GLU A 1 102 ? 1.167   -3.844  -12.732 1.00 20.76  ? 200  GLU A CA  1 
ATOM   773  C C   . GLU A 1 102 ? 0.128   -4.118  -11.653 1.00 20.63  ? 200  GLU A C   1 
ATOM   774  O O   . GLU A 1 102 ? -0.985  -4.525  -12.000 1.00 20.01  ? 200  GLU A O   1 
ATOM   775  C CB  . GLU A 1 102 ? 2.109   -5.048  -12.760 1.00 29.64  ? 200  GLU A CB  1 
ATOM   776  C CG  . GLU A 1 102 ? 2.865   -5.217  -14.091 1.00 59.08  ? 200  GLU A CG  1 
ATOM   777  C CD  . GLU A 1 102 ? 3.910   -6.307  -13.996 1.00 100.00 ? 200  GLU A CD  1 
ATOM   778  O OE1 . GLU A 1 102 ? 5.078   -6.105  -13.706 1.00 38.75  ? 200  GLU A OE1 1 
ATOM   779  O OE2 . GLU A 1 102 ? 3.419   -7.498  -14.223 1.00 100.00 ? 200  GLU A OE2 1 
ATOM   780  N N   . ALA A 1 103 ? 0.509   -3.923  -10.367 1.00 19.76  ? 201  ALA A N   1 
ATOM   781  C CA  . ALA A 1 103 ? -0.358  -4.145  -9.194  1.00 14.77  ? 201  ALA A CA  1 
ATOM   782  C C   . ALA A 1 103 ? -1.453  -3.103  -9.212  1.00 16.05  ? 201  ALA A C   1 
ATOM   783  O O   . ALA A 1 103 ? -2.640  -3.363  -9.065  1.00 19.22  ? 201  ALA A O   1 
ATOM   784  C CB  . ALA A 1 103 ? 0.494   -4.027  -7.920  1.00 17.57  ? 201  ALA A CB  1 
ATOM   785  N N   . ILE A 1 104 ? -1.055  -1.859  -9.464  1.00 16.29  ? 202  ILE A N   1 
ATOM   786  C CA  . ILE A 1 104 ? -2.057  -0.829  -9.525  1.00 15.78  ? 202  ILE A CA  1 
ATOM   787  C C   . ILE A 1 104 ? -3.033  -1.077  -10.673 1.00 18.45  ? 202  ILE A C   1 
ATOM   788  O O   . ILE A 1 104 ? -4.239  -0.801  -10.554 1.00 20.21  ? 202  ILE A O   1 
ATOM   789  C CB  . ILE A 1 104 ? -1.430  0.560   -9.700  1.00 20.49  ? 202  ILE A CB  1 
ATOM   790  C CG1 . ILE A 1 104 ? -0.651  0.936   -8.440  1.00 25.64  ? 202  ILE A CG1 1 
ATOM   791  C CG2 . ILE A 1 104 ? -2.501  1.624   -9.964  1.00 16.02  ? 202  ILE A CG2 1 
ATOM   792  C CD1 . ILE A 1 104 ? 0.399   2.001   -8.706  1.00 42.62  ? 202  ILE A CD1 1 
ATOM   793  N N   . ALA A 1 105 ? -2.518  -1.539  -11.817 1.00 16.34  ? 203  ALA A N   1 
ATOM   794  C CA  . ALA A 1 105 ? -3.377  -1.790  -12.958 1.00 17.10  ? 203  ALA A CA  1 
ATOM   795  C C   . ALA A 1 105 ? -4.407  -2.834  -12.580 1.00 21.73  ? 203  ALA A C   1 
ATOM   796  O O   . ALA A 1 105 ? -5.592  -2.743  -12.917 1.00 20.30  ? 203  ALA A O   1 
ATOM   797  C CB  . ALA A 1 105 ? -2.522  -2.322  -14.089 1.00 19.21  ? 203  ALA A CB  1 
ATOM   798  N N   . GLU A 1 106 ? -3.929  -3.827  -11.856 1.00 14.64  ? 204  GLU A N   1 
ATOM   799  C CA  . GLU A 1 106 ? -4.811  -4.888  -11.409 1.00 17.74  ? 204  GLU A CA  1 
ATOM   800  C C   . GLU A 1 106 ? -5.831  -4.304  -10.473 1.00 20.97  ? 204  GLU A C   1 
ATOM   801  O O   . GLU A 1 106 ? -7.015  -4.577  -10.580 1.00 18.31  ? 204  GLU A O   1 
ATOM   802  C CB  . GLU A 1 106 ? -4.065  -5.931  -10.585 1.00 19.83  ? 204  GLU A CB  1 
ATOM   803  C CG  . GLU A 1 106 ? -3.416  -7.044  -11.419 1.00 35.08  ? 204  GLU A CG  1 
ATOM   804  C CD  . GLU A 1 106 ? -2.765  -8.098  -10.573 1.00 60.09  ? 204  GLU A CD  1 
ATOM   805  O OE1 . GLU A 1 106 ? -2.958  -8.188  -9.362  1.00 35.81  ? 204  GLU A OE1 1 
ATOM   806  O OE2 . GLU A 1 106 ? -1.967  -8.879  -11.278 1.00 37.06  ? 204  GLU A OE2 1 
ATOM   807  N N   . LEU A 1 107 ? -5.363  -3.501  -9.519  1.00 19.00  ? 205  LEU A N   1 
ATOM   808  C CA  . LEU A 1 107 ? -6.301  -2.921  -8.580  1.00 15.48  ? 205  LEU A CA  1 
ATOM   809  C C   . LEU A 1 107 ? -7.345  -2.111  -9.330  1.00 19.66  ? 205  LEU A C   1 
ATOM   810  O O   . LEU A 1 107 ? -8.524  -2.064  -8.957  1.00 21.68  ? 205  LEU A O   1 
ATOM   811  C CB  . LEU A 1 107 ? -5.578  -2.064  -7.524  1.00 12.29  ? 205  LEU A CB  1 
ATOM   812  C CG  . LEU A 1 107 ? -6.488  -1.197  -6.681  1.00 13.31  ? 205  LEU A CG  1 
ATOM   813  C CD1 . LEU A 1 107 ? -7.302  -2.098  -5.760  1.00 17.79  ? 205  LEU A CD1 1 
ATOM   814  C CD2 . LEU A 1 107 ? -5.553  -0.415  -5.780  1.00 18.09  ? 205  LEU A CD2 1 
ATOM   815  N N   . GLN A 1 108 ? -6.926  -1.420  -10.395 1.00 15.71  ? 206  GLN A N   1 
ATOM   816  C CA  . GLN A 1 108 ? -7.892  -0.628  -11.142 1.00 18.56  ? 206  GLN A CA  1 
ATOM   817  C C   . GLN A 1 108 ? -8.960  -1.470  -11.851 1.00 13.51  ? 206  GLN A C   1 
ATOM   818  O O   . GLN A 1 108 ? -10.109 -1.015  -11.996 1.00 15.15  ? 206  GLN A O   1 
ATOM   819  C CB  . GLN A 1 108 ? -7.333  0.496   -12.044 1.00 18.86  ? 206  GLN A CB  1 
ATOM   820  C CG  . GLN A 1 108 ? -6.487  1.515   -11.243 1.00 10.78  ? 206  GLN A CG  1 
ATOM   821  C CD  . GLN A 1 108 ? -5.600  2.339   -12.161 1.00 26.83  ? 206  GLN A CD  1 
ATOM   822  O OE1 . GLN A 1 108 ? -4.827  1.799   -12.981 1.00 24.25  ? 206  GLN A OE1 1 
ATOM   823  N NE2 . GLN A 1 108 ? -5.700  3.660   -12.022 1.00 24.28  ? 206  GLN A NE2 1 
ATOM   824  N N   . THR A 1 109 ? -8.598  -2.677  -12.268 1.00 12.50  ? 207  THR A N   1 
ATOM   825  C CA  . THR A 1 109 ? -9.614  -3.506  -12.933 1.00 19.94  ? 207  THR A CA  1 
ATOM   826  C C   . THR A 1 109 ? -10.795 -3.779  -11.994 1.00 26.97  ? 207  THR A C   1 
ATOM   827  O O   . THR A 1 109 ? -11.964 -3.925  -12.403 1.00 21.57  ? 207  THR A O   1 
ATOM   828  C CB  . THR A 1 109 ? -9.061  -4.826  -13.508 1.00 27.92  ? 207  THR A CB  1 
ATOM   829  O OG1 . THR A 1 109 ? -8.579  -5.552  -12.404 1.00 23.19  ? 207  THR A OG1 1 
ATOM   830  C CG2 . THR A 1 109 ? -7.979  -4.609  -14.580 1.00 14.99  ? 207  THR A CG2 1 
ATOM   831  N N   . VAL A 1 110 ? -10.497 -3.834  -10.682 1.00 19.38  ? 208  VAL A N   1 
ATOM   832  C CA  . VAL A 1 110 ? -11.548 -4.036  -9.691  1.00 14.73  ? 208  VAL A CA  1 
ATOM   833  C C   . VAL A 1 110 ? -12.324 -2.770  -9.503  1.00 11.44  ? 208  VAL A C   1 
ATOM   834  O O   . VAL A 1 110 ? -13.548 -2.676  -9.525  1.00 18.94  ? 208  VAL A O   1 
ATOM   835  C CB  . VAL A 1 110 ? -10.955 -4.469  -8.356  1.00 23.61  ? 208  VAL A CB  1 
ATOM   836  C CG1 . VAL A 1 110 ? -12.052 -4.581  -7.308  1.00 24.63  ? 208  VAL A CG1 1 
ATOM   837  C CG2 . VAL A 1 110 ? -10.225 -5.802  -8.543  1.00 18.57  ? 208  VAL A CG2 1 
ATOM   838  N N   . MET A 1 111 ? -11.567 -1.714  -9.312  1.00 14.61  ? 209  MET A N   1 
ATOM   839  C CA  . MET A 1 111 ? -12.228 -0.456  -9.113  1.00 13.60  ? 209  MET A CA  1 
ATOM   840  C C   . MET A 1 111 ? -13.135 -0.146  -10.273 1.00 30.56  ? 209  MET A C   1 
ATOM   841  O O   . MET A 1 111 ? -14.245 0.333   -10.063 1.00 30.53  ? 209  MET A O   1 
ATOM   842  C CB  . MET A 1 111 ? -11.217 0.715   -9.065  1.00 15.18  ? 209  MET A CB  1 
ATOM   843  C CG  . MET A 1 111 ? -10.318 0.597   -7.857  1.00 24.54  ? 209  MET A CG  1 
ATOM   844  S SD  . MET A 1 111 ? -8.926  1.764   -7.877  1.00 22.62  ? 209  MET A SD  1 
ATOM   845  C CE  . MET A 1 111 ? -9.862  3.268   -7.562  1.00 22.92  ? 209  MET A CE  1 
ATOM   846  N N   . ALA A 1 112 ? -12.617 -0.383  -11.486 1.00 28.53  ? 210  ALA A N   1 
ATOM   847  C CA  . ALA A 1 112 ? -13.388 -0.050  -12.682 1.00 26.43  ? 210  ALA A CA  1 
ATOM   848  C C   . ALA A 1 112 ? -14.519 -1.024  -12.941 1.00 35.06  ? 210  ALA A C   1 
ATOM   849  O O   . ALA A 1 112 ? -15.441 -0.701  -13.677 1.00 28.77  ? 210  ALA A O   1 
ATOM   850  C CB  . ALA A 1 112 ? -12.533 0.104   -13.941 1.00 20.88  ? 210  ALA A CB  1 
ATOM   851  N N   . GLY A 1 113 ? -14.448 -2.230  -12.386 1.00 35.07  ? 211  GLY A N   1 
ATOM   852  C CA  . GLY A 1 113 ? -15.488 -3.216  -12.648 1.00 31.93  ? 211  GLY A CA  1 
ATOM   853  C C   . GLY A 1 113 ? -16.575 -3.266  -11.584 1.00 31.11  ? 211  GLY A C   1 
ATOM   854  O O   . GLY A 1 113 ? -17.457 -2.395  -11.513 1.00 32.89  ? 211  GLY A O   1 
ATOM   855  N N   . SER A 1 114 ? -16.494 -4.304  -10.745 1.00 26.08  ? 212  SER A N   1 
ATOM   856  C CA  . SER A 1 114 ? -17.459 -4.437  -9.673  1.00 31.46  ? 212  SER A CA  1 
ATOM   857  C C   . SER A 1 114 ? -16.787 -4.406  -8.311  1.00 26.57  ? 212  SER A C   1 
ATOM   858  O O   . SER A 1 114 ? -16.632 -5.416  -7.627  1.00 21.57  ? 212  SER A O   1 
ATOM   859  C CB  . SER A 1 114 ? -18.438 -5.591  -9.836  1.00 44.20  ? 212  SER A CB  1 
ATOM   860  O OG  . SER A 1 114 ? -17.875 -6.530  -10.727 1.00 48.16  ? 212  SER A OG  1 
ATOM   861  N N   . PRO A 1 115 ? -16.383 -3.206  -7.937  1.00 25.29  ? 213  PRO A N   1 
ATOM   862  C CA  . PRO A 1 115 ? -15.752 -3.054  -6.648  1.00 24.22  ? 213  PRO A CA  1 
ATOM   863  C C   . PRO A 1 115 ? -16.730 -3.344  -5.520  1.00 25.43  ? 213  PRO A C   1 
ATOM   864  O O   . PRO A 1 115 ? -17.919 -3.077  -5.621  1.00 19.66  ? 213  PRO A O   1 
ATOM   865  C CB  . PRO A 1 115 ? -15.363 -1.574  -6.557  1.00 16.72  ? 213  PRO A CB  1 
ATOM   866  C CG  . PRO A 1 115 ? -16.230 -0.857  -7.568  1.00 17.99  ? 213  PRO A CG  1 
ATOM   867  C CD  . PRO A 1 115 ? -16.584 -1.895  -8.616  1.00 22.66  ? 213  PRO A CD  1 
ATOM   868  N N   . PRO A 1 116 ? -16.219 -3.867  -4.411  1.00 22.46  ? 214  PRO A N   1 
ATOM   869  C CA  . PRO A 1 116 ? -17.067 -4.077  -3.277  1.00 19.12  ? 214  PRO A CA  1 
ATOM   870  C C   . PRO A 1 116 ? -17.412 -2.683  -2.753  1.00 33.98  ? 214  PRO A C   1 
ATOM   871  O O   . PRO A 1 116 ? -16.721 -1.677  -2.986  1.00 26.06  ? 214  PRO A O   1 
ATOM   872  C CB  . PRO A 1 116 ? -16.249 -4.816  -2.234  1.00 22.66  ? 214  PRO A CB  1 
ATOM   873  C CG  . PRO A 1 116 ? -14.799 -4.736  -2.667  1.00 21.43  ? 214  PRO A CG  1 
ATOM   874  C CD  . PRO A 1 116 ? -14.822 -4.297  -4.121  1.00 25.07  ? 214  PRO A CD  1 
ATOM   875  N N   . PRO A 1 117 ? -18.534 -2.654  -2.047  1.00 39.82  ? 215  PRO A N   1 
ATOM   876  C CA  . PRO A 1 117 ? -19.120 -1.463  -1.474  1.00 40.56  ? 215  PRO A CA  1 
ATOM   877  C C   . PRO A 1 117 ? -18.126 -0.507  -0.844  1.00 46.48  ? 215  PRO A C   1 
ATOM   878  O O   . PRO A 1 117 ? -18.207 0.708   -1.071  1.00 40.06  ? 215  PRO A O   1 
ATOM   879  C CB  . PRO A 1 117 ? -20.133 -1.941  -0.424  1.00 43.46  ? 215  PRO A CB  1 
ATOM   880  C CG  . PRO A 1 117 ? -20.189 -3.459  -0.530  1.00 50.54  ? 215  PRO A CG  1 
ATOM   881  C CD  . PRO A 1 117 ? -18.982 -3.889  -1.344  1.00 40.31  ? 215  PRO A CD  1 
ATOM   882  N N   . TRP A 1 118 ? -17.209 -1.036  -0.034  1.00 37.50  ? 216  TRP A N   1 
ATOM   883  C CA  . TRP A 1 118 ? -16.235 -0.173  0.604   1.00 31.72  ? 216  TRP A CA  1 
ATOM   884  C C   . TRP A 1 118 ? -15.410 0.620   -0.378  1.00 39.84  ? 216  TRP A C   1 
ATOM   885  O O   . TRP A 1 118 ? -15.115 1.802   -0.170  1.00 33.94  ? 216  TRP A O   1 
ATOM   886  C CB  . TRP A 1 118 ? -15.291 -0.885  1.578   1.00 30.40  ? 216  TRP A CB  1 
ATOM   887  C CG  . TRP A 1 118 ? -14.283 -1.767  0.954   1.00 25.18  ? 216  TRP A CG  1 
ATOM   888  C CD1 . TRP A 1 118 ? -14.359 -3.102  0.718   1.00 22.50  ? 216  TRP A CD1 1 
ATOM   889  C CD2 . TRP A 1 118 ? -12.982 -1.358  0.559   1.00 26.32  ? 216  TRP A CD2 1 
ATOM   890  N NE1 . TRP A 1 118 ? -13.173 -3.564  0.179   1.00 22.86  ? 216  TRP A NE1 1 
ATOM   891  C CE2 . TRP A 1 118 ? -12.293 -2.508  0.066   1.00 31.39  ? 216  TRP A CE2 1 
ATOM   892  C CE3 . TRP A 1 118 ? -12.344 -0.124  0.589   1.00 29.13  ? 216  TRP A CE3 1 
ATOM   893  C CZ2 . TRP A 1 118 ? -10.963 -2.429  -0.429  1.00 27.15  ? 216  TRP A CZ2 1 
ATOM   894  C CZ3 . TRP A 1 118 ? -11.040 -0.054  0.091   1.00 26.84  ? 216  TRP A CZ3 1 
ATOM   895  C CH2 . TRP A 1 118 ? -10.349 -1.176  -0.414  1.00 23.23  ? 216  TRP A CH2 1 
ATOM   896  N N   . LEU A 1 119 ? -15.054 -0.059  -1.456  1.00 25.87  ? 217  LEU A N   1 
ATOM   897  C CA  . LEU A 1 119 ? -14.256 0.532   -2.492  1.00 19.20  ? 217  LEU A CA  1 
ATOM   898  C C   . LEU A 1 119 ? -15.135 1.336   -3.413  1.00 29.94  ? 217  LEU A C   1 
ATOM   899  O O   . LEU A 1 119 ? -14.780 2.441   -3.817  1.00 25.51  ? 217  LEU A O   1 
ATOM   900  C CB  . LEU A 1 119 ? -13.468 -0.557  -3.210  1.00 22.02  ? 217  LEU A CB  1 
ATOM   901  C CG  . LEU A 1 119 ? -12.466 -0.119  -4.276  1.00 29.41  ? 217  LEU A CG  1 
ATOM   902  C CD1 . LEU A 1 119 ? -11.502 0.967   -3.809  1.00 18.10  ? 217  LEU A CD1 1 
ATOM   903  C CD2 . LEU A 1 119 ? -11.648 -1.347  -4.644  1.00 17.93  ? 217  LEU A CD2 1 
ATOM   904  N N   . ALA A 1 120 ? -16.315 0.820   -3.724  1.00 30.83  ? 218  ALA A N   1 
ATOM   905  C CA  . ALA A 1 120 ? -17.210 1.561   -4.602  1.00 27.17  ? 218  ALA A CA  1 
ATOM   906  C C   . ALA A 1 120 ? -17.501 2.975   -4.111  1.00 34.28  ? 218  ALA A C   1 
ATOM   907  O O   . ALA A 1 120 ? -17.539 3.937   -4.904  1.00 31.50  ? 218  ALA A O   1 
ATOM   908  C CB  . ALA A 1 120 ? -18.495 0.814   -4.954  1.00 23.69  ? 218  ALA A CB  1 
ATOM   909  N N   . LYS A 1 121 ? -17.684 3.076   -2.793  1.00 26.89  ? 219  LYS A N   1 
ATOM   910  C CA  . LYS A 1 121 ? -18.010 4.328   -2.132  1.00 31.37  ? 219  LYS A CA  1 
ATOM   911  C C   . LYS A 1 121 ? -16.925 5.373   -2.326  1.00 39.53  ? 219  LYS A C   1 
ATOM   912  O O   . LYS A 1 121 ? -17.144 6.597   -2.393  1.00 34.37  ? 219  LYS A O   1 
ATOM   913  C CB  . LYS A 1 121 ? -18.102 4.070   -0.636  1.00 41.40  ? 219  LYS A CB  1 
ATOM   914  C CG  . LYS A 1 121 ? -19.487 3.777   -0.100  1.00 81.55  ? 219  LYS A CG  1 
ATOM   915  C CD  . LYS A 1 121 ? -19.593 4.174   1.368   1.00 100.00 ? 219  LYS A CD  1 
ATOM   916  C CE  . LYS A 1 121 ? -20.461 3.252   2.207   1.00 100.00 ? 219  LYS A CE  1 
ATOM   917  N NZ  . LYS A 1 121 ? -20.112 1.833   2.122   1.00 92.22  ? 219  LYS A NZ  1 
ATOM   918  N N   . LEU A 1 122 ? -15.719 4.830   -2.395  1.00 26.28  ? 220  LEU A N   1 
ATOM   919  C CA  . LEU A 1 122 ? -14.526 5.631   -2.510  1.00 28.41  ? 220  LEU A CA  1 
ATOM   920  C C   . LEU A 1 122 ? -14.335 6.193   -3.877  1.00 45.73  ? 220  LEU A C   1 
ATOM   921  O O   . LEU A 1 122 ? -14.040 7.374   -4.074  1.00 44.00  ? 220  LEU A O   1 
ATOM   922  C CB  . LEU A 1 122 ? -13.336 4.772   -2.095  1.00 29.75  ? 220  LEU A CB  1 
ATOM   923  C CG  . LEU A 1 122 ? -13.501 4.435   -0.621  1.00 28.55  ? 220  LEU A CG  1 
ATOM   924  C CD1 . LEU A 1 122 ? -12.185 3.926   -0.081  1.00 18.61  ? 220  LEU A CD1 1 
ATOM   925  C CD2 . LEU A 1 122 ? -13.882 5.713   0.104   1.00 32.31  ? 220  LEU A CD2 1 
ATOM   926  N N   . VAL A 1 123 ? -14.557 5.267   -4.796  1.00 40.30  ? 221  VAL A N   1 
ATOM   927  C CA  . VAL A 1 123 ? -14.480 5.491   -6.215  1.00 88.21  ? 221  VAL A CA  1 
ATOM   928  C C   . VAL A 1 123 ? -15.871 5.481   -6.821  1.00 100.00 ? 221  VAL A C   1 
ATOM   929  O O   . VAL A 1 123 ? -16.366 6.515   -7.300  1.00 100.00 ? 221  VAL A O   1 
ATOM   930  C CB  . VAL A 1 123 ? -13.644 4.394   -6.824  1.00 89.12  ? 221  VAL A CB  1 
ATOM   931  C CG1 . VAL A 1 123 ? -13.625 4.600   -8.330  1.00 93.10  ? 221  VAL A CG1 1 
ATOM   932  C CG2 . VAL A 1 123 ? -12.244 4.441   -6.218  1.00 84.20  ? 221  VAL A CG2 1 
HETATM 933  C C1  . EDO B 2 .   ? -4.138  10.086  -10.301 1.00 33.73  ? 300  EDO A C1  1 
HETATM 934  O O1  . EDO B 2 .   ? -3.634  11.113  -9.466  1.00 40.02  ? 300  EDO A O1  1 
HETATM 935  C C2  . EDO B 2 .   ? -5.347  9.426   -9.667  1.00 34.86  ? 300  EDO A C2  1 
HETATM 936  O O2  . EDO B 2 .   ? -6.081  10.376  -8.904  1.00 35.82  ? 300  EDO A O2  1 
HETATM 937  O O   . HOH C 3 .   ? -11.634 9.315   -1.315  1.00 44.82  ? 400  HOH A O   1 
HETATM 938  O O   . HOH C 3 .   ? -12.467 6.887   -9.468  1.00 28.18  ? 402  HOH A O   1 
HETATM 939  O O   . HOH C 3 .   ? -11.597 7.279   -12.493 1.00 28.97  ? 403  HOH A O   1 
HETATM 940  O O   . HOH C 3 .   ? -8.764  9.857   -12.301 1.00 35.28  ? 404  HOH A O   1 
HETATM 941  O O   . HOH C 3 .   ? 11.837  1.640   -4.258  1.00 16.62  ? 405  HOH A O   1 
HETATM 942  O O   . HOH C 3 .   ? 12.065  -6.741  1.662   1.00 14.76  ? 406  HOH A O   1 
HETATM 943  O O   . HOH C 3 .   ? 17.232  -5.393  -2.671  1.00 43.62  ? 407  HOH A O   1 
HETATM 944  O O   . HOH C 3 .   ? 6.246   -8.746  8.246   1.00 13.49  ? 409  HOH A O   1 
HETATM 945  O O   . HOH C 3 .   ? 8.083   -9.353  6.563   1.00 20.80  ? 410  HOH A O   1 
HETATM 946  O O   . HOH C 3 .   ? 7.209   -7.517  10.513  1.00 31.45  ? 411  HOH A O   1 
HETATM 947  O O   . HOH C 3 .   ? 15.113  -3.868  8.058   1.00 39.11  ? 413  HOH A O   1 
HETATM 948  O O   . HOH C 3 .   ? 15.635  -5.450  2.539   1.00 40.15  ? 414  HOH A O   1 
HETATM 949  O O   . HOH C 3 .   ? 14.707  3.825   3.310   1.00 38.71  ? 416  HOH A O   1 
HETATM 950  O O   . HOH C 3 .   ? 14.472  5.190   0.541   1.00 28.76  ? 417  HOH A O   1 
HETATM 951  O O   . HOH C 3 .   ? -9.268  1.515   -15.368 1.00 34.41  ? 418  HOH A O   1 
HETATM 952  O O   . HOH C 3 .   ? -11.817 2.517   -16.954 1.00 31.68  ? 419  HOH A O   1 
HETATM 953  O O   . HOH C 3 .   ? 2.640   13.159  -8.304  1.00 20.80  ? 421  HOH A O   1 
HETATM 954  O O   . HOH C 3 .   ? 3.554   14.648  -4.340  1.00 34.08  ? 422  HOH A O   1 
HETATM 955  O O   . HOH C 3 .   ? 5.655   14.693  -0.301  1.00 45.93  ? 423  HOH A O   1 
HETATM 956  O O   . HOH C 3 .   ? 10.264  10.825  -0.798  1.00 36.71  ? 425  HOH A O   1 
HETATM 957  O O   . HOH C 3 .   ? 11.037  9.353   3.170   1.00 17.92  ? 427  HOH A O   1 
HETATM 958  O O   . HOH C 3 .   ? 7.487   9.915   5.105   1.00 48.20  ? 428  HOH A O   1 
HETATM 959  O O   . HOH C 3 .   ? 5.173   14.165  7.918   1.00 63.53  ? 429  HOH A O   1 
HETATM 960  O O   . HOH C 3 .   ? 2.142   9.243   6.816   1.00 49.36  ? 430  HOH A O   1 
HETATM 961  O O   . HOH C 3 .   ? 12.247  6.888   7.999   1.00 25.37  ? 431  HOH A O   1 
HETATM 962  O O   . HOH C 3 .   ? 17.202  9.366   11.330  1.00 28.73  ? 432  HOH A O   1 
HETATM 963  O O   . HOH C 3 .   ? 14.109  10.837  8.827   1.00 45.91  ? 433  HOH A O   1 
HETATM 964  O O   . HOH C 3 .   ? 11.520  6.112   14.731  1.00 32.46  ? 434  HOH A O   1 
HETATM 965  O O   . HOH C 3 .   ? 12.159  9.339   7.739   1.00 41.84  ? 436  HOH A O   1 
HETATM 966  O O   . HOH C 3 .   ? 6.173   2.326   21.896  1.00 34.60  ? 437  HOH A O   1 
HETATM 967  O O   . HOH C 3 .   ? 7.891   2.832   19.405  1.00 23.35  ? 438  HOH A O   1 
HETATM 968  O O   . HOH C 3 .   ? 5.807   2.835   17.095  1.00 30.09  ? 439  HOH A O   1 
HETATM 969  O O   . HOH C 3 .   ? 3.401   -15.011 10.423  1.00 27.09  ? 441  HOH A O   1 
HETATM 970  O O   . HOH C 3 .   ? 6.462   -13.754 6.987   1.00 26.11  ? 443  HOH A O   1 
HETATM 971  O O   . HOH C 3 .   ? 0.571   2.065   14.003  1.00 23.72  ? 445  HOH A O   1 
HETATM 972  O O   . HOH C 3 .   ? 11.225  -4.611  18.228  1.00 30.41  ? 446  HOH A O   1 
HETATM 973  O O   . HOH C 3 .   ? -11.835 -1.371  5.117   1.00 63.34  ? 452  HOH A O   1 
HETATM 974  O O   . HOH C 3 .   ? 3.094   -13.588 0.210   1.00 26.08  ? 454  HOH A O   1 
HETATM 975  O O   . HOH C 3 .   ? -0.522  -7.846  15.701  1.00 26.20  ? 455  HOH A O   1 
HETATM 976  O O   . HOH C 3 .   ? -4.600  1.949   13.795  1.00 37.40  ? 456  HOH A O   1 
HETATM 977  O O   . HOH C 3 .   ? -3.620  -10.981 -1.481  1.00 17.86  ? 460  HOH A O   1 
HETATM 978  O O   . HOH C 3 .   ? -1.790  -14.052 -3.750  1.00 68.15  ? 465  HOH A O   1 
HETATM 979  O O   . HOH C 3 .   ? 2.848   -12.978 -7.363  1.00 17.39  ? 467  HOH A O   1 
HETATM 980  O O   . HOH C 3 .   ? 3.964   -11.435 -9.652  1.00 33.85  ? 468  HOH A O   1 
HETATM 981  O O   . HOH C 3 .   ? -6.310  -1.601  -15.200 1.00 18.21  ? 471  HOH A O   1 
HETATM 982  O O   . HOH C 3 .   ? -9.088  -0.938  -15.438 1.00 22.53  ? 472  HOH A O   1 
HETATM 983  O O   . HOH C 3 .   ? -16.657 -7.395  -5.361  1.00 21.41  ? 474  HOH A O   1 
HETATM 984  O O   . HOH C 3 .   ? -16.017 3.209   2.147   1.00 52.13  ? 475  HOH A O   1 
HETATM 985  O O   . HOH C 3 .   ? -17.697 -3.592  1.274   1.00 31.11  ? 477  HOH A O   1 
HETATM 986  O O   . HOH C 3 .   ? -13.770 9.012   -2.496  1.00 46.16  ? 478  HOH A O   1 
HETATM 987  O O   . HOH C 3 .   ? 9.867   -2.144  6.808   1.00 17.49  ? 600  HOH A O   1 
HETATM 988  O O   . HOH C 3 .   ? -14.614 -7.530  -4.148  1.00 16.02  ? 601  HOH A O   1 
HETATM 989  O O   . HOH C 3 .   ? 14.655  0.363   6.883   1.00 23.50  ? 602  HOH A O   1 
HETATM 990  O O   . HOH C 3 .   ? -4.138  -6.916  -7.290  1.00 24.42  ? 603  HOH A O   1 
HETATM 991  O O   . HOH C 3 .   ? -3.090  -1.014  13.885  1.00 27.93  ? 604  HOH A O   1 
HETATM 992  O O   . HOH C 3 .   ? -0.491  -0.578  14.488  1.00 22.62  ? 605  HOH A O   1 
HETATM 993  O O   . HOH C 3 .   ? -4.588  0.715   -16.022 1.00 35.49  ? 606  HOH A O   1 
HETATM 994  O O   . HOH C 3 .   ? -12.687 -6.052  -0.455  1.00 26.02  ? 607  HOH A O   1 
HETATM 995  O O   . HOH C 3 .   ? -19.307 -6.621  -3.769  1.00 43.87  ? 608  HOH A O   1 
HETATM 996  O O   . HOH C 3 .   ? -5.413  -3.865  -16.686 1.00 29.09  ? 609  HOH A O   1 
HETATM 997  O O   . HOH C 3 .   ? -1.640  -5.527  -14.378 1.00 44.19  ? 610  HOH A O   1 
HETATM 998  O O   . HOH C 3 .   ? 17.636  1.454   -2.922  1.00 32.78  ? 611  HOH A O   1 
HETATM 999  O O   . HOH C 3 .   ? 11.661  -2.391  8.163   1.00 24.50  ? 612  HOH A O   1 
HETATM 1000 O O   . HOH C 3 .   ? 9.577   -8.497  10.669  1.00 30.43  ? 614  HOH A O   1 
HETATM 1001 O O   . HOH C 3 .   ? 4.263   -9.772  11.639  1.00 28.00  ? 615  HOH A O   1 
HETATM 1002 O O   . HOH C 3 .   ? 0.657   -15.040 -0.844  1.00 37.40  ? 616  HOH A O   1 
HETATM 1003 O O   . HOH C 3 .   ? -14.290 -5.681  -11.306 1.00 25.80  ? 617  HOH A O   1 
HETATM 1004 O O   . HOH C 3 .   ? 12.773  -10.057 4.381   1.00 46.52  ? 619  HOH A O   1 
HETATM 1005 O O   . HOH C 3 .   ? -10.848 -2.286  -16.706 1.00 29.64  ? 620  HOH A O   1 
HETATM 1006 O O   . HOH C 3 .   ? -12.642 -4.153  -14.877 1.00 33.22  ? 622  HOH A O   1 
HETATM 1007 O O   . HOH C 3 .   ? 17.860  -2.131  -2.757  1.00 33.94  ? 623  HOH A O   1 
HETATM 1008 O O   . HOH C 3 .   ? 1.972   -1.632  19.023  0.50 74.08  ? 624  HOH A O   1 
HETATM 1009 O O   . HOH C 3 .   ? 3.524   12.606  -11.090 1.00 51.91  ? 625  HOH A O   1 
HETATM 1010 O O   . HOH C 3 .   ? 10.044  5.827   17.197  1.00 44.40  ? 626  HOH A O   1 
HETATM 1011 O O   . HOH C 3 .   ? 13.904  -1.962  25.299  1.00 46.30  ? 627  HOH A O   1 
HETATM 1012 O O   . HOH C 3 .   ? -11.073 9.587   -13.104 1.00 54.12  ? 628  HOH A O   1 
HETATM 1013 O O   . HOH C 3 .   ? -14.150 6.513   -13.032 1.00 40.19  ? 632  HOH A O   1 
HETATM 1014 O O   . HOH C 3 .   ? 13.282  -3.759  11.405  1.00 34.49  ? 633  HOH A O   1 
HETATM 1015 O O   . HOH C 3 .   ? -6.083  9.126   2.865   1.00 37.30  ? 635  HOH A O   1 
HETATM 1016 O O   . HOH C 3 .   ? -8.832  0.003   -18.739 1.00 53.89  ? 636  HOH A O   1 
HETATM 1017 O O   . HOH C 3 .   ? -7.072  -7.755  -13.345 1.00 39.66  ? 637  HOH A O   1 
HETATM 1018 O O   . HOH C 3 .   ? 17.485  2.488   18.211  1.00 43.20  ? 638  HOH A O   1 
HETATM 1019 O O   . HOH C 3 .   ? -6.698  4.176   6.045   1.00 32.92  ? 639  HOH A O   1 
HETATM 1020 O O   . HOH C 3 .   ? 0.912   -2.406  -16.054 1.00 43.32  ? 642  HOH A O   1 
HETATM 1021 O O   . HOH C 3 .   ? 14.748  4.881   20.038  1.00 32.44  ? 645  HOH A O   1 
HETATM 1022 O O   . HOH C 3 .   ? -10.234 11.687  -7.781  1.00 34.57  ? 646  HOH A O   1 
HETATM 1023 O O   . HOH C 3 .   ? 11.315  -8.961  8.566   1.00 48.47  ? 647  HOH A O   1 
HETATM 1024 O O   . HOH C 3 .   ? 5.952   -9.002  12.905  1.00 63.31  ? 648  HOH A O   1 
HETATM 1025 O O   . HOH C 3 .   ? 12.101  -12.353 3.205   1.00 75.62  ? 650  HOH A O   1 
HETATM 1026 O O   . HOH C 3 .   ? -2.061  2.153   -13.621 1.00 41.88  ? 652  HOH A O   1 
HETATM 1027 O O   . HOH C 3 .   ? 7.242   -11.538 5.466   1.00 49.74  ? 654  HOH A O   1 
HETATM 1028 O O   . HOH C 3 .   ? 4.118   -8.204  -17.407 1.00 76.08  ? 655  HOH A O   1 
HETATM 1029 O O   . HOH C 3 .   ? -5.229  4.272   9.612   1.00 29.93  ? 656  HOH A O   1 
HETATM 1030 O O   . HOH C 3 .   ? 15.767  -0.274  17.987  1.00 59.63  ? 660  HOH A O   1 
HETATM 1031 O O   . HOH C 3 .   ? -17.633 -5.626  -13.941 1.00 83.59  ? 662  HOH A O   1 
HETATM 1032 O O   . HOH C 3 .   ? 13.460  -5.740  -7.552  1.00 42.13  ? 663  HOH A O   1 
HETATM 1033 O O   . HOH C 3 .   ? 7.156   8.090   -11.523 1.00 40.65  ? 664  HOH A O   1 
HETATM 1034 O O   . HOH C 3 .   ? 10.070  3.706   20.358  1.00 42.90  ? 665  HOH A O   1 
HETATM 1035 O O   . HOH C 3 .   ? -14.211 9.320   -15.814 1.00 51.86  ? 666  HOH A O   1 
HETATM 1036 O O   . HOH C 3 .   ? -5.471  -9.858  -10.089 1.00 44.66  ? 667  HOH A O   1 
HETATM 1037 O O   . HOH C 3 .   ? 16.232  1.836   -6.365  1.00 35.97  ? 669  HOH A O   1 
HETATM 1038 O O   . HOH C 3 .   ? -1.666  6.981   -15.035 1.00 55.83  ? 670  HOH A O   1 
HETATM 1039 O O   . HOH C 3 .   ? 2.355   -17.931 -1.363  1.00 52.04  ? 674  HOH A O   1 
HETATM 1040 O O   . HOH C 3 .   ? 6.981   -12.795 9.985   1.00 57.61  ? 675  HOH A O   1 
HETATM 1041 O O   . HOH C 3 .   ? -6.975  6.825   5.747   1.00 63.13  ? 678  HOH A O   1 
HETATM 1042 O O   . HOH C 3 .   ? -1.717  12.723  4.600   1.00 66.16  ? 679  HOH A O   1 
HETATM 1043 O O   . HOH C 3 .   ? -8.328  13.200  -10.076 1.00 65.94  ? 680  HOH A O   1 
HETATM 1044 O O   . HOH C 3 .   ? 5.267   -9.207  -13.468 1.00 42.51  ? 681  HOH A O   1 
HETATM 1045 O O   . HOH C 3 .   ? 7.156   -14.697 -1.218  1.00 62.44  ? 685  HOH A O   1 
HETATM 1046 O O   . HOH C 3 .   ? 3.012   13.103  3.526   1.00 70.68  ? 695  HOH A O   1 
HETATM 1047 O O   . HOH C 3 .   ? 14.784  -2.307  -9.867  1.00 69.75  ? 697  HOH A O   1 
HETATM 1048 O O   . HOH C 3 .   ? -1.239  10.815  -14.052 1.00 52.64  ? 698  HOH A O   1 
HETATM 1049 O O   . HOH C 3 .   ? 17.333  -0.838  20.589  1.00 58.00  ? 707  HOH A O   1 
HETATM 1050 O O   . HOH C 3 .   ? 9.111   -6.042  -12.332 1.00 51.28  ? 711  HOH A O   1 
HETATM 1051 O O   . HOH C 3 .   ? -12.768 9.712   -10.350 1.00 63.21  ? 900  HOH A O   1 
HETATM 1052 O O   . HOH C 3 .   ? 19.874  -1.553  -0.657  1.00 39.39  ? 901  HOH A O   1 
HETATM 1053 O O   . HOH C 3 .   ? 14.117  -6.834  -2.852  1.00 30.55  ? 902  HOH A O   1 
HETATM 1054 O O   . HOH C 3 .   ? 16.807  -4.640  0.144   1.00 37.49  ? 903  HOH A O   1 
HETATM 1055 O O   . HOH C 3 .   ? 13.338  -8.744  0.315   1.00 40.23  ? 905  HOH A O   1 
HETATM 1056 O O   . HOH C 3 .   ? 11.906  -0.060  -11.322 1.00 26.97  ? 907  HOH A O   1 
HETATM 1057 O O   . HOH C 3 .   ? 13.733  -0.958  -14.190 1.00 74.15  ? 909  HOH A O   1 
HETATM 1058 O O   . HOH C 3 .   ? -14.142 3.862   -14.403 1.00 51.62  ? 910  HOH A O   1 
HETATM 1059 O O   . HOH C 3 .   ? -12.975 3.786   -19.571 1.00 38.87  ? 911  HOH A O   1 
HETATM 1060 O O   . HOH C 3 .   ? 5.674   12.442  3.365   1.00 65.13  ? 913  HOH A O   1 
HETATM 1061 O O   . HOH C 3 .   ? 7.749   15.611  -0.066  1.00 22.91  ? 914  HOH A O   1 
HETATM 1062 O O   . HOH C 3 .   ? 8.343   7.390   6.273   1.00 23.43  ? 915  HOH A O   1 
HETATM 1063 O O   . HOH C 3 .   ? 14.852  -2.012  12.958  1.00 20.83  ? 916  HOH A O   1 
HETATM 1064 O O   . HOH C 3 .   ? 12.138  8.029   15.841  1.00 61.29  ? 917  HOH A O   1 
HETATM 1065 O O   . HOH C 3 .   ? -0.498  -1.657  17.178  1.00 42.05  ? 919  HOH A O   1 
HETATM 1066 O O   . HOH C 3 .   ? 4.969   9.488   9.696   1.00 81.44  ? 920  HOH A O   1 
HETATM 1067 O O   . HOH C 3 .   ? -2.711  -10.835 -5.986  1.00 70.85  ? 923  HOH A O   1 
HETATM 1068 O O   . HOH C 3 .   ? 3.116   -11.143 -11.767 1.00 42.63  ? 925  HOH A O   1 
HETATM 1069 O O   . HOH C 3 .   ? 9.404   -13.056 -4.708  1.00 45.20  ? 928  HOH A O   1 
HETATM 1070 O O   . HOH C 3 .   ? -0.204  0.722   -14.833 1.00 61.39  ? 932  HOH A O   1 
HETATM 1071 O O   . HOH C 3 .   ? 1.600   4.204   -12.056 1.00 47.94  ? 933  HOH A O   1 
HETATM 1072 O O   . HOH C 3 .   ? 0.564   -8.327  -14.706 1.00 72.92  ? 934  HOH A O   1 
HETATM 1073 O O   . HOH C 3 .   ? -7.384  -4.792  -18.372 1.00 38.58  ? 936  HOH A O   1 
HETATM 1074 O O   . HOH C 3 .   ? -12.665 -0.660  -17.681 1.00 34.55  ? 937  HOH A O   1 
HETATM 1075 O O   . HOH C 3 .   ? -9.912  -4.630  -18.111 1.00 42.59  ? 940  HOH A O   1 
HETATM 1076 O O   . HOH C 3 .   ? -13.496 -4.779  -19.329 1.00 65.20  ? 941  HOH A O   1 
HETATM 1077 O O   . HOH C 3 .   ? -19.809 -3.168  -7.418  1.00 60.02  ? 942  HOH A O   1 
HETATM 1078 O O   . HOH C 3 .   ? -20.485 -3.244  -11.715 1.00 61.02  ? 943  HOH A O   1 
HETATM 1079 O O   . HOH C 3 .   ? -15.001 -8.787  -17.719 1.00 77.16  ? 944  HOH A O   1 
HETATM 1080 O O   . HOH C 3 .   ? -13.736 -9.106  -14.834 1.00 42.27  ? 945  HOH A O   1 
HETATM 1081 O O   . HOH C 3 .   ? -20.044 7.558   -4.720  1.00 78.98  ? 950  HOH A O   1 
HETATM 1082 O O   . HOH C 3 .   ? -2.871  12.092  -2.585  1.00 40.59  ? 1100 HOH A O   1 
HETATM 1083 O O   . HOH C 3 .   ? -1.044  14.430  -3.011  1.00 45.96  ? 1101 HOH A O   1 
HETATM 1084 O O   . HOH C 3 .   ? 0.873   15.561  -5.241  1.00 76.15  ? 1102 HOH A O   1 
HETATM 1085 O O   . HOH C 3 .   ? -1.626  15.185  -6.563  1.00 46.63  ? 1103 HOH A O   1 
HETATM 1086 O O   . HOH C 3 .   ? 19.832  0.801   -5.431  1.00 61.46  ? 1104 HOH A O   1 
HETATM 1087 O O   . HOH C 3 .   ? 20.272  -2.728  -4.706  1.00 78.21  ? 1105 HOH A O   1 
HETATM 1088 O O   . HOH C 3 .   ? 12.194  7.524   -12.344 1.00 37.55  ? 1106 HOH A O   1 
HETATM 1089 O O   . HOH C 3 .   ? 13.889  6.924   -15.256 1.00 63.40  ? 1107 HOH A O   1 
HETATM 1090 O O   . HOH C 3 .   ? 11.831  -9.733  -3.052  1.00 57.43  ? 1108 HOH A O   1 
HETATM 1091 O O   . HOH C 3 .   ? -0.220  13.356  -8.626  1.00 33.89  ? 1109 HOH A O   1 
HETATM 1092 O O   . HOH C 3 .   ? 17.108  -3.918  14.185  1.00 46.63  ? 1110 HOH A O   1 
HETATM 1093 O O   . HOH C 3 .   ? 4.856   -15.304 0.307   1.00 44.31  ? 1111 HOH A O   1 
HETATM 1094 O O   . HOH C 3 .   ? -18.655 -1.328  -14.688 1.00 47.52  ? 1114 HOH A O   1 
HETATM 1095 O O   . HOH C 3 .   ? -8.812  18.328  -6.186  1.00 65.43  ? 1304 HOH A O   1 
HETATM 1096 O O   . HOH C 3 .   ? -4.547  15.053  -7.923  1.00 68.30  ? 1305 HOH A O   1 
HETATM 1097 O O   . HOH C 3 .   ? 13.780  -4.800  -12.344 1.00 65.47  ? 1306 HOH A O   1 
HETATM 1098 O O   . HOH C 3 .   ? -3.590  4.300   -14.472 1.00 60.31  ? 1307 HOH A O   1 
HETATM 1099 O O   . HOH C 3 .   ? 3.716   9.586   -10.955 1.00 63.76  ? 1308 HOH A O   1 
HETATM 1100 O O   . HOH C 3 .   ? 10.930  6.624   19.117  1.00 63.31  ? 1309 HOH A O   1 
HETATM 1101 O O   . HOH C 3 .   ? -11.967 -6.349  -16.254 1.00 66.20  ? 1310 HOH A O   1 
HETATM 1102 O O   . HOH C 3 .   ? 0.809   3.047   16.446  1.00 89.44  ? 1311 HOH A O   1 
HETATM 1103 O O   . HOH C 3 .   ? 8.113   7.141   16.581  1.00 51.42  ? 1312 HOH A O   1 
HETATM 1104 O O   . HOH C 3 .   ? -5.333  8.240   11.078  1.00 76.04  ? 1313 HOH A O   1 
HETATM 1105 O O   . HOH C 3 .   ? -7.552  3.665   13.106  1.00 57.38  ? 1314 HOH A O   1 
HETATM 1106 O O   . HOH C 3 .   ? -4.333  -5.601  -14.822 1.00 40.72  ? 1316 HOH A O   1 
HETATM 1107 O O   . HOH C 3 .   ? -20.224 -2.617  -4.451  1.00 74.22  ? 1317 HOH A O   1 
HETATM 1108 O O   . HOH C 3 .   ? -16.694 5.888   2.077   1.00 76.78  ? 1318 HOH A O   1 
HETATM 1109 O O   . HOH C 3 .   ? 13.776  -6.244  9.051   1.00 38.32  ? 1319 HOH A O   1 
HETATM 1110 O O   . HOH C 3 .   ? -6.578  -0.224  -19.260 1.00 74.88  ? 1320 HOH A O   1 
# 
